data_4PAS
# 
_entry.id   4PAS 
# 
_audit_conform.dict_name       mmcif_pdbx.dic 
_audit_conform.dict_version    5.383 
_audit_conform.dict_location   http://mmcif.pdb.org/dictionaries/ascii/mmcif_pdbx.dic 
# 
loop_
_database_2.database_id 
_database_2.database_code 
_database_2.pdbx_database_accession 
_database_2.pdbx_DOI 
PDB   4PAS         pdb_00004pas 10.2210/pdb4pas/pdb 
WWPDB D_1000201053 ?            ?                   
# 
loop_
_pdbx_audit_revision_history.ordinal 
_pdbx_audit_revision_history.data_content_type 
_pdbx_audit_revision_history.major_revision 
_pdbx_audit_revision_history.minor_revision 
_pdbx_audit_revision_history.revision_date 
1 'Structure model' 1 0 2014-05-07 
2 'Structure model' 1 1 2014-05-14 
3 'Structure model' 1 2 2014-07-16 
4 'Structure model' 1 3 2017-09-27 
5 'Structure model' 1 4 2019-12-25 
6 'Structure model' 1 5 2023-12-27 
# 
_pdbx_audit_revision_details.ordinal             1 
_pdbx_audit_revision_details.revision_ordinal    1 
_pdbx_audit_revision_details.data_content_type   'Structure model' 
_pdbx_audit_revision_details.provider            repository 
_pdbx_audit_revision_details.type                'Initial release' 
_pdbx_audit_revision_details.description         ? 
_pdbx_audit_revision_details.details             ? 
# 
loop_
_pdbx_audit_revision_group.ordinal 
_pdbx_audit_revision_group.revision_ordinal 
_pdbx_audit_revision_group.data_content_type 
_pdbx_audit_revision_group.group 
1  2 'Structure model' 'Database references'        
2  3 'Structure model' 'Database references'        
3  4 'Structure model' 'Author supporting evidence' 
4  4 'Structure model' 'Database references'        
5  4 'Structure model' 'Derived calculations'       
6  4 'Structure model' Other                        
7  4 'Structure model' 'Source and taxonomy'        
8  5 'Structure model' 'Author supporting evidence' 
9  6 'Structure model' 'Data collection'            
10 6 'Structure model' 'Database references'        
11 6 'Structure model' 'Refinement description'     
# 
loop_
_pdbx_audit_revision_category.ordinal 
_pdbx_audit_revision_category.revision_ordinal 
_pdbx_audit_revision_category.data_content_type 
_pdbx_audit_revision_category.category 
1  4 'Structure model' citation              
2  4 'Structure model' entity_src_gen        
3  4 'Structure model' pdbx_audit_support    
4  4 'Structure model' pdbx_database_status  
5  4 'Structure model' pdbx_struct_assembly  
6  4 'Structure model' pdbx_struct_oper_list 
7  5 'Structure model' pdbx_audit_support    
8  6 'Structure model' chem_comp_atom        
9  6 'Structure model' chem_comp_bond        
10 6 'Structure model' database_2            
11 6 'Structure model' refine_hist           
# 
loop_
_pdbx_audit_revision_item.ordinal 
_pdbx_audit_revision_item.revision_ordinal 
_pdbx_audit_revision_item.data_content_type 
_pdbx_audit_revision_item.item 
1  4 'Structure model' '_citation.journal_id_CSD'                    
2  4 'Structure model' '_entity_src_gen.pdbx_alt_source_flag'        
3  4 'Structure model' '_pdbx_audit_support.funding_organization'    
4  4 'Structure model' '_pdbx_database_status.pdb_format_compatible' 
5  4 'Structure model' '_pdbx_struct_assembly.oligomeric_details'    
6  4 'Structure model' '_pdbx_struct_oper_list.symmetry_operation'   
7  5 'Structure model' '_pdbx_audit_support.funding_organization'    
8  6 'Structure model' '_database_2.pdbx_DOI'                        
9  6 'Structure model' '_database_2.pdbx_database_accession'         
10 6 'Structure model' '_refine_hist.number_atoms_total'             
11 6 'Structure model' '_refine_hist.pdbx_number_atoms_nucleic_acid' 
12 6 'Structure model' '_refine_hist.pdbx_number_atoms_protein'      
# 
_pdbx_database_status.status_code                     REL 
_pdbx_database_status.status_code_sf                  REL 
_pdbx_database_status.status_code_mr                  . 
_pdbx_database_status.entry_id                        4PAS 
_pdbx_database_status.recvd_initial_deposition_date   2014-04-10 
_pdbx_database_status.SG_entry                        N 
_pdbx_database_status.deposit_site                    RCSB 
_pdbx_database_status.process_site                    RCSB 
_pdbx_database_status.status_code_cs                  . 
_pdbx_database_status.methods_development_category    . 
_pdbx_database_status.pdb_format_compatible           Y 
_pdbx_database_status.status_code_nmr_data            ? 
# 
loop_
_audit_author.name 
_audit_author.pdbx_ordinal 
'Burmakina, S.' 1 
'Geng, Y.'      2 
'Chen, Y.'      3 
'Fan, Q.R.'     4 
# 
_citation.abstract                  . 
_citation.abstract_id_CAS           . 
_citation.book_id_ISBN              . 
_citation.book_publisher            ? 
_citation.book_publisher_city       . 
_citation.book_title                . 
_citation.coordinate_linkage        . 
_citation.country                   US 
_citation.database_id_Medline       . 
_citation.details                   . 
_citation.id                        primary 
_citation.journal_abbrev            Proc.Natl.Acad.Sci.USA 
_citation.journal_id_ASTM           PNASA6 
_citation.journal_id_CSD            0040 
_citation.journal_id_ISSN           1091-6490 
_citation.journal_full              . 
_citation.journal_issue             . 
_citation.journal_volume            111 
_citation.language                  . 
_citation.page_first                6958 
_citation.page_last                 6963 
_citation.title                     'Heterodimeric coiled-coil interactions of human GABAB receptor.' 
_citation.year                      2014 
_citation.database_id_CSD           . 
_citation.pdbx_database_id_DOI      10.1073/pnas.1400081111 
_citation.pdbx_database_id_PubMed   24778228 
_citation.unpublished_flag          . 
# 
loop_
_citation_author.citation_id 
_citation_author.name 
_citation_author.ordinal 
_citation_author.identifier_ORCID 
primary 'Burmakina, S.' 1 ? 
primary 'Geng, Y.'      2 ? 
primary 'Chen, Y.'      3 ? 
primary 'Fan, Q.R.'     4 ? 
# 
loop_
_entity.id 
_entity.type 
_entity.src_method 
_entity.pdbx_description 
_entity.formula_weight 
_entity.pdbx_number_of_molecules 
_entity.pdbx_ec 
_entity.pdbx_mutation 
_entity.pdbx_fragment 
_entity.details 
1 polymer man 'Gamma-aminobutyric acid type B receptor subunit 1' 5003.499 1  ? ? 'UNP residues 762-802' ? 
2 polymer man 'Gamma-aminobutyric acid type B receptor subunit 2' 4732.224 1  ? ? 'UNP residues 779-819' ? 
3 water   nat water                                               18.015   75 ? ? ?                      ? 
# 
loop_
_entity_name_com.entity_id 
_entity_name_com.name 
1 Gb1                                      
2 'Gb2,G-protein coupled receptor 51,HG20' 
# 
loop_
_entity_poly.entity_id 
_entity_poly.type 
_entity_poly.nstd_linkage 
_entity_poly.nstd_monomer 
_entity_poly.pdbx_seq_one_letter_code 
_entity_poly.pdbx_seq_one_letter_code_can 
_entity_poly.pdbx_strand_id 
_entity_poly.pdbx_target_identifier 
1 'polypeptide(L)' no no STNNNEEEKSRLLEKENRELEKIIAEKEERVSELRHQLQSR STNNNEEEKSRLLEKENRELEKIIAEKEERVSELRHQLQSR A ? 
2 'polypeptide(L)' no no SVNQASTSRLEGLQSENHHLRMKITELDKDLEEVTMQLQDT SVNQASTSRLEGLQSENHHLRMKITELDKDLEEVTMQLQDT B ? 
# 
_pdbx_entity_nonpoly.entity_id   3 
_pdbx_entity_nonpoly.name        water 
_pdbx_entity_nonpoly.comp_id     HOH 
# 
loop_
_entity_poly_seq.entity_id 
_entity_poly_seq.num 
_entity_poly_seq.mon_id 
_entity_poly_seq.hetero 
1 1  SER n 
1 2  THR n 
1 3  ASN n 
1 4  ASN n 
1 5  ASN n 
1 6  GLU n 
1 7  GLU n 
1 8  GLU n 
1 9  LYS n 
1 10 SER n 
1 11 ARG n 
1 12 LEU n 
1 13 LEU n 
1 14 GLU n 
1 15 LYS n 
1 16 GLU n 
1 17 ASN n 
1 18 ARG n 
1 19 GLU n 
1 20 LEU n 
1 21 GLU n 
1 22 LYS n 
1 23 ILE n 
1 24 ILE n 
1 25 ALA n 
1 26 GLU n 
1 27 LYS n 
1 28 GLU n 
1 29 GLU n 
1 30 ARG n 
1 31 VAL n 
1 32 SER n 
1 33 GLU n 
1 34 LEU n 
1 35 ARG n 
1 36 HIS n 
1 37 GLN n 
1 38 LEU n 
1 39 GLN n 
1 40 SER n 
1 41 ARG n 
2 1  SER n 
2 2  VAL n 
2 3  ASN n 
2 4  GLN n 
2 5  ALA n 
2 6  SER n 
2 7  THR n 
2 8  SER n 
2 9  ARG n 
2 10 LEU n 
2 11 GLU n 
2 12 GLY n 
2 13 LEU n 
2 14 GLN n 
2 15 SER n 
2 16 GLU n 
2 17 ASN n 
2 18 HIS n 
2 19 HIS n 
2 20 LEU n 
2 21 ARG n 
2 22 MET n 
2 23 LYS n 
2 24 ILE n 
2 25 THR n 
2 26 GLU n 
2 27 LEU n 
2 28 ASP n 
2 29 LYS n 
2 30 ASP n 
2 31 LEU n 
2 32 GLU n 
2 33 GLU n 
2 34 VAL n 
2 35 THR n 
2 36 MET n 
2 37 GLN n 
2 38 LEU n 
2 39 GLN n 
2 40 ASP n 
2 41 THR n 
# 
loop_
_entity_src_gen.entity_id 
_entity_src_gen.pdbx_src_id 
_entity_src_gen.pdbx_alt_source_flag 
_entity_src_gen.pdbx_seq_type 
_entity_src_gen.pdbx_beg_seq_num 
_entity_src_gen.pdbx_end_seq_num 
_entity_src_gen.gene_src_common_name 
_entity_src_gen.gene_src_genus 
_entity_src_gen.pdbx_gene_src_gene 
_entity_src_gen.gene_src_species 
_entity_src_gen.gene_src_strain 
_entity_src_gen.gene_src_tissue 
_entity_src_gen.gene_src_tissue_fraction 
_entity_src_gen.gene_src_details 
_entity_src_gen.pdbx_gene_src_fragment 
_entity_src_gen.pdbx_gene_src_scientific_name 
_entity_src_gen.pdbx_gene_src_ncbi_taxonomy_id 
_entity_src_gen.pdbx_gene_src_variant 
_entity_src_gen.pdbx_gene_src_cell_line 
_entity_src_gen.pdbx_gene_src_atcc 
_entity_src_gen.pdbx_gene_src_organ 
_entity_src_gen.pdbx_gene_src_organelle 
_entity_src_gen.pdbx_gene_src_cell 
_entity_src_gen.pdbx_gene_src_cellular_location 
_entity_src_gen.host_org_common_name 
_entity_src_gen.pdbx_host_org_scientific_name 
_entity_src_gen.pdbx_host_org_ncbi_taxonomy_id 
_entity_src_gen.host_org_genus 
_entity_src_gen.pdbx_host_org_gene 
_entity_src_gen.pdbx_host_org_organ 
_entity_src_gen.host_org_species 
_entity_src_gen.pdbx_host_org_tissue 
_entity_src_gen.pdbx_host_org_tissue_fraction 
_entity_src_gen.pdbx_host_org_strain 
_entity_src_gen.pdbx_host_org_variant 
_entity_src_gen.pdbx_host_org_cell_line 
_entity_src_gen.pdbx_host_org_atcc 
_entity_src_gen.pdbx_host_org_culture_collection 
_entity_src_gen.pdbx_host_org_cell 
_entity_src_gen.pdbx_host_org_organelle 
_entity_src_gen.pdbx_host_org_cellular_location 
_entity_src_gen.pdbx_host_org_vector_type 
_entity_src_gen.pdbx_host_org_vector 
_entity_src_gen.host_org_details 
_entity_src_gen.expression_system_id 
_entity_src_gen.plasmid_name 
_entity_src_gen.plasmid_details 
_entity_src_gen.pdbx_description 
1 1 sample 'Biological sequence' 1 41 Human ? 'GABBR1, GPRC3A'        ? ? ? ? ? ? 'Homo sapiens' 9606 ? ? ? ? ? ? ? ? 
'Escherichia coli' 562 ? ? ? ? ? ? 'BL21 DE3 RIL' ? ? ? ? ? ? ? plasmid ? ? ? pSMT3 ? ? 
2 1 sample 'Biological sequence' 1 41 Human ? 'GABBR2, GPR51, GPRC3B' ? ? ? ? ? ? 'Homo sapiens' 9606 ? ? ? ? ? ? ? ? 
'Escherichia coli' 562 ? ? ? ? ? ? 'BL21 DE3 RIL' ? ? ? ? ? ? ? plasmid ? ? ? pSMT3 ? ? 
# 
loop_
_chem_comp.id 
_chem_comp.type 
_chem_comp.mon_nstd_flag 
_chem_comp.name 
_chem_comp.pdbx_synonyms 
_chem_comp.formula 
_chem_comp.formula_weight 
ALA 'L-peptide linking' y ALANINE         ? 'C3 H7 N O2'     89.093  
ARG 'L-peptide linking' y ARGININE        ? 'C6 H15 N4 O2 1' 175.209 
ASN 'L-peptide linking' y ASPARAGINE      ? 'C4 H8 N2 O3'    132.118 
ASP 'L-peptide linking' y 'ASPARTIC ACID' ? 'C4 H7 N O4'     133.103 
GLN 'L-peptide linking' y GLUTAMINE       ? 'C5 H10 N2 O3'   146.144 
GLU 'L-peptide linking' y 'GLUTAMIC ACID' ? 'C5 H9 N O4'     147.129 
GLY 'peptide linking'   y GLYCINE         ? 'C2 H5 N O2'     75.067  
HIS 'L-peptide linking' y HISTIDINE       ? 'C6 H10 N3 O2 1' 156.162 
HOH non-polymer         . WATER           ? 'H2 O'           18.015  
ILE 'L-peptide linking' y ISOLEUCINE      ? 'C6 H13 N O2'    131.173 
LEU 'L-peptide linking' y LEUCINE         ? 'C6 H13 N O2'    131.173 
LYS 'L-peptide linking' y LYSINE          ? 'C6 H15 N2 O2 1' 147.195 
MET 'L-peptide linking' y METHIONINE      ? 'C5 H11 N O2 S'  149.211 
SER 'L-peptide linking' y SERINE          ? 'C3 H7 N O3'     105.093 
THR 'L-peptide linking' y THREONINE       ? 'C4 H9 N O3'     119.119 
VAL 'L-peptide linking' y VALINE          ? 'C5 H11 N O2'    117.146 
# 
loop_
_pdbx_poly_seq_scheme.asym_id 
_pdbx_poly_seq_scheme.entity_id 
_pdbx_poly_seq_scheme.seq_id 
_pdbx_poly_seq_scheme.mon_id 
_pdbx_poly_seq_scheme.ndb_seq_num 
_pdbx_poly_seq_scheme.pdb_seq_num 
_pdbx_poly_seq_scheme.auth_seq_num 
_pdbx_poly_seq_scheme.pdb_mon_id 
_pdbx_poly_seq_scheme.auth_mon_id 
_pdbx_poly_seq_scheme.pdb_strand_id 
_pdbx_poly_seq_scheme.pdb_ins_code 
_pdbx_poly_seq_scheme.hetero 
A 1 1  SER 1  762 ?   ?   ?   A . n 
A 1 2  THR 2  763 ?   ?   ?   A . n 
A 1 3  ASN 3  764 ?   ?   ?   A . n 
A 1 4  ASN 4  765 ?   ?   ?   A . n 
A 1 5  ASN 5  766 ?   ?   ?   A . n 
A 1 6  GLU 6  767 767 GLU GLU A . n 
A 1 7  GLU 7  768 768 GLU GLU A . n 
A 1 8  GLU 8  769 769 GLU GLU A . n 
A 1 9  LYS 9  770 770 LYS LYS A . n 
A 1 10 SER 10 771 771 SER SER A . n 
A 1 11 ARG 11 772 772 ARG ARG A . n 
A 1 12 LEU 12 773 773 LEU LEU A . n 
A 1 13 LEU 13 774 774 LEU LEU A . n 
A 1 14 GLU 14 775 775 GLU GLU A . n 
A 1 15 LYS 15 776 776 LYS LYS A . n 
A 1 16 GLU 16 777 777 GLU GLU A . n 
A 1 17 ASN 17 778 778 ASN ASN A . n 
A 1 18 ARG 18 779 779 ARG ARG A . n 
A 1 19 GLU 19 780 780 GLU GLU A . n 
A 1 20 LEU 20 781 781 LEU LEU A . n 
A 1 21 GLU 21 782 782 GLU GLU A . n 
A 1 22 LYS 22 783 783 LYS LYS A . n 
A 1 23 ILE 23 784 784 ILE ILE A . n 
A 1 24 ILE 24 785 785 ILE ILE A . n 
A 1 25 ALA 25 786 786 ALA ALA A . n 
A 1 26 GLU 26 787 787 GLU GLU A . n 
A 1 27 LYS 27 788 788 LYS LYS A . n 
A 1 28 GLU 28 789 789 GLU GLU A . n 
A 1 29 GLU 29 790 790 GLU GLU A . n 
A 1 30 ARG 30 791 791 ARG ARG A . n 
A 1 31 VAL 31 792 792 VAL VAL A . n 
A 1 32 SER 32 793 793 SER SER A . n 
A 1 33 GLU 33 794 794 GLU GLU A . n 
A 1 34 LEU 34 795 795 LEU LEU A . n 
A 1 35 ARG 35 796 796 ARG ARG A . n 
A 1 36 HIS 36 797 797 HIS HIS A . n 
A 1 37 GLN 37 798 798 GLN GLN A . n 
A 1 38 LEU 38 799 799 LEU LEU A . n 
A 1 39 GLN 39 800 800 GLN GLN A . n 
A 1 40 SER 40 801 801 SER SER A . n 
A 1 41 ARG 41 802 ?   ?   ?   A . n 
B 2 1  SER 1  779 779 SER SER B . n 
B 2 2  VAL 2  780 780 VAL VAL B . n 
B 2 3  ASN 3  781 781 ASN ASN B . n 
B 2 4  GLN 4  782 782 GLN GLN B . n 
B 2 5  ALA 5  783 783 ALA ALA B . n 
B 2 6  SER 6  784 784 SER SER B . n 
B 2 7  THR 7  785 785 THR THR B . n 
B 2 8  SER 8  786 786 SER SER B . n 
B 2 9  ARG 9  787 787 ARG ARG B . n 
B 2 10 LEU 10 788 788 LEU LEU B . n 
B 2 11 GLU 11 789 789 GLU GLU B . n 
B 2 12 GLY 12 790 790 GLY GLY B . n 
B 2 13 LEU 13 791 791 LEU LEU B . n 
B 2 14 GLN 14 792 792 GLN GLN B . n 
B 2 15 SER 15 793 793 SER SER B . n 
B 2 16 GLU 16 794 794 GLU GLU B . n 
B 2 17 ASN 17 795 795 ASN ASN B . n 
B 2 18 HIS 18 796 796 HIS HIS B . n 
B 2 19 HIS 19 797 797 HIS HIS B . n 
B 2 20 LEU 20 798 798 LEU LEU B . n 
B 2 21 ARG 21 799 799 ARG ARG B . n 
B 2 22 MET 22 800 800 MET MET B . n 
B 2 23 LYS 23 801 801 LYS LYS B . n 
B 2 24 ILE 24 802 802 ILE ILE B . n 
B 2 25 THR 25 803 803 THR THR B . n 
B 2 26 GLU 26 804 804 GLU GLU B . n 
B 2 27 LEU 27 805 805 LEU LEU B . n 
B 2 28 ASP 28 806 806 ASP ASP B . n 
B 2 29 LYS 29 807 807 LYS LYS B . n 
B 2 30 ASP 30 808 808 ASP ASP B . n 
B 2 31 LEU 31 809 809 LEU LEU B . n 
B 2 32 GLU 32 810 810 GLU GLU B . n 
B 2 33 GLU 33 811 811 GLU GLU B . n 
B 2 34 VAL 34 812 812 VAL VAL B . n 
B 2 35 THR 35 813 813 THR THR B . n 
B 2 36 MET 36 814 814 MET MET B . n 
B 2 37 GLN 37 815 815 GLN GLN B . n 
B 2 38 LEU 38 816 816 LEU LEU B . n 
B 2 39 GLN 39 817 817 GLN GLN B . n 
B 2 40 ASP 40 818 ?   ?   ?   B . n 
B 2 41 THR 41 819 ?   ?   ?   B . n 
# 
loop_
_pdbx_nonpoly_scheme.asym_id 
_pdbx_nonpoly_scheme.entity_id 
_pdbx_nonpoly_scheme.mon_id 
_pdbx_nonpoly_scheme.ndb_seq_num 
_pdbx_nonpoly_scheme.pdb_seq_num 
_pdbx_nonpoly_scheme.auth_seq_num 
_pdbx_nonpoly_scheme.pdb_mon_id 
_pdbx_nonpoly_scheme.auth_mon_id 
_pdbx_nonpoly_scheme.pdb_strand_id 
_pdbx_nonpoly_scheme.pdb_ins_code 
C 3 HOH 1  901 61 HOH HOH A . 
C 3 HOH 2  902 16 HOH HOH A . 
C 3 HOH 3  903 21 HOH HOH A . 
C 3 HOH 4  904 58 HOH HOH A . 
C 3 HOH 5  905 27 HOH HOH A . 
C 3 HOH 6  906 35 HOH HOH A . 
C 3 HOH 7  907 14 HOH HOH A . 
C 3 HOH 8  908 74 HOH HOH A . 
C 3 HOH 9  909 37 HOH HOH A . 
C 3 HOH 10 910 3  HOH HOH A . 
C 3 HOH 11 911 71 HOH HOH A . 
C 3 HOH 12 912 51 HOH HOH A . 
C 3 HOH 13 913 4  HOH HOH A . 
C 3 HOH 14 914 36 HOH HOH A . 
C 3 HOH 15 915 1  HOH HOH A . 
C 3 HOH 16 916 7  HOH HOH A . 
C 3 HOH 17 917 41 HOH HOH A . 
C 3 HOH 18 918 59 HOH HOH A . 
C 3 HOH 19 919 18 HOH HOH A . 
C 3 HOH 20 920 40 HOH HOH A . 
C 3 HOH 21 921 38 HOH HOH A . 
C 3 HOH 22 922 43 HOH HOH A . 
C 3 HOH 23 923 55 HOH HOH A . 
C 3 HOH 24 924 62 HOH HOH A . 
C 3 HOH 25 925 63 HOH HOH A . 
C 3 HOH 26 926 9  HOH HOH A . 
C 3 HOH 27 927 53 HOH HOH A . 
C 3 HOH 28 928 54 HOH HOH A . 
C 3 HOH 29 929 50 HOH HOH A . 
C 3 HOH 30 930 17 HOH HOH A . 
C 3 HOH 31 931 23 HOH HOH A . 
C 3 HOH 32 932 32 HOH HOH A . 
C 3 HOH 33 933 47 HOH HOH A . 
C 3 HOH 34 934 64 HOH HOH A . 
C 3 HOH 35 935 65 HOH HOH A . 
C 3 HOH 36 936 66 HOH HOH A . 
D 3 HOH 1  901 68 HOH HOH B . 
D 3 HOH 2  902 11 HOH HOH B . 
D 3 HOH 3  903 44 HOH HOH B . 
D 3 HOH 4  904 70 HOH HOH B . 
D 3 HOH 5  905 33 HOH HOH B . 
D 3 HOH 6  906 20 HOH HOH B . 
D 3 HOH 7  907 60 HOH HOH B . 
D 3 HOH 8  908 19 HOH HOH B . 
D 3 HOH 9  909 57 HOH HOH B . 
D 3 HOH 10 910 12 HOH HOH B . 
D 3 HOH 11 911 39 HOH HOH B . 
D 3 HOH 12 912 42 HOH HOH B . 
D 3 HOH 13 913 29 HOH HOH B . 
D 3 HOH 14 914 8  HOH HOH B . 
D 3 HOH 15 915 22 HOH HOH B . 
D 3 HOH 16 916 5  HOH HOH B . 
D 3 HOH 17 917 24 HOH HOH B . 
D 3 HOH 18 918 67 HOH HOH B . 
D 3 HOH 19 919 28 HOH HOH B . 
D 3 HOH 20 920 31 HOH HOH B . 
D 3 HOH 21 921 45 HOH HOH B . 
D 3 HOH 22 922 6  HOH HOH B . 
D 3 HOH 23 923 34 HOH HOH B . 
D 3 HOH 24 924 30 HOH HOH B . 
D 3 HOH 25 925 10 HOH HOH B . 
D 3 HOH 26 926 26 HOH HOH B . 
D 3 HOH 27 927 2  HOH HOH B . 
D 3 HOH 28 928 72 HOH HOH B . 
D 3 HOH 29 929 13 HOH HOH B . 
D 3 HOH 30 930 69 HOH HOH B . 
D 3 HOH 31 931 15 HOH HOH B . 
D 3 HOH 32 932 75 HOH HOH B . 
D 3 HOH 33 933 46 HOH HOH B . 
D 3 HOH 34 934 48 HOH HOH B . 
D 3 HOH 35 935 49 HOH HOH B . 
D 3 HOH 36 936 56 HOH HOH B . 
D 3 HOH 37 937 73 HOH HOH B . 
D 3 HOH 38 938 25 HOH HOH B . 
D 3 HOH 39 939 52 HOH HOH B . 
# 
loop_
_software.citation_id 
_software.classification 
_software.compiler_name 
_software.compiler_version 
_software.contact_author 
_software.contact_author_email 
_software.date 
_software.description 
_software.dependencies 
_software.hardware 
_software.language 
_software.location 
_software.mods 
_software.name 
_software.os 
_software.os_version 
_software.type 
_software.version 
_software.pdbx_ordinal 
? 'data reduction'  . . . . . . . . . . . HKL-2000    . . . .        1 
? refinement        . . . . . . . . . . . REFMAC      . . . 5.4.0066 2 
? 'data extraction' . . . . . . . . . . . PDB_EXTRACT . . . 3.14     3 
# 
_cell.length_a           46.721 
_cell.length_b           54.654 
_cell.length_c           55.347 
_cell.angle_alpha        90.000 
_cell.angle_beta         90.000 
_cell.angle_gamma        90.000 
_cell.entry_id           4PAS 
_cell.Z_PDB              8 
_cell.pdbx_unique_axis   ? 
# 
_symmetry.entry_id                         4PAS 
_symmetry.cell_setting                     . 
_symmetry.Int_Tables_number                20 
_symmetry.space_group_name_Hall            . 
_symmetry.space_group_name_H-M             'C 2 2 21' 
_symmetry.pdbx_full_space_group_name_H-M   . 
# 
_exptl.absorpt_coefficient_mu     . 
_exptl.absorpt_correction_T_max   . 
_exptl.absorpt_correction_T_min   . 
_exptl.absorpt_correction_type    . 
_exptl.absorpt_process_details    . 
_exptl.entry_id                   4PAS 
_exptl.crystals_number            1 
_exptl.details                    . 
_exptl.method                     'X-RAY DIFFRACTION' 
_exptl.method_details             . 
# 
_exptl_crystal.colour                      . 
_exptl_crystal.density_diffrn              . 
_exptl_crystal.density_Matthews            1.81 
_exptl_crystal.density_method              . 
_exptl_crystal.density_percent_sol         32.21 
_exptl_crystal.description                 . 
_exptl_crystal.F_000                       . 
_exptl_crystal.id                          1 
_exptl_crystal.preparation                 . 
_exptl_crystal.size_max                    . 
_exptl_crystal.size_mid                    . 
_exptl_crystal.size_min                    . 
_exptl_crystal.size_rad                    . 
_exptl_crystal.colour_lustre               . 
_exptl_crystal.colour_modifier             . 
_exptl_crystal.colour_primary              . 
_exptl_crystal.density_meas                . 
_exptl_crystal.density_meas_esd            . 
_exptl_crystal.density_meas_gt             . 
_exptl_crystal.density_meas_lt             . 
_exptl_crystal.density_meas_temp           . 
_exptl_crystal.density_meas_temp_esd       . 
_exptl_crystal.density_meas_temp_gt        . 
_exptl_crystal.density_meas_temp_lt        . 
_exptl_crystal.pdbx_crystal_image_url      . 
_exptl_crystal.pdbx_crystal_image_format   . 
_exptl_crystal.pdbx_mosaicity              . 
_exptl_crystal.pdbx_mosaicity_esd          . 
# 
_exptl_crystal_grow.apparatus       . 
_exptl_crystal_grow.atmosphere      . 
_exptl_crystal_grow.crystal_id      1 
_exptl_crystal_grow.details         . 
_exptl_crystal_grow.method          'VAPOR DIFFUSION, HANGING DROP' 
_exptl_crystal_grow.method_ref      . 
_exptl_crystal_grow.pH              9.0 
_exptl_crystal_grow.pressure        . 
_exptl_crystal_grow.pressure_esd    . 
_exptl_crystal_grow.seeding         . 
_exptl_crystal_grow.seeding_ref     . 
_exptl_crystal_grow.temp            293 
_exptl_crystal_grow.temp_details    . 
_exptl_crystal_grow.temp_esd        . 
_exptl_crystal_grow.time            . 
_exptl_crystal_grow.pdbx_details    '3.0M ammonium sulphate, 0.1M bicine, pH9.0' 
_exptl_crystal_grow.pdbx_pH_range   . 
# 
_diffrn.ambient_environment    . 
_diffrn.ambient_temp           100 
_diffrn.ambient_temp_details   . 
_diffrn.ambient_temp_esd       . 
_diffrn.crystal_id             1 
_diffrn.crystal_support        . 
_diffrn.crystal_treatment      . 
_diffrn.details                . 
_diffrn.id                     1 
_diffrn.ambient_pressure       . 
_diffrn.ambient_pressure_esd   . 
_diffrn.ambient_pressure_gt    . 
_diffrn.ambient_pressure_lt    . 
_diffrn.ambient_temp_gt        . 
_diffrn.ambient_temp_lt        . 
# 
_diffrn_detector.details                      . 
_diffrn_detector.detector                     CCD 
_diffrn_detector.diffrn_id                    1 
_diffrn_detector.type                         'ADSC QUANTUM 4' 
_diffrn_detector.area_resol_mean              . 
_diffrn_detector.dtime                        . 
_diffrn_detector.pdbx_frames_total            . 
_diffrn_detector.pdbx_collection_time_total   . 
_diffrn_detector.pdbx_collection_date         2008-08-11 
# 
_diffrn_radiation.collimation                      . 
_diffrn_radiation.diffrn_id                        1 
_diffrn_radiation.filter_edge                      . 
_diffrn_radiation.inhomogeneity                    . 
_diffrn_radiation.monochromator                    'KOHZU double crystal' 
_diffrn_radiation.polarisn_norm                    . 
_diffrn_radiation.polarisn_ratio                   . 
_diffrn_radiation.probe                            . 
_diffrn_radiation.type                             . 
_diffrn_radiation.xray_symbol                      . 
_diffrn_radiation.wavelength_id                    1 
_diffrn_radiation.pdbx_monochromatic_or_laue_m_l   M 
_diffrn_radiation.pdbx_wavelength_list             . 
_diffrn_radiation.pdbx_wavelength                  . 
_diffrn_radiation.pdbx_diffrn_protocol             MAD 
_diffrn_radiation.pdbx_analyzer                    . 
_diffrn_radiation.pdbx_scattering_type             x-ray 
# 
loop_
_diffrn_radiation_wavelength.id 
_diffrn_radiation_wavelength.wavelength 
_diffrn_radiation_wavelength.wt 
1 0.97898 1.0 
2 0.97934 1.0 
3 0.96863 1.0 
# 
_diffrn_source.current                     . 
_diffrn_source.details                     . 
_diffrn_source.diffrn_id                   1 
_diffrn_source.power                       . 
_diffrn_source.size                        . 
_diffrn_source.source                      SYNCHROTRON 
_diffrn_source.target                      . 
_diffrn_source.type                        'NSLS BEAMLINE X4A' 
_diffrn_source.voltage                     . 
_diffrn_source.take-off_angle              . 
_diffrn_source.pdbx_wavelength_list        0.97898,0.97934,0.96863 
_diffrn_source.pdbx_wavelength             . 
_diffrn_source.pdbx_synchrotron_beamline   X4A 
_diffrn_source.pdbx_synchrotron_site       NSLS 
# 
_reflns.B_iso_Wilson_estimate            . 
_reflns.entry_id                         4PAS 
_reflns.data_reduction_details           . 
_reflns.data_reduction_method            . 
_reflns.d_resolution_high                1.620 
_reflns.d_resolution_low                 50.000 
_reflns.details                          . 
_reflns.limit_h_max                      . 
_reflns.limit_h_min                      . 
_reflns.limit_k_max                      . 
_reflns.limit_k_min                      . 
_reflns.limit_l_max                      . 
_reflns.limit_l_min                      . 
_reflns.number_all                       8951 
_reflns.number_obs                       8951 
_reflns.observed_criterion               . 
_reflns.observed_criterion_F_max         . 
_reflns.observed_criterion_F_min         . 
_reflns.observed_criterion_I_max         . 
_reflns.observed_criterion_I_min         . 
_reflns.observed_criterion_sigma_F       0.0 
_reflns.observed_criterion_sigma_I       0.0 
_reflns.percent_possible_obs             95.800 
_reflns.R_free_details                   . 
_reflns.Rmerge_F_all                     . 
_reflns.Rmerge_F_obs                     . 
_reflns.Friedel_coverage                 . 
_reflns.number_gt                        . 
_reflns.threshold_expression             . 
_reflns.pdbx_redundancy                  6.000 
_reflns.pdbx_Rmerge_I_obs                0.036 
_reflns.pdbx_Rmerge_I_all                . 
_reflns.pdbx_Rsym_value                  0.036 
_reflns.pdbx_netI_over_av_sigmaI         50.758 
_reflns.pdbx_netI_over_sigmaI            43.800 
_reflns.pdbx_res_netI_over_av_sigmaI_2   . 
_reflns.pdbx_res_netI_over_sigmaI_2      . 
_reflns.pdbx_chi_squared                 1.398 
_reflns.pdbx_scaling_rejects             . 
_reflns.pdbx_d_res_high_opt              . 
_reflns.pdbx_d_res_low_opt               . 
_reflns.pdbx_d_res_opt_method            . 
_reflns.phase_calculation_details        . 
_reflns.pdbx_Rrim_I_all                  . 
_reflns.pdbx_Rpim_I_all                  . 
_reflns.pdbx_d_opt                       . 
_reflns.pdbx_number_measured_all         53628 
_reflns.pdbx_diffrn_id                   1 
_reflns.pdbx_ordinal                     1 
# 
loop_
_reflns_shell.d_res_high 
_reflns_shell.d_res_low 
_reflns_shell.meanI_over_sigI_all 
_reflns_shell.meanI_over_sigI_obs 
_reflns_shell.number_measured_all 
_reflns_shell.number_measured_obs 
_reflns_shell.number_possible 
_reflns_shell.number_unique_all 
_reflns_shell.number_unique_obs 
_reflns_shell.percent_possible_all 
_reflns_shell.percent_possible_obs 
_reflns_shell.Rmerge_F_all 
_reflns_shell.Rmerge_F_obs 
_reflns_shell.Rmerge_I_all 
_reflns_shell.Rmerge_I_obs 
_reflns_shell.meanI_over_sigI_gt 
_reflns_shell.meanI_over_uI_all 
_reflns_shell.meanI_over_uI_gt 
_reflns_shell.number_measured_gt 
_reflns_shell.number_unique_gt 
_reflns_shell.percent_possible_gt 
_reflns_shell.Rmerge_F_gt 
_reflns_shell.Rmerge_I_gt 
_reflns_shell.pdbx_redundancy 
_reflns_shell.pdbx_Rsym_value 
_reflns_shell.pdbx_chi_squared 
_reflns_shell.pdbx_netI_over_sigmaI_all 
_reflns_shell.pdbx_netI_over_sigmaI_obs 
_reflns_shell.pdbx_Rrim_I_all 
_reflns_shell.pdbx_Rpim_I_all 
_reflns_shell.pdbx_rejects 
_reflns_shell.pdbx_ordinal 
_reflns_shell.pdbx_diffrn_id 
1.620 1.680  . 17.79 . . . 694 . 76.300  . . . . 0.055 . . . . . . . . 2.900 . 1.121 . . . . 0 1  1 
1.680 1.750  . .     . . . 833 . 91.100  . . . . 0.058 . . . . . . . . 3.400 . 1.206 . . . . 0 2  1 
1.750 1.820  . .     . . . 906 . 98.300  . . . . 0.050 . . . . . . . . 4.200 . 1.274 . . . . 0 3  1 
1.820 1.920  . .     . . . 912 . 100.000 . . . . 0.053 . . . . . . . . 6.200 . 1.491 . . . . 0 4  1 
1.920 2.040  . .     . . . 921 . 100.000 . . . . 0.046 . . . . . . . . 7.200 . 1.391 . . . . 0 5  1 
2.040 2.200  . .     . . . 936 . 100.000 . . . . 0.038 . . . . . . . . 7.200 . 1.521 . . . . 0 6  1 
2.200 2.420  . .     . . . 931 . 100.000 . . . . 0.034 . . . . . . . . 7.200 . 1.419 . . . . 0 7  1 
2.420 2.770  . .     . . . 946 . 100.000 . . . . 0.034 . . . . . . . . 7.200 . 1.368 . . . . 0 8  1 
2.770 3.490  . .     . . . 939 . 99.600  . . . . 0.034 . . . . . . . . 7.000 . 1.355 . . . . 0 9  1 
3.490 50.000 . .     . . . 933 . 92.700  . . . . 0.035 . . . . . . . . 6.300 . 1.457 . . . . 0 10 1 
# 
_refine.aniso_B[1][1]                            0.2600 
_refine.aniso_B[1][2]                            0.0000 
_refine.aniso_B[1][3]                            0.0000 
_refine.aniso_B[2][2]                            0.1000 
_refine.aniso_B[2][3]                            0.0000 
_refine.aniso_B[3][3]                            -0.3700 
_refine.B_iso_max                                47.550 
_refine.B_iso_mean                               14.4070 
_refine.B_iso_min                                2.490 
_refine.correlation_coeff_Fo_to_Fc               0.9390 
_refine.correlation_coeff_Fo_to_Fc_free          0.9320 
_refine.details                                  . 
_refine.diff_density_max                         . 
_refine.diff_density_max_esd                     . 
_refine.diff_density_min                         . 
_refine.diff_density_min_esd                     . 
_refine.diff_density_rms                         . 
_refine.diff_density_rms_esd                     . 
_refine.entry_id                                 4PAS 
_refine.pdbx_refine_id                           'X-RAY DIFFRACTION' 
_refine.ls_abs_structure_details                 . 
_refine.ls_abs_structure_Flack                   . 
_refine.ls_abs_structure_Flack_esd               . 
_refine.ls_abs_structure_Rogers                  . 
_refine.ls_abs_structure_Rogers_esd              . 
_refine.ls_d_res_high                            1.6200 
_refine.ls_d_res_low                             35.5100 
_refine.ls_extinction_coef                       . 
_refine.ls_extinction_coef_esd                   . 
_refine.ls_extinction_expression                 . 
_refine.ls_extinction_method                     . 
_refine.ls_goodness_of_fit_all                   . 
_refine.ls_goodness_of_fit_all_esd               . 
_refine.ls_goodness_of_fit_obs                   . 
_refine.ls_goodness_of_fit_obs_esd               . 
_refine.ls_hydrogen_treatment                    . 
_refine.ls_matrix_type                           . 
_refine.ls_number_constraints                    . 
_refine.ls_number_parameters                     . 
_refine.ls_number_reflns_all                     . 
_refine.ls_number_reflns_obs                     8926 
_refine.ls_number_reflns_R_free                  471 
_refine.ls_number_reflns_R_work                  8455 
_refine.ls_number_restraints                     . 
_refine.ls_percent_reflns_obs                    95.8800 
_refine.ls_percent_reflns_R_free                 5.3000 
_refine.ls_R_factor_all                          . 
_refine.ls_R_factor_obs                          0.1938 
_refine.ls_R_factor_R_free                       0.2171 
_refine.ls_R_factor_R_free_error                 . 
_refine.ls_R_factor_R_free_error_details         . 
_refine.ls_R_factor_R_work                       0.1925 
_refine.ls_R_Fsqd_factor_obs                     . 
_refine.ls_R_I_factor_obs                        . 
_refine.ls_redundancy_reflns_all                 . 
_refine.ls_redundancy_reflns_obs                 . 
_refine.ls_restrained_S_all                      . 
_refine.ls_restrained_S_obs                      . 
_refine.ls_shift_over_esd_max                    . 
_refine.ls_shift_over_esd_mean                   . 
_refine.ls_structure_factor_coef                 . 
_refine.ls_weighting_details                     . 
_refine.ls_weighting_scheme                      . 
_refine.ls_wR_factor_all                         . 
_refine.ls_wR_factor_obs                         . 
_refine.ls_wR_factor_R_free                      . 
_refine.ls_wR_factor_R_work                      . 
_refine.occupancy_max                            . 
_refine.occupancy_min                            . 
_refine.overall_SU_B                             3.1570 
_refine.overall_SU_ML                            0.0560 
_refine.overall_SU_R_Cruickshank_DPI             . 
_refine.overall_SU_R_free                        . 
_refine.overall_FOM_free_R_set                   . 
_refine.overall_FOM_work_R_set                   . 
_refine.solvent_model_details                    'BABINET MODEL WITH MASK' 
_refine.solvent_model_param_bsol                 . 
_refine.solvent_model_param_ksol                 . 
_refine.ls_R_factor_gt                           . 
_refine.ls_goodness_of_fit_gt                    . 
_refine.ls_goodness_of_fit_ref                   . 
_refine.ls_shift_over_su_max                     . 
_refine.ls_shift_over_su_max_lt                  . 
_refine.ls_shift_over_su_mean                    . 
_refine.ls_shift_over_su_mean_lt                 . 
_refine.pdbx_ls_sigma_I                          . 
_refine.pdbx_ls_sigma_F                          0.000 
_refine.pdbx_ls_sigma_Fsqd                       . 
_refine.pdbx_data_cutoff_high_absF               . 
_refine.pdbx_data_cutoff_high_rms_absF           . 
_refine.pdbx_data_cutoff_low_absF                0.0 
_refine.pdbx_isotropic_thermal_model             . 
_refine.pdbx_ls_cross_valid_method               THROUGHOUT 
_refine.pdbx_method_to_determine_struct          MAD 
_refine.pdbx_starting_model                      . 
_refine.pdbx_stereochemistry_target_values       'MAXIMUM LIKELIHOOD' 
_refine.pdbx_R_Free_selection_details            RANDOM 
_refine.pdbx_stereochem_target_val_spec_case     . 
_refine.pdbx_overall_ESU_R                       0.1120 
_refine.pdbx_overall_ESU_R_Free                  0.1040 
_refine.pdbx_solvent_vdw_probe_radii             1.2000 
_refine.pdbx_solvent_ion_probe_radii             0.8000 
_refine.pdbx_solvent_shrinkage_radii             0.8000 
_refine.pdbx_real_space_R                        . 
_refine.pdbx_density_correlation                 . 
_refine.pdbx_pd_number_of_powder_patterns        . 
_refine.pdbx_pd_number_of_points                 . 
_refine.pdbx_pd_meas_number_of_points            . 
_refine.pdbx_pd_proc_ls_prof_R_factor            . 
_refine.pdbx_pd_proc_ls_prof_wR_factor           . 
_refine.pdbx_pd_Marquardt_correlation_coeff      . 
_refine.pdbx_pd_Fsqrd_R_factor                   . 
_refine.pdbx_pd_ls_matrix_band_width             . 
_refine.pdbx_overall_phase_error                 . 
_refine.pdbx_overall_SU_R_free_Cruickshank_DPI   . 
_refine.pdbx_overall_SU_R_free_Blow_DPI          . 
_refine.pdbx_overall_SU_R_Blow_DPI               . 
_refine.pdbx_TLS_residual_ADP_flag               . 
_refine.pdbx_diffrn_id                           1 
# 
_refine_hist.cycle_id                         final 
_refine_hist.pdbx_refine_id                   'X-RAY DIFFRACTION' 
_refine_hist.d_res_high                       1.6200 
_refine_hist.d_res_low                        35.5100 
_refine_hist.pdbx_number_atoms_ligand         0 
_refine_hist.number_atoms_solvent             75 
_refine_hist.number_atoms_total               689 
_refine_hist.pdbx_number_residues_total       74 
_refine_hist.pdbx_B_iso_mean_solvent          25.49 
_refine_hist.pdbx_number_atoms_protein        614 
_refine_hist.pdbx_number_atoms_nucleic_acid   0 
# 
loop_
_refine_ls_restr.pdbx_refine_id 
_refine_ls_restr.criterion 
_refine_ls_restr.dev_ideal 
_refine_ls_restr.dev_ideal_target 
_refine_ls_restr.number 
_refine_ls_restr.rejects 
_refine_ls_restr.type 
_refine_ls_restr.weight 
_refine_ls_restr.pdbx_restraint_function 
'X-RAY DIFFRACTION' . 0.006  0.021  617 . r_bond_refined_d       . . 
'X-RAY DIFFRACTION' . 0.827  1.995  821 . r_angle_refined_deg    . . 
'X-RAY DIFFRACTION' . 2.178  5.000  72  . r_dihedral_angle_1_deg . . 
'X-RAY DIFFRACTION' . 35.314 25.833 36  . r_dihedral_angle_2_deg . . 
'X-RAY DIFFRACTION' . 10.902 15.000 141 . r_dihedral_angle_3_deg . . 
'X-RAY DIFFRACTION' . 20.447 15.000 6   . r_dihedral_angle_4_deg . . 
'X-RAY DIFFRACTION' . 0.050  0.200  93  . r_chiral_restr         . . 
'X-RAY DIFFRACTION' . 0.002  0.020  452 . r_gen_planes_refined   . . 
'X-RAY DIFFRACTION' . 1.454  5.000  369 . r_mcbond_it            . . 
'X-RAY DIFFRACTION' . 2.563  6.000  594 . r_mcangle_it           . . 
'X-RAY DIFFRACTION' . 3.104  6.000  248 . r_scbond_it            . . 
'X-RAY DIFFRACTION' . 5.231  7.500  227 . r_scangle_it           . . 
# 
_refine_ls_shell.pdbx_refine_id                   'X-RAY DIFFRACTION' 
_refine_ls_shell.d_res_high                       1.6200 
_refine_ls_shell.d_res_low                        1.7070 
_refine_ls_shell.number_reflns_all                . 
_refine_ls_shell.number_reflns_obs                . 
_refine_ls_shell.number_reflns_R_free             57 
_refine_ls_shell.number_reflns_R_work             1011 
_refine_ls_shell.percent_reflns_obs               80.5400 
_refine_ls_shell.percent_reflns_R_free            5.3 
_refine_ls_shell.R_factor_all                     . 
_refine_ls_shell.R_factor_obs                     . 
_refine_ls_shell.R_factor_R_free                  0.2510 
_refine_ls_shell.R_factor_R_free_error            . 
_refine_ls_shell.R_factor_R_work                  0.1960 
_refine_ls_shell.redundancy_reflns_all            . 
_refine_ls_shell.redundancy_reflns_obs            . 
_refine_ls_shell.wR_factor_all                    . 
_refine_ls_shell.wR_factor_obs                    . 
_refine_ls_shell.wR_factor_R_free                 . 
_refine_ls_shell.wR_factor_R_work                 . 
_refine_ls_shell.pdbx_total_number_of_bins_used   . 
_refine_ls_shell.pdbx_phase_error                 . 
# 
_struct.entry_id                     4PAS 
_struct.title                        'Heterodimeric coiled-coil structure of human GABA(B) receptor' 
_struct.pdbx_model_details           . 
_struct.pdbx_formula_weight          . 
_struct.pdbx_formula_weight_method   . 
_struct.pdbx_model_type_details      . 
_struct.pdbx_CASP_flag               . 
# 
_struct_keywords.entry_id        4PAS 
_struct_keywords.text            'GABA(B) receptor, coiled-coil, heterodimer, SIGNALING PROTEIN' 
_struct_keywords.pdbx_keywords   'SIGNALING PROTEIN' 
# 
loop_
_struct_asym.id 
_struct_asym.pdbx_blank_PDB_chainid_flag 
_struct_asym.pdbx_modified 
_struct_asym.entity_id 
_struct_asym.details 
A N N 1 ? 
B N N 2 ? 
C N N 3 ? 
D N N 3 ? 
# 
loop_
_struct_ref.id 
_struct_ref.db_name 
_struct_ref.db_code 
_struct_ref.pdbx_db_accession 
_struct_ref.entity_id 
_struct_ref.pdbx_seq_one_letter_code 
_struct_ref.pdbx_align_begin 
_struct_ref.pdbx_db_isoform 
1 UNP GABR1_HUMAN Q9UBS5 1 STNNNEEEKSRLLEKENRELEKIIAEKEERVSELRHQLQSR 762 ? 
2 UNP GABR2_HUMAN O75899 2 SVNQASTSRLEGLQSENHRLRMKITELDKDLEEVTMQLQDT 779 ? 
# 
loop_
_struct_ref_seq.align_id 
_struct_ref_seq.ref_id 
_struct_ref_seq.pdbx_PDB_id_code 
_struct_ref_seq.pdbx_strand_id 
_struct_ref_seq.seq_align_beg 
_struct_ref_seq.pdbx_seq_align_beg_ins_code 
_struct_ref_seq.seq_align_end 
_struct_ref_seq.pdbx_seq_align_end_ins_code 
_struct_ref_seq.pdbx_db_accession 
_struct_ref_seq.db_align_beg 
_struct_ref_seq.pdbx_db_align_beg_ins_code 
_struct_ref_seq.db_align_end 
_struct_ref_seq.pdbx_db_align_end_ins_code 
_struct_ref_seq.pdbx_auth_seq_align_beg 
_struct_ref_seq.pdbx_auth_seq_align_end 
1 1 4PAS A 1 ? 41 ? Q9UBS5 762 ? 802 ? 762 802 
2 2 4PAS B 1 ? 41 ? O75899 779 ? 819 ? 779 819 
# 
_struct_ref_seq_dif.align_id                     2 
_struct_ref_seq_dif.pdbx_pdb_id_code             4PAS 
_struct_ref_seq_dif.mon_id                       HIS 
_struct_ref_seq_dif.pdbx_pdb_strand_id           B 
_struct_ref_seq_dif.seq_num                      19 
_struct_ref_seq_dif.pdbx_pdb_ins_code            ? 
_struct_ref_seq_dif.pdbx_seq_db_name             UNP 
_struct_ref_seq_dif.pdbx_seq_db_accession_code   O75899 
_struct_ref_seq_dif.db_mon_id                    ARG 
_struct_ref_seq_dif.pdbx_seq_db_seq_num          797 
_struct_ref_seq_dif.details                      conflict 
_struct_ref_seq_dif.pdbx_auth_seq_num            797 
_struct_ref_seq_dif.pdbx_ordinal                 1 
# 
_pdbx_struct_assembly.id                   1 
_pdbx_struct_assembly.details              author_and_software_defined_assembly 
_pdbx_struct_assembly.method_details       PISA 
_pdbx_struct_assembly.oligomeric_details   dimeric 
_pdbx_struct_assembly.oligomeric_count     2 
# 
loop_
_pdbx_struct_assembly_prop.biol_id 
_pdbx_struct_assembly_prop.type 
_pdbx_struct_assembly_prop.value 
_pdbx_struct_assembly_prop.details 
1 'ABSA (A^2)' 1960 ? 
1 MORE         -15  ? 
1 'SSA (A^2)'  5810 ? 
# 
_pdbx_struct_assembly_gen.assembly_id       1 
_pdbx_struct_assembly_gen.oper_expression   1 
_pdbx_struct_assembly_gen.asym_id_list      A,B,C,D 
# 
_pdbx_struct_oper_list.id                   1 
_pdbx_struct_oper_list.type                 'identity operation' 
_pdbx_struct_oper_list.name                 1_555 
_pdbx_struct_oper_list.symmetry_operation   x,y,z 
_pdbx_struct_oper_list.matrix[1][1]         1.0000000000 
_pdbx_struct_oper_list.matrix[1][2]         0.0000000000 
_pdbx_struct_oper_list.matrix[1][3]         0.0000000000 
_pdbx_struct_oper_list.vector[1]            0.0000000000 
_pdbx_struct_oper_list.matrix[2][1]         0.0000000000 
_pdbx_struct_oper_list.matrix[2][2]         1.0000000000 
_pdbx_struct_oper_list.matrix[2][3]         0.0000000000 
_pdbx_struct_oper_list.vector[2]            0.0000000000 
_pdbx_struct_oper_list.matrix[3][1]         0.0000000000 
_pdbx_struct_oper_list.matrix[3][2]         0.0000000000 
_pdbx_struct_oper_list.matrix[3][3]         1.0000000000 
_pdbx_struct_oper_list.vector[3]            0.0000000000 
# 
loop_
_struct_conf.conf_type_id 
_struct_conf.id 
_struct_conf.pdbx_PDB_helix_id 
_struct_conf.beg_label_comp_id 
_struct_conf.beg_label_asym_id 
_struct_conf.beg_label_seq_id 
_struct_conf.pdbx_beg_PDB_ins_code 
_struct_conf.end_label_comp_id 
_struct_conf.end_label_asym_id 
_struct_conf.end_label_seq_id 
_struct_conf.pdbx_end_PDB_ins_code 
_struct_conf.beg_auth_comp_id 
_struct_conf.beg_auth_asym_id 
_struct_conf.beg_auth_seq_id 
_struct_conf.end_auth_comp_id 
_struct_conf.end_auth_asym_id 
_struct_conf.end_auth_seq_id 
_struct_conf.pdbx_PDB_helix_class 
_struct_conf.details 
_struct_conf.pdbx_PDB_helix_length 
HELX_P HELX_P1 AA1 GLU A 6 ? SER A 40 ? GLU A 767 SER A 801 1 ? 35 
HELX_P HELX_P2 AA2 VAL B 2 ? GLN B 39 ? VAL B 780 GLN B 817 1 ? 38 
# 
_struct_conf_type.id          HELX_P 
_struct_conf_type.criteria    ? 
_struct_conf_type.reference   ? 
# 
_pdbx_validate_symm_contact.id                1 
_pdbx_validate_symm_contact.PDB_model_num     1 
_pdbx_validate_symm_contact.auth_atom_id_1    OE1 
_pdbx_validate_symm_contact.auth_asym_id_1    B 
_pdbx_validate_symm_contact.auth_comp_id_1    GLN 
_pdbx_validate_symm_contact.auth_seq_id_1     782 
_pdbx_validate_symm_contact.PDB_ins_code_1    ? 
_pdbx_validate_symm_contact.label_alt_id_1    ? 
_pdbx_validate_symm_contact.site_symmetry_1   1_555 
_pdbx_validate_symm_contact.auth_atom_id_2    OE1 
_pdbx_validate_symm_contact.auth_asym_id_2    B 
_pdbx_validate_symm_contact.auth_comp_id_2    GLN 
_pdbx_validate_symm_contact.auth_seq_id_2     782 
_pdbx_validate_symm_contact.PDB_ins_code_2    ? 
_pdbx_validate_symm_contact.label_alt_id_2    ? 
_pdbx_validate_symm_contact.site_symmetry_2   3_654 
_pdbx_validate_symm_contact.dist              1.49 
# 
_pdbx_validate_torsion.id              1 
_pdbx_validate_torsion.PDB_model_num   1 
_pdbx_validate_torsion.auth_comp_id    GLN 
_pdbx_validate_torsion.auth_asym_id    A 
_pdbx_validate_torsion.auth_seq_id     800 
_pdbx_validate_torsion.PDB_ins_code    ? 
_pdbx_validate_torsion.label_alt_id    ? 
_pdbx_validate_torsion.phi             -66.48 
_pdbx_validate_torsion.psi             -73.90 
# 
loop_
_pdbx_refine_tls.id 
_pdbx_refine_tls.pdbx_refine_id 
_pdbx_refine_tls.details 
_pdbx_refine_tls.method 
_pdbx_refine_tls.origin_x 
_pdbx_refine_tls.origin_y 
_pdbx_refine_tls.origin_z 
_pdbx_refine_tls.T[1][1] 
_pdbx_refine_tls.T[1][1]_esd 
_pdbx_refine_tls.T[1][2] 
_pdbx_refine_tls.T[1][2]_esd 
_pdbx_refine_tls.T[1][3] 
_pdbx_refine_tls.T[1][3]_esd 
_pdbx_refine_tls.T[2][2] 
_pdbx_refine_tls.T[2][2]_esd 
_pdbx_refine_tls.T[2][3] 
_pdbx_refine_tls.T[2][3]_esd 
_pdbx_refine_tls.T[3][3] 
_pdbx_refine_tls.T[3][3]_esd 
_pdbx_refine_tls.L[1][1] 
_pdbx_refine_tls.L[1][1]_esd 
_pdbx_refine_tls.L[1][2] 
_pdbx_refine_tls.L[1][2]_esd 
_pdbx_refine_tls.L[1][3] 
_pdbx_refine_tls.L[1][3]_esd 
_pdbx_refine_tls.L[2][2] 
_pdbx_refine_tls.L[2][2]_esd 
_pdbx_refine_tls.L[2][3] 
_pdbx_refine_tls.L[2][3]_esd 
_pdbx_refine_tls.L[3][3] 
_pdbx_refine_tls.L[3][3]_esd 
_pdbx_refine_tls.S[1][1] 
_pdbx_refine_tls.S[1][1]_esd 
_pdbx_refine_tls.S[1][2] 
_pdbx_refine_tls.S[1][2]_esd 
_pdbx_refine_tls.S[1][3] 
_pdbx_refine_tls.S[1][3]_esd 
_pdbx_refine_tls.S[2][1] 
_pdbx_refine_tls.S[2][1]_esd 
_pdbx_refine_tls.S[2][2] 
_pdbx_refine_tls.S[2][2]_esd 
_pdbx_refine_tls.S[2][3] 
_pdbx_refine_tls.S[2][3]_esd 
_pdbx_refine_tls.S[3][1] 
_pdbx_refine_tls.S[3][1]_esd 
_pdbx_refine_tls.S[3][2] 
_pdbx_refine_tls.S[3][2]_esd 
_pdbx_refine_tls.S[3][3] 
_pdbx_refine_tls.S[3][3]_esd 
1 'X-RAY DIFFRACTION' 'GBR1b coiled-coil' refined 0.1401  2.1850  4.2400  -0.0093 . 0.0053 . 0.0052  . 0.0165  . -0.0071 . 0.0016 . 4.3287 . -1.7243 . -0.7344 . 1.1371 . 0.3909 . 0.1462 . 0.0185 . -0.1926 . 0.0601 . -0.0051 . 0.0277 . -0.0292 . -0.0108 . 0.0577 . -0.0462 . 
2 'X-RAY DIFFRACTION' 'GBR2 coiled-coil'  refined -0.1149 -1.4328 -3.8396 0.0050  . 0.0167 . -0.0004 . -0.0014 . 0.0119  . 0.0008 . 2.3797 . -2.6661 . -0.3431 . 3.4410 . 0.3643 . 0.0503 . 0.0026 . -0.0071 . 0.0036 . -0.0676 . 0.0229 . 0.0594  . 0.0306  . 0.0017 . -0.0254 . 
# 
loop_
_pdbx_refine_tls_group.id 
_pdbx_refine_tls_group.pdbx_refine_id 
_pdbx_refine_tls_group.refine_tls_id 
_pdbx_refine_tls_group.beg_label_asym_id 
_pdbx_refine_tls_group.beg_label_seq_id 
_pdbx_refine_tls_group.beg_auth_asym_id 
_pdbx_refine_tls_group.beg_auth_seq_id 
_pdbx_refine_tls_group.end_label_asym_id 
_pdbx_refine_tls_group.end_label_seq_id 
_pdbx_refine_tls_group.end_auth_asym_id 
_pdbx_refine_tls_group.end_auth_seq_id 
_pdbx_refine_tls_group.selection 
_pdbx_refine_tls_group.selection_details 
1 'X-RAY DIFFRACTION' 1 . . A 767 . . A 801 . . 
2 'X-RAY DIFFRACTION' 2 . . B 779 . . B 817 . . 
# 
loop_
_pdbx_unobs_or_zero_occ_residues.id 
_pdbx_unobs_or_zero_occ_residues.PDB_model_num 
_pdbx_unobs_or_zero_occ_residues.polymer_flag 
_pdbx_unobs_or_zero_occ_residues.occupancy_flag 
_pdbx_unobs_or_zero_occ_residues.auth_asym_id 
_pdbx_unobs_or_zero_occ_residues.auth_comp_id 
_pdbx_unobs_or_zero_occ_residues.auth_seq_id 
_pdbx_unobs_or_zero_occ_residues.PDB_ins_code 
_pdbx_unobs_or_zero_occ_residues.label_asym_id 
_pdbx_unobs_or_zero_occ_residues.label_comp_id 
_pdbx_unobs_or_zero_occ_residues.label_seq_id 
1 1 Y 1 A SER 762 ? A SER 1  
2 1 Y 1 A THR 763 ? A THR 2  
3 1 Y 1 A ASN 764 ? A ASN 3  
4 1 Y 1 A ASN 765 ? A ASN 4  
5 1 Y 1 A ASN 766 ? A ASN 5  
6 1 Y 1 A ARG 802 ? A ARG 41 
7 1 Y 1 B ASP 818 ? B ASP 40 
8 1 Y 1 B THR 819 ? B THR 41 
# 
loop_
_chem_comp_atom.comp_id 
_chem_comp_atom.atom_id 
_chem_comp_atom.type_symbol 
_chem_comp_atom.pdbx_aromatic_flag 
_chem_comp_atom.pdbx_stereo_config 
_chem_comp_atom.pdbx_ordinal 
ALA N    N N N 1   
ALA CA   C N S 2   
ALA C    C N N 3   
ALA O    O N N 4   
ALA CB   C N N 5   
ALA OXT  O N N 6   
ALA H    H N N 7   
ALA H2   H N N 8   
ALA HA   H N N 9   
ALA HB1  H N N 10  
ALA HB2  H N N 11  
ALA HB3  H N N 12  
ALA HXT  H N N 13  
ARG N    N N N 14  
ARG CA   C N S 15  
ARG C    C N N 16  
ARG O    O N N 17  
ARG CB   C N N 18  
ARG CG   C N N 19  
ARG CD   C N N 20  
ARG NE   N N N 21  
ARG CZ   C N N 22  
ARG NH1  N N N 23  
ARG NH2  N N N 24  
ARG OXT  O N N 25  
ARG H    H N N 26  
ARG H2   H N N 27  
ARG HA   H N N 28  
ARG HB2  H N N 29  
ARG HB3  H N N 30  
ARG HG2  H N N 31  
ARG HG3  H N N 32  
ARG HD2  H N N 33  
ARG HD3  H N N 34  
ARG HE   H N N 35  
ARG HH11 H N N 36  
ARG HH12 H N N 37  
ARG HH21 H N N 38  
ARG HH22 H N N 39  
ARG HXT  H N N 40  
ASN N    N N N 41  
ASN CA   C N S 42  
ASN C    C N N 43  
ASN O    O N N 44  
ASN CB   C N N 45  
ASN CG   C N N 46  
ASN OD1  O N N 47  
ASN ND2  N N N 48  
ASN OXT  O N N 49  
ASN H    H N N 50  
ASN H2   H N N 51  
ASN HA   H N N 52  
ASN HB2  H N N 53  
ASN HB3  H N N 54  
ASN HD21 H N N 55  
ASN HD22 H N N 56  
ASN HXT  H N N 57  
ASP N    N N N 58  
ASP CA   C N S 59  
ASP C    C N N 60  
ASP O    O N N 61  
ASP CB   C N N 62  
ASP CG   C N N 63  
ASP OD1  O N N 64  
ASP OD2  O N N 65  
ASP OXT  O N N 66  
ASP H    H N N 67  
ASP H2   H N N 68  
ASP HA   H N N 69  
ASP HB2  H N N 70  
ASP HB3  H N N 71  
ASP HD2  H N N 72  
ASP HXT  H N N 73  
GLN N    N N N 74  
GLN CA   C N S 75  
GLN C    C N N 76  
GLN O    O N N 77  
GLN CB   C N N 78  
GLN CG   C N N 79  
GLN CD   C N N 80  
GLN OE1  O N N 81  
GLN NE2  N N N 82  
GLN OXT  O N N 83  
GLN H    H N N 84  
GLN H2   H N N 85  
GLN HA   H N N 86  
GLN HB2  H N N 87  
GLN HB3  H N N 88  
GLN HG2  H N N 89  
GLN HG3  H N N 90  
GLN HE21 H N N 91  
GLN HE22 H N N 92  
GLN HXT  H N N 93  
GLU N    N N N 94  
GLU CA   C N S 95  
GLU C    C N N 96  
GLU O    O N N 97  
GLU CB   C N N 98  
GLU CG   C N N 99  
GLU CD   C N N 100 
GLU OE1  O N N 101 
GLU OE2  O N N 102 
GLU OXT  O N N 103 
GLU H    H N N 104 
GLU H2   H N N 105 
GLU HA   H N N 106 
GLU HB2  H N N 107 
GLU HB3  H N N 108 
GLU HG2  H N N 109 
GLU HG3  H N N 110 
GLU HE2  H N N 111 
GLU HXT  H N N 112 
GLY N    N N N 113 
GLY CA   C N N 114 
GLY C    C N N 115 
GLY O    O N N 116 
GLY OXT  O N N 117 
GLY H    H N N 118 
GLY H2   H N N 119 
GLY HA2  H N N 120 
GLY HA3  H N N 121 
GLY HXT  H N N 122 
HIS N    N N N 123 
HIS CA   C N S 124 
HIS C    C N N 125 
HIS O    O N N 126 
HIS CB   C N N 127 
HIS CG   C Y N 128 
HIS ND1  N Y N 129 
HIS CD2  C Y N 130 
HIS CE1  C Y N 131 
HIS NE2  N Y N 132 
HIS OXT  O N N 133 
HIS H    H N N 134 
HIS H2   H N N 135 
HIS HA   H N N 136 
HIS HB2  H N N 137 
HIS HB3  H N N 138 
HIS HD1  H N N 139 
HIS HD2  H N N 140 
HIS HE1  H N N 141 
HIS HE2  H N N 142 
HIS HXT  H N N 143 
HOH O    O N N 144 
HOH H1   H N N 145 
HOH H2   H N N 146 
ILE N    N N N 147 
ILE CA   C N S 148 
ILE C    C N N 149 
ILE O    O N N 150 
ILE CB   C N S 151 
ILE CG1  C N N 152 
ILE CG2  C N N 153 
ILE CD1  C N N 154 
ILE OXT  O N N 155 
ILE H    H N N 156 
ILE H2   H N N 157 
ILE HA   H N N 158 
ILE HB   H N N 159 
ILE HG12 H N N 160 
ILE HG13 H N N 161 
ILE HG21 H N N 162 
ILE HG22 H N N 163 
ILE HG23 H N N 164 
ILE HD11 H N N 165 
ILE HD12 H N N 166 
ILE HD13 H N N 167 
ILE HXT  H N N 168 
LEU N    N N N 169 
LEU CA   C N S 170 
LEU C    C N N 171 
LEU O    O N N 172 
LEU CB   C N N 173 
LEU CG   C N N 174 
LEU CD1  C N N 175 
LEU CD2  C N N 176 
LEU OXT  O N N 177 
LEU H    H N N 178 
LEU H2   H N N 179 
LEU HA   H N N 180 
LEU HB2  H N N 181 
LEU HB3  H N N 182 
LEU HG   H N N 183 
LEU HD11 H N N 184 
LEU HD12 H N N 185 
LEU HD13 H N N 186 
LEU HD21 H N N 187 
LEU HD22 H N N 188 
LEU HD23 H N N 189 
LEU HXT  H N N 190 
LYS N    N N N 191 
LYS CA   C N S 192 
LYS C    C N N 193 
LYS O    O N N 194 
LYS CB   C N N 195 
LYS CG   C N N 196 
LYS CD   C N N 197 
LYS CE   C N N 198 
LYS NZ   N N N 199 
LYS OXT  O N N 200 
LYS H    H N N 201 
LYS H2   H N N 202 
LYS HA   H N N 203 
LYS HB2  H N N 204 
LYS HB3  H N N 205 
LYS HG2  H N N 206 
LYS HG3  H N N 207 
LYS HD2  H N N 208 
LYS HD3  H N N 209 
LYS HE2  H N N 210 
LYS HE3  H N N 211 
LYS HZ1  H N N 212 
LYS HZ2  H N N 213 
LYS HZ3  H N N 214 
LYS HXT  H N N 215 
MET N    N N N 216 
MET CA   C N S 217 
MET C    C N N 218 
MET O    O N N 219 
MET CB   C N N 220 
MET CG   C N N 221 
MET SD   S N N 222 
MET CE   C N N 223 
MET OXT  O N N 224 
MET H    H N N 225 
MET H2   H N N 226 
MET HA   H N N 227 
MET HB2  H N N 228 
MET HB3  H N N 229 
MET HG2  H N N 230 
MET HG3  H N N 231 
MET HE1  H N N 232 
MET HE2  H N N 233 
MET HE3  H N N 234 
MET HXT  H N N 235 
SER N    N N N 236 
SER CA   C N S 237 
SER C    C N N 238 
SER O    O N N 239 
SER CB   C N N 240 
SER OG   O N N 241 
SER OXT  O N N 242 
SER H    H N N 243 
SER H2   H N N 244 
SER HA   H N N 245 
SER HB2  H N N 246 
SER HB3  H N N 247 
SER HG   H N N 248 
SER HXT  H N N 249 
THR N    N N N 250 
THR CA   C N S 251 
THR C    C N N 252 
THR O    O N N 253 
THR CB   C N R 254 
THR OG1  O N N 255 
THR CG2  C N N 256 
THR OXT  O N N 257 
THR H    H N N 258 
THR H2   H N N 259 
THR HA   H N N 260 
THR HB   H N N 261 
THR HG1  H N N 262 
THR HG21 H N N 263 
THR HG22 H N N 264 
THR HG23 H N N 265 
THR HXT  H N N 266 
VAL N    N N N 267 
VAL CA   C N S 268 
VAL C    C N N 269 
VAL O    O N N 270 
VAL CB   C N N 271 
VAL CG1  C N N 272 
VAL CG2  C N N 273 
VAL OXT  O N N 274 
VAL H    H N N 275 
VAL H2   H N N 276 
VAL HA   H N N 277 
VAL HB   H N N 278 
VAL HG11 H N N 279 
VAL HG12 H N N 280 
VAL HG13 H N N 281 
VAL HG21 H N N 282 
VAL HG22 H N N 283 
VAL HG23 H N N 284 
VAL HXT  H N N 285 
# 
loop_
_chem_comp_bond.comp_id 
_chem_comp_bond.atom_id_1 
_chem_comp_bond.atom_id_2 
_chem_comp_bond.value_order 
_chem_comp_bond.pdbx_aromatic_flag 
_chem_comp_bond.pdbx_stereo_config 
_chem_comp_bond.pdbx_ordinal 
ALA N   CA   sing N N 1   
ALA N   H    sing N N 2   
ALA N   H2   sing N N 3   
ALA CA  C    sing N N 4   
ALA CA  CB   sing N N 5   
ALA CA  HA   sing N N 6   
ALA C   O    doub N N 7   
ALA C   OXT  sing N N 8   
ALA CB  HB1  sing N N 9   
ALA CB  HB2  sing N N 10  
ALA CB  HB3  sing N N 11  
ALA OXT HXT  sing N N 12  
ARG N   CA   sing N N 13  
ARG N   H    sing N N 14  
ARG N   H2   sing N N 15  
ARG CA  C    sing N N 16  
ARG CA  CB   sing N N 17  
ARG CA  HA   sing N N 18  
ARG C   O    doub N N 19  
ARG C   OXT  sing N N 20  
ARG CB  CG   sing N N 21  
ARG CB  HB2  sing N N 22  
ARG CB  HB3  sing N N 23  
ARG CG  CD   sing N N 24  
ARG CG  HG2  sing N N 25  
ARG CG  HG3  sing N N 26  
ARG CD  NE   sing N N 27  
ARG CD  HD2  sing N N 28  
ARG CD  HD3  sing N N 29  
ARG NE  CZ   sing N N 30  
ARG NE  HE   sing N N 31  
ARG CZ  NH1  sing N N 32  
ARG CZ  NH2  doub N N 33  
ARG NH1 HH11 sing N N 34  
ARG NH1 HH12 sing N N 35  
ARG NH2 HH21 sing N N 36  
ARG NH2 HH22 sing N N 37  
ARG OXT HXT  sing N N 38  
ASN N   CA   sing N N 39  
ASN N   H    sing N N 40  
ASN N   H2   sing N N 41  
ASN CA  C    sing N N 42  
ASN CA  CB   sing N N 43  
ASN CA  HA   sing N N 44  
ASN C   O    doub N N 45  
ASN C   OXT  sing N N 46  
ASN CB  CG   sing N N 47  
ASN CB  HB2  sing N N 48  
ASN CB  HB3  sing N N 49  
ASN CG  OD1  doub N N 50  
ASN CG  ND2  sing N N 51  
ASN ND2 HD21 sing N N 52  
ASN ND2 HD22 sing N N 53  
ASN OXT HXT  sing N N 54  
ASP N   CA   sing N N 55  
ASP N   H    sing N N 56  
ASP N   H2   sing N N 57  
ASP CA  C    sing N N 58  
ASP CA  CB   sing N N 59  
ASP CA  HA   sing N N 60  
ASP C   O    doub N N 61  
ASP C   OXT  sing N N 62  
ASP CB  CG   sing N N 63  
ASP CB  HB2  sing N N 64  
ASP CB  HB3  sing N N 65  
ASP CG  OD1  doub N N 66  
ASP CG  OD2  sing N N 67  
ASP OD2 HD2  sing N N 68  
ASP OXT HXT  sing N N 69  
GLN N   CA   sing N N 70  
GLN N   H    sing N N 71  
GLN N   H2   sing N N 72  
GLN CA  C    sing N N 73  
GLN CA  CB   sing N N 74  
GLN CA  HA   sing N N 75  
GLN C   O    doub N N 76  
GLN C   OXT  sing N N 77  
GLN CB  CG   sing N N 78  
GLN CB  HB2  sing N N 79  
GLN CB  HB3  sing N N 80  
GLN CG  CD   sing N N 81  
GLN CG  HG2  sing N N 82  
GLN CG  HG3  sing N N 83  
GLN CD  OE1  doub N N 84  
GLN CD  NE2  sing N N 85  
GLN NE2 HE21 sing N N 86  
GLN NE2 HE22 sing N N 87  
GLN OXT HXT  sing N N 88  
GLU N   CA   sing N N 89  
GLU N   H    sing N N 90  
GLU N   H2   sing N N 91  
GLU CA  C    sing N N 92  
GLU CA  CB   sing N N 93  
GLU CA  HA   sing N N 94  
GLU C   O    doub N N 95  
GLU C   OXT  sing N N 96  
GLU CB  CG   sing N N 97  
GLU CB  HB2  sing N N 98  
GLU CB  HB3  sing N N 99  
GLU CG  CD   sing N N 100 
GLU CG  HG2  sing N N 101 
GLU CG  HG3  sing N N 102 
GLU CD  OE1  doub N N 103 
GLU CD  OE2  sing N N 104 
GLU OE2 HE2  sing N N 105 
GLU OXT HXT  sing N N 106 
GLY N   CA   sing N N 107 
GLY N   H    sing N N 108 
GLY N   H2   sing N N 109 
GLY CA  C    sing N N 110 
GLY CA  HA2  sing N N 111 
GLY CA  HA3  sing N N 112 
GLY C   O    doub N N 113 
GLY C   OXT  sing N N 114 
GLY OXT HXT  sing N N 115 
HIS N   CA   sing N N 116 
HIS N   H    sing N N 117 
HIS N   H2   sing N N 118 
HIS CA  C    sing N N 119 
HIS CA  CB   sing N N 120 
HIS CA  HA   sing N N 121 
HIS C   O    doub N N 122 
HIS C   OXT  sing N N 123 
HIS CB  CG   sing N N 124 
HIS CB  HB2  sing N N 125 
HIS CB  HB3  sing N N 126 
HIS CG  ND1  sing Y N 127 
HIS CG  CD2  doub Y N 128 
HIS ND1 CE1  doub Y N 129 
HIS ND1 HD1  sing N N 130 
HIS CD2 NE2  sing Y N 131 
HIS CD2 HD2  sing N N 132 
HIS CE1 NE2  sing Y N 133 
HIS CE1 HE1  sing N N 134 
HIS NE2 HE2  sing N N 135 
HIS OXT HXT  sing N N 136 
HOH O   H1   sing N N 137 
HOH O   H2   sing N N 138 
ILE N   CA   sing N N 139 
ILE N   H    sing N N 140 
ILE N   H2   sing N N 141 
ILE CA  C    sing N N 142 
ILE CA  CB   sing N N 143 
ILE CA  HA   sing N N 144 
ILE C   O    doub N N 145 
ILE C   OXT  sing N N 146 
ILE CB  CG1  sing N N 147 
ILE CB  CG2  sing N N 148 
ILE CB  HB   sing N N 149 
ILE CG1 CD1  sing N N 150 
ILE CG1 HG12 sing N N 151 
ILE CG1 HG13 sing N N 152 
ILE CG2 HG21 sing N N 153 
ILE CG2 HG22 sing N N 154 
ILE CG2 HG23 sing N N 155 
ILE CD1 HD11 sing N N 156 
ILE CD1 HD12 sing N N 157 
ILE CD1 HD13 sing N N 158 
ILE OXT HXT  sing N N 159 
LEU N   CA   sing N N 160 
LEU N   H    sing N N 161 
LEU N   H2   sing N N 162 
LEU CA  C    sing N N 163 
LEU CA  CB   sing N N 164 
LEU CA  HA   sing N N 165 
LEU C   O    doub N N 166 
LEU C   OXT  sing N N 167 
LEU CB  CG   sing N N 168 
LEU CB  HB2  sing N N 169 
LEU CB  HB3  sing N N 170 
LEU CG  CD1  sing N N 171 
LEU CG  CD2  sing N N 172 
LEU CG  HG   sing N N 173 
LEU CD1 HD11 sing N N 174 
LEU CD1 HD12 sing N N 175 
LEU CD1 HD13 sing N N 176 
LEU CD2 HD21 sing N N 177 
LEU CD2 HD22 sing N N 178 
LEU CD2 HD23 sing N N 179 
LEU OXT HXT  sing N N 180 
LYS N   CA   sing N N 181 
LYS N   H    sing N N 182 
LYS N   H2   sing N N 183 
LYS CA  C    sing N N 184 
LYS CA  CB   sing N N 185 
LYS CA  HA   sing N N 186 
LYS C   O    doub N N 187 
LYS C   OXT  sing N N 188 
LYS CB  CG   sing N N 189 
LYS CB  HB2  sing N N 190 
LYS CB  HB3  sing N N 191 
LYS CG  CD   sing N N 192 
LYS CG  HG2  sing N N 193 
LYS CG  HG3  sing N N 194 
LYS CD  CE   sing N N 195 
LYS CD  HD2  sing N N 196 
LYS CD  HD3  sing N N 197 
LYS CE  NZ   sing N N 198 
LYS CE  HE2  sing N N 199 
LYS CE  HE3  sing N N 200 
LYS NZ  HZ1  sing N N 201 
LYS NZ  HZ2  sing N N 202 
LYS NZ  HZ3  sing N N 203 
LYS OXT HXT  sing N N 204 
MET N   CA   sing N N 205 
MET N   H    sing N N 206 
MET N   H2   sing N N 207 
MET CA  C    sing N N 208 
MET CA  CB   sing N N 209 
MET CA  HA   sing N N 210 
MET C   O    doub N N 211 
MET C   OXT  sing N N 212 
MET CB  CG   sing N N 213 
MET CB  HB2  sing N N 214 
MET CB  HB3  sing N N 215 
MET CG  SD   sing N N 216 
MET CG  HG2  sing N N 217 
MET CG  HG3  sing N N 218 
MET SD  CE   sing N N 219 
MET CE  HE1  sing N N 220 
MET CE  HE2  sing N N 221 
MET CE  HE3  sing N N 222 
MET OXT HXT  sing N N 223 
SER N   CA   sing N N 224 
SER N   H    sing N N 225 
SER N   H2   sing N N 226 
SER CA  C    sing N N 227 
SER CA  CB   sing N N 228 
SER CA  HA   sing N N 229 
SER C   O    doub N N 230 
SER C   OXT  sing N N 231 
SER CB  OG   sing N N 232 
SER CB  HB2  sing N N 233 
SER CB  HB3  sing N N 234 
SER OG  HG   sing N N 235 
SER OXT HXT  sing N N 236 
THR N   CA   sing N N 237 
THR N   H    sing N N 238 
THR N   H2   sing N N 239 
THR CA  C    sing N N 240 
THR CA  CB   sing N N 241 
THR CA  HA   sing N N 242 
THR C   O    doub N N 243 
THR C   OXT  sing N N 244 
THR CB  OG1  sing N N 245 
THR CB  CG2  sing N N 246 
THR CB  HB   sing N N 247 
THR OG1 HG1  sing N N 248 
THR CG2 HG21 sing N N 249 
THR CG2 HG22 sing N N 250 
THR CG2 HG23 sing N N 251 
THR OXT HXT  sing N N 252 
VAL N   CA   sing N N 253 
VAL N   H    sing N N 254 
VAL N   H2   sing N N 255 
VAL CA  C    sing N N 256 
VAL CA  CB   sing N N 257 
VAL CA  HA   sing N N 258 
VAL C   O    doub N N 259 
VAL C   OXT  sing N N 260 
VAL CB  CG1  sing N N 261 
VAL CB  CG2  sing N N 262 
VAL CB  HB   sing N N 263 
VAL CG1 HG11 sing N N 264 
VAL CG1 HG12 sing N N 265 
VAL CG1 HG13 sing N N 266 
VAL CG2 HG21 sing N N 267 
VAL CG2 HG22 sing N N 268 
VAL CG2 HG23 sing N N 269 
VAL OXT HXT  sing N N 270 
# 
_pdbx_audit_support.funding_organization   
'National Institutes of Health/National Institute of General Medical Sciences (NIH/NIGMS)' 
_pdbx_audit_support.country                'United States' 
_pdbx_audit_support.grant_number           5R01GM088454-05 
_pdbx_audit_support.ordinal                1 
# 
_atom_sites.entry_id                    4PAS 
_atom_sites.fract_transf_matrix[1][1]   0.00372668 
_atom_sites.fract_transf_matrix[1][2]   0.00255425 
_atom_sites.fract_transf_matrix[1][3]   -0.02092173 
_atom_sites.fract_transf_matrix[2][1]   -0.01169602 
_atom_sites.fract_transf_matrix[2][2]   -0.01356467 
_atom_sites.fract_transf_matrix[2][3]   -0.00373941 
_atom_sites.fract_transf_matrix[3][1]   -0.01353374 
_atom_sites.fract_transf_matrix[3][2]   0.01193233 
_atom_sites.fract_transf_matrix[3][3]   -0.00095393 
_atom_sites.fract_transf_vector[1]      0.302565 
_atom_sites.fract_transf_vector[2]      0.150818 
_atom_sites.fract_transf_vector[3]      0.176813 
# 
loop_
_atom_type.symbol 
C 
N 
O 
S 
# 
loop_
_atom_site.group_PDB 
_atom_site.id 
_atom_site.type_symbol 
_atom_site.label_atom_id 
_atom_site.label_alt_id 
_atom_site.label_comp_id 
_atom_site.label_asym_id 
_atom_site.label_entity_id 
_atom_site.label_seq_id 
_atom_site.pdbx_PDB_ins_code 
_atom_site.Cartn_x 
_atom_site.Cartn_y 
_atom_site.Cartn_z 
_atom_site.occupancy 
_atom_site.B_iso_or_equiv 
_atom_site.pdbx_formal_charge 
_atom_site.auth_seq_id 
_atom_site.auth_comp_id 
_atom_site.auth_asym_id 
_atom_site.auth_atom_id 
_atom_site.pdbx_PDB_model_num 
ATOM   1   N N   . GLU A 1 6  ? 19.668  -12.122 -4.830  1.00 35.48 ? 767 GLU A N   1 
ATOM   2   C CA  . GLU A 1 6  ? 18.201  -11.901 -4.680  1.00 34.46 ? 767 GLU A CA  1 
ATOM   3   C C   . GLU A 1 6  ? 17.775  -11.863 -3.210  1.00 33.56 ? 767 GLU A C   1 
ATOM   4   O O   . GLU A 1 6  ? 16.656  -11.462 -2.889  1.00 31.38 ? 767 GLU A O   1 
ATOM   5   C CB  . GLU A 1 6  ? 17.414  -12.978 -5.439  1.00 36.27 ? 767 GLU A CB  1 
ATOM   6   C CG  . GLU A 1 6  ? 17.469  -12.828 -6.960  1.00 37.74 ? 767 GLU A CG  1 
ATOM   7   C CD  . GLU A 1 6  ? 16.671  -13.896 -7.691  1.00 40.66 ? 767 GLU A CD  1 
ATOM   8   O OE1 . GLU A 1 6  ? 16.668  -15.056 -7.224  1.00 40.57 ? 767 GLU A OE1 1 
ATOM   9   O OE2 . GLU A 1 6  ? 16.050  -13.579 -8.734  1.00 38.23 ? 767 GLU A OE2 1 
ATOM   10  N N   . GLU A 1 7  ? 18.680  -12.266 -2.321  1.00 32.79 ? 768 GLU A N   1 
ATOM   11  C CA  . GLU A 1 7  ? 18.394  -12.292 -0.886  1.00 31.79 ? 768 GLU A CA  1 
ATOM   12  C C   . GLU A 1 7  ? 18.313  -10.878 -0.298  1.00 28.33 ? 768 GLU A C   1 
ATOM   13  O O   . GLU A 1 7  ? 17.409  -10.584 0.492   1.00 25.01 ? 768 GLU A O   1 
ATOM   14  C CB  . GLU A 1 7  ? 19.432  -13.148 -0.143  1.00 35.21 ? 768 GLU A CB  1 
ATOM   15  C CG  . GLU A 1 7  ? 19.388  -14.636 -0.535  1.00 41.78 ? 768 GLU A CG  1 
ATOM   16  C CD  . GLU A 1 7  ? 20.412  -15.495 0.205   1.00 45.99 ? 768 GLU A CD  1 
ATOM   17  O OE1 . GLU A 1 7  ? 20.269  -15.684 1.435   1.00 47.54 ? 768 GLU A OE1 1 
ATOM   18  O OE2 . GLU A 1 7  ? 21.353  -15.995 -0.448  1.00 47.88 ? 768 GLU A OE2 1 
ATOM   19  N N   . GLU A 1 8  ? 19.239  -10.007 -0.703  1.00 26.14 ? 769 GLU A N   1 
ATOM   20  C CA  . GLU A 1 8  ? 19.225  -8.601  -0.279  1.00 24.09 ? 769 GLU A CA  1 
ATOM   21  C C   . GLU A 1 8  ? 17.973  -7.918  -0.816  1.00 22.06 ? 769 GLU A C   1 
ATOM   22  O O   . GLU A 1 8  ? 17.283  -7.203  -0.087  1.00 19.46 ? 769 GLU A O   1 
ATOM   23  C CB  . GLU A 1 8  ? 20.462  -7.851  -0.794  1.00 25.34 ? 769 GLU A CB  1 
ATOM   24  C CG  . GLU A 1 8  ? 20.517  -6.377  -0.365  1.00 27.80 ? 769 GLU A CG  1 
ATOM   25  C CD  . GLU A 1 8  ? 21.535  -5.555  -1.144  1.00 30.12 ? 769 GLU A CD  1 
ATOM   26  O OE1 . GLU A 1 8  ? 21.188  -5.019  -2.220  1.00 30.83 ? 769 GLU A OE1 1 
ATOM   27  O OE2 . GLU A 1 8  ? 22.684  -5.431  -0.670  1.00 29.45 ? 769 GLU A OE2 1 
ATOM   28  N N   . LYS A 1 9  ? 17.693  -8.138  -2.098  1.00 18.96 ? 770 LYS A N   1 
ATOM   29  C CA  . LYS A 1 9  ? 16.531  -7.537  -2.740  1.00 18.69 ? 770 LYS A CA  1 
ATOM   30  C C   . LYS A 1 9  ? 15.233  -7.940  -2.047  1.00 15.88 ? 770 LYS A C   1 
ATOM   31  O O   . LYS A 1 9  ? 14.358  -7.103  -1.835  1.00 13.66 ? 770 LYS A O   1 
ATOM   32  C CB  . LYS A 1 9  ? 16.463  -7.909  -4.223  1.00 21.27 ? 770 LYS A CB  1 
ATOM   33  C CG  . LYS A 1 9  ? 17.581  -7.307  -5.055  1.00 26.10 ? 770 LYS A CG  1 
ATOM   34  C CD  . LYS A 1 9  ? 17.156  -7.077  -6.500  1.00 31.56 ? 770 LYS A CD  1 
ATOM   35  C CE  . LYS A 1 9  ? 16.676  -8.356  -7.169  1.00 34.28 ? 770 LYS A CE  1 
ATOM   36  N NZ  . LYS A 1 9  ? 17.691  -9.444  -7.104  1.00 39.00 ? 770 LYS A NZ  1 
ATOM   37  N N   . SER A 1 10 ? 15.112  -9.220  -1.692  1.00 14.46 ? 771 SER A N   1 
ATOM   38  C CA  . SER A 1 10 ? 13.905  -9.698  -1.009  1.00 13.21 ? 771 SER A CA  1 
ATOM   39  C C   . SER A 1 10 ? 13.775  -9.074  0.373   1.00 11.96 ? 771 SER A C   1 
ATOM   40  O O   . SER A 1 10 ? 12.690  -8.669  0.787   1.00 11.61 ? 771 SER A O   1 
ATOM   41  C CB  . SER A 1 10 ? 13.924  -11.220 -0.870  1.00 14.73 ? 771 SER A CB  1 
ATOM   42  O OG  . SER A 1 10 ? 13.572  -11.846 -2.084  1.00 19.56 ? 771 SER A OG  1 
ATOM   43  N N   . ARG A 1 11 ? 14.891  -9.006  1.094   1.00 10.78 ? 772 ARG A N   1 
ATOM   44  C CA  . ARG A 1 11 ? 14.886  -8.432  2.424   1.00 9.63  ? 772 ARG A CA  1 
ATOM   45  C C   . ARG A 1 11 ? 14.465  -6.962  2.354   1.00 9.41  ? 772 ARG A C   1 
ATOM   46  O O   . ARG A 1 11 ? 13.655  -6.494  3.164   1.00 10.73 ? 772 ARG A O   1 
ATOM   47  C CB  . ARG A 1 11 ? 16.276  -8.578  3.034   1.00 12.78 ? 772 ARG A CB  1 
ATOM   48  C CG  . ARG A 1 11 ? 16.366  -8.105  4.439   1.00 14.41 ? 772 ARG A CG  1 
ATOM   49  C CD  . ARG A 1 11 ? 17.731  -8.442  5.003   1.00 16.06 ? 772 ARG A CD  1 
ATOM   50  N NE  . ARG A 1 11 ? 17.877  -7.852  6.319   1.00 20.46 ? 772 ARG A NE  1 
ATOM   51  C CZ  . ARG A 1 11 ? 18.860  -8.139  7.160   1.00 17.34 ? 772 ARG A CZ  1 
ATOM   52  N NH1 . ARG A 1 11 ? 19.792  -9.023  6.821   1.00 20.37 ? 772 ARG A NH1 1 
ATOM   53  N NH2 . ARG A 1 11 ? 18.898  -7.544  8.339   1.00 21.53 ? 772 ARG A NH2 1 
ATOM   54  N N   . LEU A 1 12 ? 14.997  -6.242  1.369   1.00 8.05  ? 773 LEU A N   1 
ATOM   55  C CA  . LEU A 1 12 ? 14.661  -4.825  1.200   1.00 6.55  ? 773 LEU A CA  1 
ATOM   56  C C   . LEU A 1 12 ? 13.223  -4.658  0.724   1.00 7.04  ? 773 LEU A C   1 
ATOM   57  O O   . LEU A 1 12 ? 12.508  -3.767  1.188   1.00 7.42  ? 773 LEU A O   1 
ATOM   58  C CB  . LEU A 1 12 ? 15.611  -4.145  0.208   1.00 7.72  ? 773 LEU A CB  1 
ATOM   59  C CG  . LEU A 1 12 ? 17.090  -4.054  0.600   1.00 10.57 ? 773 LEU A CG  1 
ATOM   60  C CD1 . LEU A 1 12 ? 17.854  -3.231  -0.442  1.00 10.73 ? 773 LEU A CD1 1 
ATOM   61  C CD2 . LEU A 1 12 ? 17.242  -3.451  1.985   1.00 13.48 ? 773 LEU A CD2 1 
ATOM   62  N N   . LEU A 1 13 ? 12.795  -5.511  -0.201  1.00 6.20  ? 774 LEU A N   1 
ATOM   63  C CA  . LEU A 1 13 ? 11.437  -5.383  -0.737  1.00 5.86  ? 774 LEU A CA  1 
ATOM   64  C C   . LEU A 1 13 ? 10.396  -5.713  0.325   1.00 6.49  ? 774 LEU A C   1 
ATOM   65  O O   . LEU A 1 13 ? 9.320   -5.112  0.358   1.00 6.76  ? 774 LEU A O   1 
ATOM   66  C CB  . LEU A 1 13 ? 11.248  -6.255  -1.983  1.00 7.33  ? 774 LEU A CB  1 
ATOM   67  C CG  . LEU A 1 13 ? 9.993   -5.968  -2.819  1.00 8.64  ? 774 LEU A CG  1 
ATOM   68  C CD1 . LEU A 1 13 ? 9.866   -4.479  -3.145  1.00 8.60  ? 774 LEU A CD1 1 
ATOM   69  C CD2 . LEU A 1 13 ? 10.042  -6.782  -4.092  1.00 9.54  ? 774 LEU A CD2 1 
ATOM   70  N N   . GLU A 1 14 ? 10.711  -6.669  1.188   1.00 8.28  ? 775 GLU A N   1 
ATOM   71  C CA  . GLU A 1 14 ? 9.829   -7.000  2.303   1.00 10.09 ? 775 GLU A CA  1 
ATOM   72  C C   . GLU A 1 14 ? 9.616   -5.757  3.167   1.00 9.28  ? 775 GLU A C   1 
ATOM   73  O O   . GLU A 1 14 ? 8.486   -5.451  3.554   1.00 8.62  ? 775 GLU A O   1 
ATOM   74  C CB  . GLU A 1 14 ? 10.442  -8.130  3.130   1.00 14.77 ? 775 GLU A CB  1 
ATOM   75  C CG  . GLU A 1 14 ? 9.740   -8.416  4.451   1.00 23.32 ? 775 GLU A CG  1 
ATOM   76  C CD  . GLU A 1 14 ? 8.379   -9.053  4.283   1.00 29.16 ? 775 GLU A CD  1 
ATOM   77  O OE1 . GLU A 1 14 ? 8.114   -9.653  3.220   1.00 32.89 ? 775 GLU A OE1 1 
ATOM   78  O OE2 . GLU A 1 14 ? 7.571   -8.961  5.233   1.00 33.69 ? 775 GLU A OE2 1 
ATOM   79  N N   . LYS A 1 15 ? 10.697  -5.033  3.457   1.00 8.37  ? 776 LYS A N   1 
ATOM   80  C CA  . LYS A 1 15 ? 10.586  -3.809  4.257   1.00 7.62  ? 776 LYS A CA  1 
ATOM   81  C C   . LYS A 1 15 ? 9.807   -2.713  3.524   1.00 7.16  ? 776 LYS A C   1 
ATOM   82  O O   . LYS A 1 15 ? 9.045   -1.970  4.146   1.00 8.50  ? 776 LYS A O   1 
ATOM   83  C CB  . LYS A 1 15 ? 11.974  -3.295  4.671   1.00 11.06 ? 776 LYS A CB  1 
ATOM   84  C CG  . LYS A 1 15 ? 12.709  -4.204  5.674   1.00 15.09 ? 776 LYS A CG  1 
ATOM   85  C CD  . LYS A 1 15 ? 11.889  -4.400  6.958   1.00 22.47 ? 776 LYS A CD  1 
ATOM   86  C CE  . LYS A 1 15 ? 12.649  -5.170  8.027   1.00 25.28 ? 776 LYS A CE  1 
ATOM   87  N NZ  . LYS A 1 15 ? 13.050  -6.534  7.583   1.00 32.41 ? 776 LYS A NZ  1 
ATOM   88  N N   . GLU A 1 16 ? 10.008  -2.606  2.210   1.00 6.22  ? 777 GLU A N   1 
ATOM   89  C CA  . GLU A 1 16 ? 9.259   -1.635  1.419   1.00 6.27  ? 777 GLU A CA  1 
ATOM   90  C C   . GLU A 1 16 ? 7.769   -1.945  1.476   1.00 5.39  ? 777 GLU A C   1 
ATOM   91  O O   . GLU A 1 16 ? 6.944   -1.059  1.693   1.00 5.67  ? 777 GLU A O   1 
ATOM   92  C CB  . GLU A 1 16 ? 9.729   -1.604  -0.040  1.00 5.97  ? 777 GLU A CB  1 
ATOM   93  C CG  . GLU A 1 16 ? 8.891   -0.636  -0.895  1.00 8.23  ? 777 GLU A CG  1 
ATOM   94  C CD  . GLU A 1 16 ? 9.400   -0.458  -2.318  1.00 10.85 ? 777 GLU A CD  1 
ATOM   95  O OE1 . GLU A 1 16 ? 10.631  -0.425  -2.523  1.00 16.37 ? 777 GLU A OE1 1 
ATOM   96  O OE2 . GLU A 1 16 ? 8.564   -0.333  -3.229  1.00 11.42 ? 777 GLU A OE2 1 
ATOM   97  N N   . ASN A 1 17 ? 7.418   -3.211  1.288   1.00 5.01  ? 778 ASN A N   1 
ATOM   98  C CA  . ASN A 1 17 ? 6.012   -3.595  1.314   1.00 2.99  ? 778 ASN A CA  1 
ATOM   99  C C   . ASN A 1 17 ? 5.380   -3.299  2.668   1.00 4.36  ? 778 ASN A C   1 
ATOM   100 O O   . ASN A 1 17 ? 4.240   -2.839  2.747   1.00 5.52  ? 778 ASN A O   1 
ATOM   101 C CB  . ASN A 1 17 ? 5.868   -5.081  0.965   1.00 4.16  ? 778 ASN A CB  1 
ATOM   102 C CG  . ASN A 1 17 ? 6.169   -5.365  -0.492  1.00 5.63  ? 778 ASN A CG  1 
ATOM   103 O OD1 . ASN A 1 17 ? 6.409   -4.442  -1.280  1.00 6.28  ? 778 ASN A OD1 1 
ATOM   104 N ND2 . ASN A 1 17 ? 6.135   -6.633  -0.869  1.00 5.82  ? 778 ASN A ND2 1 
ATOM   105 N N   . ARG A 1 18 ? 6.123   -3.551  3.741   1.00 5.27  ? 779 ARG A N   1 
ATOM   106 C CA  . ARG A 1 18 ? 5.618   -3.255  5.079   1.00 7.76  ? 779 ARG A CA  1 
ATOM   107 C C   . ARG A 1 18 ? 5.340   -1.764  5.217   1.00 8.08  ? 779 ARG A C   1 
ATOM   108 O O   . ARG A 1 18 ? 4.326   -1.361  5.799   1.00 7.19  ? 779 ARG A O   1 
ATOM   109 C CB  . ARG A 1 18 ? 6.630   -3.683  6.147   1.00 10.88 ? 779 ARG A CB  1 
ATOM   110 C CG  . ARG A 1 18 ? 6.808   -5.186  6.312   1.00 19.16 ? 779 ARG A CG  1 
ATOM   111 C CD  . ARG A 1 18 ? 5.565   -5.903  6.865   1.00 26.39 ? 779 ARG A CD  1 
ATOM   112 N NE  . ARG A 1 18 ? 4.542   -6.179  5.848   1.00 30.80 ? 779 ARG A NE  1 
ATOM   113 C CZ  . ARG A 1 18 ? 4.760   -6.827  4.704   1.00 34.28 ? 779 ARG A CZ  1 
ATOM   114 N NH1 . ARG A 1 18 ? 5.975   -7.262  4.394   1.00 32.69 ? 779 ARG A NH1 1 
ATOM   115 N NH2 . ARG A 1 18 ? 3.756   -7.033  3.856   1.00 34.21 ? 779 ARG A NH2 1 
ATOM   116 N N   . GLU A 1 19 ? 6.239   -0.941  4.677   1.00 6.94  ? 780 GLU A N   1 
ATOM   117 C CA  . GLU A 1 19 ? 6.063   0.510   4.752   1.00 6.05  ? 780 GLU A CA  1 
ATOM   118 C C   . GLU A 1 19 ? 4.870   0.952   3.910   1.00 6.18  ? 780 GLU A C   1 
ATOM   119 O O   . GLU A 1 19 ? 4.118   1.839   4.314   1.00 7.72  ? 780 GLU A O   1 
ATOM   120 C CB  . GLU A 1 19 ? 7.331   1.240   4.303   1.00 6.90  ? 780 GLU A CB  1 
ATOM   121 C CG  . GLU A 1 19 ? 7.413   2.687   4.789   1.00 9.08  ? 780 GLU A CG  1 
ATOM   122 C CD  . GLU A 1 19 ? 7.393   2.804   6.313   1.00 12.57 ? 780 GLU A CD  1 
ATOM   123 O OE1 . GLU A 1 19 ? 7.755   1.824   7.007   1.00 16.67 ? 780 GLU A OE1 1 
ATOM   124 O OE2 . GLU A 1 19 ? 7.027   3.883   6.814   1.00 17.12 ? 780 GLU A OE2 1 
ATOM   125 N N   . LEU A 1 20 ? 4.684   0.324   2.752   1.00 5.38  ? 781 LEU A N   1 
ATOM   126 C CA  . LEU A 1 20 ? 3.536   0.645   1.900   1.00 3.81  ? 781 LEU A CA  1 
ATOM   127 C C   . LEU A 1 20 ? 2.232   0.285   2.606   1.00 5.34  ? 781 LEU A C   1 
ATOM   128 O O   . LEU A 1 20 ? 1.229   0.987   2.446   1.00 5.99  ? 781 LEU A O   1 
ATOM   129 C CB  . LEU A 1 20 ? 3.637   -0.068  0.546   1.00 3.11  ? 781 LEU A CB  1 
ATOM   130 C CG  . LEU A 1 20 ? 4.759   0.383   -0.401  1.00 3.72  ? 781 LEU A CG  1 
ATOM   131 C CD1 . LEU A 1 20 ? 4.770   -0.471  -1.661  1.00 6.10  ? 781 LEU A CD1 1 
ATOM   132 C CD2 . LEU A 1 20 ? 4.596   1.853   -0.771  1.00 5.58  ? 781 LEU A CD2 1 
ATOM   133 N N   . GLU A 1 21 ? 2.241   -0.787  3.403   1.00 4.76  ? 782 GLU A N   1 
ATOM   134 C CA  . GLU A 1 21 ? 1.042   -1.157  4.165   1.00 6.97  ? 782 GLU A CA  1 
ATOM   135 C C   . GLU A 1 21 ? 0.734   -0.097  5.211   1.00 7.18  ? 782 GLU A C   1 
ATOM   136 O O   . GLU A 1 21 ? -0.434  0.209   5.471   1.00 7.57  ? 782 GLU A O   1 
ATOM   137 C CB  . GLU A 1 21 ? 1.203   -2.527  4.834   1.00 8.30  ? 782 GLU A CB  1 
ATOM   138 C CG  . GLU A 1 21 ? 1.100   -3.694  3.875   1.00 10.44 ? 782 GLU A CG  1 
ATOM   139 C CD  . GLU A 1 21 ? 0.787   -5.000  4.575   1.00 17.32 ? 782 GLU A CD  1 
ATOM   140 O OE1 . GLU A 1 21 ? 0.063   -4.978  5.603   1.00 19.44 ? 782 GLU A OE1 1 
ATOM   141 O OE2 . GLU A 1 21 ? 1.250   -6.048  4.089   1.00 17.04 ? 782 GLU A OE2 1 
ATOM   142 N N   . LYS A 1 22 ? 1.778   0.463   5.813   1.00 7.92  ? 783 LYS A N   1 
ATOM   143 C CA  . LYS A 1 22 ? 1.602   1.538   6.792   1.00 9.43  ? 783 LYS A CA  1 
ATOM   144 C C   . LYS A 1 22 ? 1.017   2.777   6.114   1.00 9.01  ? 783 LYS A C   1 
ATOM   145 O O   . LYS A 1 22 ? 0.131   3.433   6.665   1.00 8.40  ? 783 LYS A O   1 
ATOM   146 C CB  . LYS A 1 22 ? 2.934   1.880   7.478   1.00 11.89 ? 783 LYS A CB  1 
ATOM   147 C CG  . LYS A 1 22 ? 3.444   0.804   8.414   1.00 17.06 ? 783 LYS A CG  1 
ATOM   148 C CD  . LYS A 1 22 ? 4.786   1.189   9.028   1.00 22.64 ? 783 LYS A CD  1 
ATOM   149 C CE  . LYS A 1 22 ? 5.342   0.062   9.893   1.00 30.11 ? 783 LYS A CE  1 
ATOM   150 N NZ  . LYS A 1 22 ? 4.286   -0.574  10.749  1.00 33.98 ? 783 LYS A NZ  1 
ATOM   151 N N   . ILE A 1 23 ? 1.505   3.082   4.913   1.00 7.18  ? 784 ILE A N   1 
ATOM   152 C CA  . ILE A 1 23 ? 1.011   4.221   4.142   1.00 6.85  ? 784 ILE A CA  1 
ATOM   153 C C   . ILE A 1 23 ? -0.464  4.006   3.796   1.00 7.00  ? 784 ILE A C   1 
ATOM   154 O O   . ILE A 1 23 ? -1.274  4.930   3.882   1.00 7.21  ? 784 ILE A O   1 
ATOM   155 C CB  . ILE A 1 23 ? 1.850   4.436   2.856   1.00 7.15  ? 784 ILE A CB  1 
ATOM   156 C CG1 . ILE A 1 23 ? 3.239   4.959   3.229   1.00 8.03  ? 784 ILE A CG1 1 
ATOM   157 C CG2 . ILE A 1 23 ? 1.145   5.395   1.891   1.00 7.01  ? 784 ILE A CG2 1 
ATOM   158 C CD1 . ILE A 1 23 ? 4.250   4.937   2.082   1.00 8.75  ? 784 ILE A CD1 1 
ATOM   159 N N   . ILE A 1 24 ? -0.806  2.779   3.414   1.00 5.86  ? 785 ILE A N   1 
ATOM   160 C CA  . ILE A 1 24 ? -2.185  2.436   3.087   1.00 5.10  ? 785 ILE A CA  1 
ATOM   161 C C   . ILE A 1 24 ? -3.093  2.631   4.304   1.00 6.93  ? 785 ILE A C   1 
ATOM   162 O O   . ILE A 1 24 ? -4.176  3.214   4.192   1.00 6.71  ? 785 ILE A O   1 
ATOM   163 C CB  . ILE A 1 24 ? -2.271  0.996   2.533   1.00 5.43  ? 785 ILE A CB  1 
ATOM   164 C CG1 . ILE A 1 24 ? -1.702  0.973   1.108   1.00 5.46  ? 785 ILE A CG1 1 
ATOM   165 C CG2 . ILE A 1 24 ? -3.700  0.495   2.534   1.00 6.31  ? 785 ILE A CG2 1 
ATOM   166 C CD1 . ILE A 1 24 ? -1.435  -0.420  0.558   1.00 5.16  ? 785 ILE A CD1 1 
ATOM   167 N N   . ALA A 1 25 ? -2.648  2.160   5.467   1.00 6.47  ? 786 ALA A N   1 
ATOM   168 C CA  . ALA A 1 25 ? -3.437  2.325   6.691   1.00 6.40  ? 786 ALA A CA  1 
ATOM   169 C C   . ALA A 1 25 ? -3.610  3.811   7.018   1.00 8.39  ? 786 ALA A C   1 
ATOM   170 O O   . ALA A 1 25 ? -4.695  4.253   7.423   1.00 7.48  ? 786 ALA A O   1 
ATOM   171 C CB  . ALA A 1 25 ? -2.787  1.595   7.848   1.00 8.81  ? 786 ALA A CB  1 
ATOM   172 N N   . GLU A 1 26 ? -2.547  4.586   6.826   1.00 6.61  ? 787 GLU A N   1 
ATOM   173 C CA  . GLU A 1 26 ? -2.609  6.019   7.091   1.00 7.54  ? 787 GLU A CA  1 
ATOM   174 C C   . GLU A 1 26 ? -3.598  6.713   6.167   1.00 8.09  ? 787 GLU A C   1 
ATOM   175 O O   . GLU A 1 26 ? -4.372  7.573   6.606   1.00 8.81  ? 787 GLU A O   1 
ATOM   176 C CB  . GLU A 1 26 ? -1.223  6.645   6.955   1.00 9.59  ? 787 GLU A CB  1 
ATOM   177 C CG  . GLU A 1 26 ? -0.311  6.297   8.110   1.00 10.69 ? 787 GLU A CG  1 
ATOM   178 C CD  . GLU A 1 26 ? 1.131   6.669   7.843   1.00 13.29 ? 787 GLU A CD  1 
ATOM   179 O OE1 . GLU A 1 26 ? 1.385   7.421   6.881   1.00 14.57 ? 787 GLU A OE1 1 
ATOM   180 O OE2 . GLU A 1 26 ? 2.003   6.199   8.600   1.00 17.04 ? 787 GLU A OE2 1 
ATOM   181 N N   . LYS A 1 27 ? -3.590  6.328   4.895   1.00 6.44  ? 788 LYS A N   1 
ATOM   182 C CA  . LYS A 1 27 ? -4.488  6.945   3.923   1.00 6.47  ? 788 LYS A CA  1 
ATOM   183 C C   . LYS A 1 27 ? -5.941  6.546   4.163   1.00 5.95  ? 788 LYS A C   1 
ATOM   184 O O   . LYS A 1 27 ? -6.834  7.380   4.042   1.00 6.72  ? 788 LYS A O   1 
ATOM   185 C CB  . LYS A 1 27 ? -4.066  6.600   2.491   1.00 7.05  ? 788 LYS A CB  1 
ATOM   186 C CG  . LYS A 1 27 ? -2.782  7.299   2.053   1.00 7.51  ? 788 LYS A CG  1 
ATOM   187 C CD  . LYS A 1 27 ? -2.380  6.884   0.640   1.00 8.54  ? 788 LYS A CD  1 
ATOM   188 C CE  . LYS A 1 27 ? -1.099  7.579   0.176   1.00 13.28 ? 788 LYS A CE  1 
ATOM   189 N NZ  . LYS A 1 27 ? -1.265  9.059   0.038   1.00 13.48 ? 788 LYS A NZ  1 
ATOM   190 N N   . GLU A 1 28 ? -6.183  5.283   4.519   1.00 6.48  ? 789 GLU A N   1 
ATOM   191 C CA  . GLU A 1 28 ? -7.552  4.848   4.829   1.00 5.77  ? 789 GLU A CA  1 
ATOM   192 C C   . GLU A 1 28 ? -8.072  5.580   6.058   1.00 7.92  ? 789 GLU A C   1 
ATOM   193 O O   . GLU A 1 28 ? -9.231  5.983   6.101   1.00 7.99  ? 789 GLU A O   1 
ATOM   194 C CB  . GLU A 1 28 ? -7.625  3.332   5.068   1.00 6.56  ? 789 GLU A CB  1 
ATOM   195 C CG  . GLU A 1 28 ? -7.469  2.475   3.826   1.00 9.93  ? 789 GLU A CG  1 
ATOM   196 C CD  . GLU A 1 28 ? -8.750  2.328   3.010   1.00 9.41  ? 789 GLU A CD  1 
ATOM   197 O OE1 . GLU A 1 28 ? -9.642  3.207   3.074   1.00 11.59 ? 789 GLU A OE1 1 
ATOM   198 O OE2 . GLU A 1 28 ? -8.852  1.333   2.270   1.00 12.92 ? 789 GLU A OE2 1 
ATOM   199 N N   . GLU A 1 29 ? -7.216  5.753   7.063   1.00 7.28  ? 790 GLU A N   1 
ATOM   200 C CA  . GLU A 1 29 ? -7.637  6.469   8.267   1.00 8.32  ? 790 GLU A CA  1 
ATOM   201 C C   . GLU A 1 29 ? -7.954  7.927   7.936   1.00 9.84  ? 790 GLU A C   1 
ATOM   202 O O   . GLU A 1 29 ? -8.920  8.486   8.454   1.00 10.57 ? 790 GLU A O   1 
ATOM   203 C CB  . GLU A 1 29 ? -6.573  6.358   9.361   1.00 11.62 ? 790 GLU A CB  1 
ATOM   204 C CG  . GLU A 1 29 ? -6.938  7.025   10.686  1.00 11.98 ? 790 GLU A CG  1 
ATOM   205 C CD  . GLU A 1 29 ? -8.297  6.611   11.235  1.00 17.33 ? 790 GLU A CD  1 
ATOM   206 O OE1 . GLU A 1 29 ? -8.713  5.446   11.050  1.00 17.24 ? 790 GLU A OE1 1 
ATOM   207 O OE2 . GLU A 1 29 ? -8.953  7.458   11.879  1.00 21.01 ? 790 GLU A OE2 1 
ATOM   208 N N   . ARG A 1 30 ? -7.157  8.538   7.059   1.00 7.66  ? 791 ARG A N   1 
ATOM   209 C CA  . ARG A 1 30 ? -7.431  9.909   6.632   1.00 9.99  ? 791 ARG A CA  1 
ATOM   210 C C   . ARG A 1 30 ? -8.772  10.010  5.900   1.00 8.61  ? 791 ARG A C   1 
ATOM   211 O O   . ARG A 1 30 ? -9.535  10.943  6.139   1.00 8.87  ? 791 ARG A O   1 
ATOM   212 C CB  . ARG A 1 30 ? -6.299  10.458  5.756   1.00 9.86  ? 791 ARG A CB  1 
ATOM   213 C CG  . ARG A 1 30 ? -6.457  11.928  5.404   1.00 13.55 ? 791 ARG A CG  1 
ATOM   214 C CD  . ARG A 1 30 ? -6.624  12.756  6.661   1.00 15.92 ? 791 ARG A CD  1 
ATOM   215 N NE  . ARG A 1 30 ? -6.868  14.161  6.368   1.00 21.01 ? 791 ARG A NE  1 
ATOM   216 C CZ  . ARG A 1 30 ? -7.341  15.025  7.253   1.00 24.25 ? 791 ARG A CZ  1 
ATOM   217 N NH1 . ARG A 1 30 ? -7.623  14.621  8.490   1.00 24.48 ? 791 ARG A NH1 1 
ATOM   218 N NH2 . ARG A 1 30 ? -7.532  16.289  6.902   1.00 24.30 ? 791 ARG A NH2 1 
ATOM   219 N N   . VAL A 1 31 ? -9.063  9.048   5.021   1.00 7.34  ? 792 VAL A N   1 
ATOM   220 C CA  . VAL A 1 31 ? -10.352 9.045   4.314   1.00 7.41  ? 792 VAL A CA  1 
ATOM   221 C C   . VAL A 1 31 ? -11.480 8.915   5.332   1.00 7.36  ? 792 VAL A C   1 
ATOM   222 O O   . VAL A 1 31 ? -12.531 9.546   5.198   1.00 7.88  ? 792 VAL A O   1 
ATOM   223 C CB  . VAL A 1 31 ? -10.445 7.895   3.286   1.00 6.05  ? 792 VAL A CB  1 
ATOM   224 C CG1 . VAL A 1 31 ? -11.884 7.739   2.760   1.00 8.24  ? 792 VAL A CG1 1 
ATOM   225 C CG2 . VAL A 1 31 ? -9.508  8.160   2.120   1.00 7.37  ? 792 VAL A CG2 1 
ATOM   226 N N   . SER A 1 32 ? -11.254 8.089   6.350   1.00 8.02  ? 793 SER A N   1 
ATOM   227 C CA  . SER A 1 32 ? -12.243 7.906   7.416   1.00 6.16  ? 793 SER A CA  1 
ATOM   228 C C   . SER A 1 32 ? -12.465 9.200   8.190   1.00 9.31  ? 793 SER A C   1 
ATOM   229 O O   . SER A 1 32 ? -13.603 9.559   8.497   1.00 9.54  ? 793 SER A O   1 
ATOM   230 C CB  . SER A 1 32 ? -11.806 6.786   8.360   1.00 8.33  ? 793 SER A CB  1 
ATOM   231 O OG  . SER A 1 32 ? -12.747 6.628   9.406   1.00 13.34 ? 793 SER A OG  1 
ATOM   232 N N   . GLU A 1 33 ? -11.372 9.897   8.503   1.00 9.52  ? 794 GLU A N   1 
ATOM   233 C CA  . GLU A 1 33 ? -11.449 11.170  9.218   1.00 11.21 ? 794 GLU A CA  1 
ATOM   234 C C   . GLU A 1 33 ? -12.257 12.178  8.421   1.00 11.20 ? 794 GLU A C   1 
ATOM   235 O O   . GLU A 1 33 ? -13.069 12.917  8.982   1.00 12.71 ? 794 GLU A O   1 
ATOM   236 C CB  . GLU A 1 33 ? -10.045 11.723  9.483   1.00 13.07 ? 794 GLU A CB  1 
ATOM   237 C CG  . GLU A 1 33 ? -9.243  10.905  10.481  1.00 17.37 ? 794 GLU A CG  1 
ATOM   238 C CD  . GLU A 1 33 ? -7.837  11.436  10.699  1.00 22.58 ? 794 GLU A CD  1 
ATOM   239 O OE1 . GLU A 1 33 ? -7.374  12.279  9.898   1.00 23.61 ? 794 GLU A OE1 1 
ATOM   240 O OE2 . GLU A 1 33 ? -7.192  11.001  11.677  1.00 25.48 ? 794 GLU A OE2 1 
ATOM   241 N N   . LEU A 1 34 ? -12.038 12.199  7.107   1.00 9.83  ? 795 LEU A N   1 
ATOM   242 C CA  . LEU A 1 34 ? -12.744 13.123  6.225   1.00 11.03 ? 795 LEU A CA  1 
ATOM   243 C C   . LEU A 1 34 ? -14.232 12.782  6.165   1.00 11.49 ? 795 LEU A C   1 
ATOM   244 O O   . LEU A 1 34 ? -15.088 13.668  6.144   1.00 12.28 ? 795 LEU A O   1 
ATOM   245 C CB  . LEU A 1 34 ? -12.132 13.102  4.824   1.00 11.89 ? 795 LEU A CB  1 
ATOM   246 C CG  . LEU A 1 34 ? -10.687 13.607  4.716   1.00 14.95 ? 795 LEU A CG  1 
ATOM   247 C CD1 . LEU A 1 34 ? -10.142 13.366  3.315   1.00 16.66 ? 795 LEU A CD1 1 
ATOM   248 C CD2 . LEU A 1 34 ? -10.613 15.085  5.076   1.00 17.33 ? 795 LEU A CD2 1 
ATOM   249 N N   . ARG A 1 35 ? -14.544 11.493  6.154   1.00 8.87  ? 796 ARG A N   1 
ATOM   250 C CA  . ARG A 1 35 ? -15.948 11.078  6.117   1.00 9.06  ? 796 ARG A CA  1 
ATOM   251 C C   . ARG A 1 35 ? -16.648 11.397  7.434   1.00 10.62 ? 796 ARG A C   1 
ATOM   252 O O   . ARG A 1 35 ? -17.838 11.720  7.445   1.00 12.30 ? 796 ARG A O   1 
ATOM   253 C CB  . ARG A 1 35 ? -16.064 9.595   5.736   1.00 7.35  ? 796 ARG A CB  1 
ATOM   254 C CG  . ARG A 1 35 ? -15.758 9.391   4.252   1.00 8.58  ? 796 ARG A CG  1 
ATOM   255 C CD  . ARG A 1 35 ? -15.768 7.948   3.785   1.00 8.65  ? 796 ARG A CD  1 
ATOM   256 N NE  . ARG A 1 35 ? -15.796 7.893   2.320   1.00 10.08 ? 796 ARG A NE  1 
ATOM   257 C CZ  . ARG A 1 35 ? -15.428 6.845   1.588   1.00 11.63 ? 796 ARG A CZ  1 
ATOM   258 N NH1 . ARG A 1 35 ? -14.980 5.736   2.162   1.00 11.68 ? 796 ARG A NH1 1 
ATOM   259 N NH2 . ARG A 1 35 ? -15.504 6.909   0.264   1.00 15.34 ? 796 ARG A NH2 1 
ATOM   260 N N   . HIS A 1 36 ? -15.906 11.338  8.537   1.00 11.83 ? 797 HIS A N   1 
ATOM   261 C CA  . HIS A 1 36 ? -16.448 11.719  9.839   1.00 13.99 ? 797 HIS A CA  1 
ATOM   262 C C   . HIS A 1 36 ? -16.802 13.209  9.825   1.00 16.02 ? 797 HIS A C   1 
ATOM   263 O O   . HIS A 1 36 ? -17.769 13.638  10.461  1.00 16.88 ? 797 HIS A O   1 
ATOM   264 C CB  . HIS A 1 36 ? -15.444 11.414  10.953  1.00 16.97 ? 797 HIS A CB  1 
ATOM   265 C CG  . HIS A 1 36 ? -15.906 11.839  12.314  1.00 20.96 ? 797 HIS A CG  1 
ATOM   266 N ND1 . HIS A 1 36 ? -17.025 11.309  12.917  1.00 26.16 ? 797 HIS A ND1 1 
ATOM   267 C CD2 . HIS A 1 36 ? -15.408 12.748  13.185  1.00 25.63 ? 797 HIS A CD2 1 
ATOM   268 C CE1 . HIS A 1 36 ? -17.198 11.872  14.100  1.00 26.21 ? 797 HIS A CE1 1 
ATOM   269 N NE2 . HIS A 1 36 ? -16.228 12.748  14.287  1.00 25.38 ? 797 HIS A NE2 1 
ATOM   270 N N   . GLN A 1 37 ? -16.024 13.991  9.080   1.00 17.09 ? 798 GLN A N   1 
ATOM   271 C CA  . GLN A 1 37 ? -16.268 15.431  8.981   1.00 19.64 ? 798 GLN A CA  1 
ATOM   272 C C   . GLN A 1 37 ? -17.485 15.777  8.128   1.00 21.43 ? 798 GLN A C   1 
ATOM   273 O O   . GLN A 1 37 ? -18.031 16.875  8.249   1.00 22.79 ? 798 GLN A O   1 
ATOM   274 C CB  . GLN A 1 37 ? -15.034 16.150  8.443   1.00 21.86 ? 798 GLN A CB  1 
ATOM   275 C CG  . GLN A 1 37 ? -13.855 16.153  9.395   1.00 26.69 ? 798 GLN A CG  1 
ATOM   276 C CD  . GLN A 1 37 ? -12.619 16.687  8.727   1.00 32.72 ? 798 GLN A CD  1 
ATOM   277 O OE1 . GLN A 1 37 ? -12.721 17.426  7.753   1.00 37.57 ? 798 GLN A OE1 1 
ATOM   278 N NE2 . GLN A 1 37 ? -11.446 16.318  9.230   1.00 34.06 ? 798 GLN A NE2 1 
ATOM   279 N N   . LEU A 1 38 ? -17.908 14.854  7.263   1.00 20.05 ? 799 LEU A N   1 
ATOM   280 C CA  . LEU A 1 38 ? -19.108 15.069  6.451   1.00 24.40 ? 799 LEU A CA  1 
ATOM   281 C C   . LEU A 1 38 ? -20.337 15.208  7.335   1.00 27.95 ? 799 LEU A C   1 
ATOM   282 O O   . LEU A 1 38 ? -21.182 16.066  7.094   1.00 29.40 ? 799 LEU A O   1 
ATOM   283 C CB  . LEU A 1 38 ? -19.335 13.921  5.464   1.00 22.99 ? 799 LEU A CB  1 
ATOM   284 C CG  . LEU A 1 38 ? -18.516 13.828  4.179   1.00 23.97 ? 799 LEU A CG  1 
ATOM   285 C CD1 . LEU A 1 38 ? -18.775 12.474  3.521   1.00 22.57 ? 799 LEU A CD1 1 
ATOM   286 C CD2 . LEU A 1 38 ? -18.865 14.974  3.233   1.00 24.50 ? 799 LEU A CD2 1 
ATOM   287 N N   . GLN A 1 39 ? -20.431 14.350  8.349   1.00 32.92 ? 800 GLN A N   1 
ATOM   288 C CA  . GLN A 1 39 ? -21.567 14.356  9.270   1.00 39.55 ? 800 GLN A CA  1 
ATOM   289 C C   . GLN A 1 39 ? -21.565 15.642  10.084  1.00 41.94 ? 800 GLN A C   1 
ATOM   290 O O   . GLN A 1 39 ? -22.378 16.538  9.850   1.00 43.55 ? 800 GLN A O   1 
ATOM   291 C CB  . GLN A 1 39 ? -21.496 13.176  10.234  1.00 41.41 ? 800 GLN A CB  1 
ATOM   292 C CG  . GLN A 1 39 ? -21.007 11.875  9.647   1.00 43.91 ? 800 GLN A CG  1 
ATOM   293 C CD  . GLN A 1 39 ? -20.799 10.833  10.720  1.00 47.61 ? 800 GLN A CD  1 
ATOM   294 O OE1 . GLN A 1 39 ? -20.046 11.046  11.672  1.00 50.33 ? 800 GLN A OE1 1 
ATOM   295 N NE2 . GLN A 1 39 ? -21.476 9.702   10.584  1.00 48.69 ? 800 GLN A NE2 1 
ATOM   296 N N   . SER A 1 40 ? -20.640 15.719  11.039  1.00 44.80 ? 801 SER A N   1 
ATOM   297 C CA  . SER A 1 40 ? -20.520 16.873  11.925  1.00 47.83 ? 801 SER A CA  1 
ATOM   298 C C   . SER A 1 40 ? -20.127 18.133  11.161  1.00 49.20 ? 801 SER A C   1 
ATOM   299 O O   . SER A 1 40 ? -20.967 19.031  10.995  1.00 50.47 ? 801 SER A O   1 
ATOM   300 C CB  . SER A 1 40 ? -19.501 16.584  13.033  1.00 48.93 ? 801 SER A CB  1 
ATOM   301 O OG  . SER A 1 40 ? -18.234 16.254  12.490  1.00 47.70 ? 801 SER A OG  1 
ATOM   302 N N   . SER B 2 1  ? 17.711  -26.329 -3.750  1.00 27.14 ? 779 SER B N   1 
ATOM   303 C CA  . SER B 2 1  ? 16.327  -25.892 -4.069  1.00 19.95 ? 779 SER B CA  1 
ATOM   304 C C   . SER B 2 1  ? 15.959  -24.652 -3.257  1.00 17.45 ? 779 SER B C   1 
ATOM   305 O O   . SER B 2 1  ? 14.957  -23.997 -3.528  1.00 13.84 ? 779 SER B O   1 
ATOM   306 C CB  . SER B 2 1  ? 15.338  -27.023 -3.834  1.00 25.69 ? 779 SER B CB  1 
ATOM   307 O OG  . SER B 2 1  ? 14.138  -26.791 -4.533  1.00 29.32 ? 779 SER B OG  1 
ATOM   308 N N   . VAL B 2 2  ? 16.795  -24.321 -2.273  1.00 15.17 ? 780 VAL B N   1 
ATOM   309 C CA  . VAL B 2 2  ? 16.620  -23.075 -1.523  1.00 14.71 ? 780 VAL B CA  1 
ATOM   310 C C   . VAL B 2 2  ? 16.886  -21.868 -2.429  1.00 12.88 ? 780 VAL B C   1 
ATOM   311 O O   . VAL B 2 2  ? 16.396  -20.770 -2.164  1.00 13.45 ? 780 VAL B O   1 
ATOM   312 C CB  . VAL B 2 2  ? 17.542  -22.984 -0.278  1.00 14.90 ? 780 VAL B CB  1 
ATOM   313 C CG1 . VAL B 2 2  ? 17.060  -23.936 0.828   1.00 16.20 ? 780 VAL B CG1 1 
ATOM   314 C CG2 . VAL B 2 2  ? 18.996  -23.258 -0.652  1.00 16.77 ? 780 VAL B CG2 1 
ATOM   315 N N   . ASN B 2 3  ? 17.657  -22.073 -3.499  1.00 11.76 ? 781 ASN B N   1 
ATOM   316 C CA  . ASN B 2 3  ? 17.943  -20.994 -4.448  1.00 11.86 ? 781 ASN B CA  1 
ATOM   317 C C   . ASN B 2 3  ? 16.699  -20.661 -5.254  1.00 9.79  ? 781 ASN B C   1 
ATOM   318 O O   . ASN B 2 3  ? 16.390  -19.486 -5.487  1.00 9.82  ? 781 ASN B O   1 
ATOM   319 C CB  . ASN B 2 3  ? 19.086  -21.383 -5.389  1.00 12.07 ? 781 ASN B CB  1 
ATOM   320 C CG  . ASN B 2 3  ? 20.380  -21.659 -4.651  1.00 18.16 ? 781 ASN B CG  1 
ATOM   321 O OD1 . ASN B 2 3  ? 21.096  -22.613 -4.968  1.00 22.74 ? 781 ASN B OD1 1 
ATOM   322 N ND2 . ASN B 2 3  ? 20.686  -20.833 -3.662  1.00 18.21 ? 781 ASN B ND2 1 
ATOM   323 N N   . GLN B 2 4  ? 15.990  -21.700 -5.686  1.00 9.62  ? 782 GLN B N   1 
ATOM   324 C CA  . GLN B 2 4  ? 14.737  -21.516 -6.411  1.00 8.80  ? 782 GLN B CA  1 
ATOM   325 C C   . GLN B 2 4  ? 13.689  -20.910 -5.480  1.00 9.00  ? 782 GLN B C   1 
ATOM   326 O O   . GLN B 2 4  ? 12.884  -20.070 -5.902  1.00 8.16  ? 782 GLN B O   1 
ATOM   327 C CB  . GLN B 2 4  ? 14.245  -22.839 -7.007  1.00 12.63 ? 782 GLN B CB  1 
ATOM   328 C CG  . GLN B 2 4  ? 15.065  -23.321 -8.215  1.00 15.99 ? 782 GLN B CG  1 
ATOM   329 C CD  . GLN B 2 4  ? 14.900  -22.441 -9.456  1.00 19.17 ? 782 GLN B CD  1 
ATOM   330 O OE1 . GLN B 2 4  ? 14.366  -21.342 -9.376  1.00 19.44 ? 782 GLN B OE1 1 
ATOM   331 N NE2 . GLN B 2 4  ? 15.362  -22.918 -10.601 1.00 17.05 ? 782 GLN B NE2 1 
ATOM   332 N N   . ALA B 2 5  ? 13.720  -21.313 -4.211  1.00 8.41  ? 783 ALA B N   1 
ATOM   333 C CA  . ALA B 2 5  ? 12.794  -20.770 -3.220  1.00 8.67  ? 783 ALA B CA  1 
ATOM   334 C C   . ALA B 2 5  ? 13.000  -19.269 -3.078  1.00 8.00  ? 783 ALA B C   1 
ATOM   335 O O   . ALA B 2 5  ? 12.038  -18.503 -3.007  1.00 7.01  ? 783 ALA B O   1 
ATOM   336 C CB  . ALA B 2 5  ? 12.992  -21.457 -1.880  1.00 9.18  ? 783 ALA B CB  1 
ATOM   337 N N   . SER B 2 6  ? 14.262  -18.846 -3.048  1.00 8.00  ? 784 SER B N   1 
ATOM   338 C CA  . SER B 2 6  ? 14.578  -17.422 -2.917  1.00 8.10  ? 784 SER B CA  1 
ATOM   339 C C   . SER B 2 6  ? 14.082  -16.628 -4.121  1.00 7.90  ? 784 SER B C   1 
ATOM   340 O O   . SER B 2 6  ? 13.599  -15.506 -3.987  1.00 7.91  ? 784 SER B O   1 
ATOM   341 C CB  . SER B 2 6  ? 16.082  -17.220 -2.741  1.00 10.53 ? 784 SER B CB  1 
ATOM   342 O OG  . SER B 2 6  ? 16.475  -17.555 -1.421  1.00 15.65 ? 784 SER B OG  1 
ATOM   343 N N   . THR B 2 7  ? 14.196  -17.225 -5.303  1.00 7.04  ? 785 THR B N   1 
ATOM   344 C CA  . THR B 2 7  ? 13.741  -16.570 -6.520  1.00 5.92  ? 785 THR B CA  1 
ATOM   345 C C   . THR B 2 7  ? 12.228  -16.398 -6.502  1.00 6.36  ? 785 THR B C   1 
ATOM   346 O O   . THR B 2 7  ? 11.713  -15.337 -6.864  1.00 7.38  ? 785 THR B O   1 
ATOM   347 C CB  . THR B 2 7  ? 14.193  -17.368 -7.746  1.00 6.59  ? 785 THR B CB  1 
ATOM   348 O OG1 . THR B 2 7  ? 15.621  -17.331 -7.800  1.00 7.92  ? 785 THR B OG1 1 
ATOM   349 C CG2 . THR B 2 7  ? 13.624  -16.773 -9.036  1.00 9.67  ? 785 THR B CG2 1 
ATOM   350 N N   . SER B 2 8  ? 11.523  -17.437 -6.064  1.00 6.25  ? 786 SER B N   1 
ATOM   351 C CA  . SER B 2 8  ? 10.067  -17.379 -5.955  1.00 6.27  ? 786 SER B CA  1 
ATOM   352 C C   . SER B 2 8  ? 9.665   -16.333 -4.937  1.00 6.54  ? 786 SER B C   1 
ATOM   353 O O   . SER B 2 8  ? 8.707   -15.593 -5.151  1.00 6.74  ? 786 SER B O   1 
ATOM   354 C CB  . SER B 2 8  ? 9.500   -18.738 -5.543  1.00 7.42  ? 786 SER B CB  1 
ATOM   355 O OG  . SER B 2 8  ? 9.645   -19.686 -6.583  1.00 8.92  ? 786 SER B OG  1 
ATOM   356 N N   . ARG B 2 9  ? 10.385  -16.282 -3.816  1.00 7.22  ? 787 ARG B N   1 
ATOM   357 C CA  . ARG B 2 9  ? 10.078  -15.297 -2.779  1.00 7.37  ? 787 ARG B CA  1 
ATOM   358 C C   . ARG B 2 9  ? 10.131  -13.879 -3.350  1.00 7.04  ? 787 ARG B C   1 
ATOM   359 O O   . ARG B 2 9  ? 9.213   -13.077 -3.141  1.00 6.21  ? 787 ARG B O   1 
ATOM   360 C CB  . ARG B 2 9  ? 11.047  -15.427 -1.591  1.00 8.92  ? 787 ARG B CB  1 
ATOM   361 C CG  . ARG B 2 9  ? 10.703  -14.472 -0.442  1.00 15.77 ? 787 ARG B CG  1 
ATOM   362 C CD  . ARG B 2 9  ? 11.621  -14.626 0.766   1.00 23.32 ? 787 ARG B CD  1 
ATOM   363 N NE  . ARG B 2 9  ? 11.044  -13.967 1.940   1.00 31.14 ? 787 ARG B NE  1 
ATOM   364 C CZ  . ARG B 2 9  ? 11.400  -12.769 2.401   1.00 35.32 ? 787 ARG B CZ  1 
ATOM   365 N NH1 . ARG B 2 9  ? 12.358  -12.068 1.807   1.00 37.08 ? 787 ARG B NH1 1 
ATOM   366 N NH2 . ARG B 2 9  ? 10.790  -12.266 3.467   1.00 38.80 ? 787 ARG B NH2 1 
ATOM   367 N N   . LEU B 2 10 ? 11.197  -13.573 -4.083  1.00 5.59  ? 788 LEU B N   1 
ATOM   368 C CA  . LEU B 2 10 ? 11.340  -12.243 -4.676  1.00 6.06  ? 788 LEU B CA  1 
ATOM   369 C C   . LEU B 2 10 ? 10.210  -11.933 -5.652  1.00 5.36  ? 788 LEU B C   1 
ATOM   370 O O   . LEU B 2 10 ? 9.648   -10.834 -5.627  1.00 5.86  ? 788 LEU B O   1 
ATOM   371 C CB  . LEU B 2 10 ? 12.691  -12.095 -5.381  1.00 6.97  ? 788 LEU B CB  1 
ATOM   372 C CG  . LEU B 2 10 ? 12.951  -10.709 -5.982  1.00 7.56  ? 788 LEU B CG  1 
ATOM   373 C CD1 . LEU B 2 10 ? 12.888  -9.630  -4.903  1.00 8.86  ? 788 LEU B CD1 1 
ATOM   374 C CD2 . LEU B 2 10 ? 14.320  -10.705 -6.668  1.00 10.80 ? 788 LEU B CD2 1 
ATOM   375 N N   . GLU B 2 11 ? 9.875   -12.889 -6.512  1.00 5.68  ? 789 GLU B N   1 
ATOM   376 C CA  . GLU B 2 11 ? 8.788   -12.669 -7.473  1.00 6.43  ? 789 GLU B CA  1 
ATOM   377 C C   . GLU B 2 11 ? 7.477   -12.403 -6.754  1.00 5.46  ? 789 GLU B C   1 
ATOM   378 O O   . GLU B 2 11 ? 6.700   -11.531 -7.160  1.00 7.20  ? 789 GLU B O   1 
ATOM   379 C CB  . GLU B 2 11 ? 8.637   -13.861 -8.424  1.00 7.32  ? 789 GLU B CB  1 
ATOM   380 C CG  . GLU B 2 11 ? 9.840   -14.070 -9.322  1.00 10.14 ? 789 GLU B CG  1 
ATOM   381 C CD  . GLU B 2 11 ? 9.628   -15.151 -10.364 1.00 15.74 ? 789 GLU B CD  1 
ATOM   382 O OE1 . GLU B 2 11 ? 8.953   -16.153 -10.059 1.00 16.66 ? 789 GLU B OE1 1 
ATOM   383 O OE2 . GLU B 2 11 ? 10.152  -15.003 -11.490 1.00 16.33 ? 789 GLU B OE2 1 
ATOM   384 N N   . GLY B 2 12 ? 7.228   -13.158 -5.685  1.00 6.71  ? 790 GLY B N   1 
ATOM   385 C CA  . GLY B 2 12 ? 6.013   -12.973 -4.897  1.00 4.82  ? 790 GLY B CA  1 
ATOM   386 C C   . GLY B 2 12 ? 5.969   -11.603 -4.247  1.00 5.56  ? 790 GLY B C   1 
ATOM   387 O O   . GLY B 2 12 ? 4.922   -10.956 -4.219  1.00 6.73  ? 790 GLY B O   1 
ATOM   388 N N   . LEU B 2 13 ? 7.110   -11.151 -3.729  1.00 4.24  ? 791 LEU B N   1 
ATOM   389 C CA  . LEU B 2 13 ? 7.148   -9.833  -3.094  1.00 5.34  ? 791 LEU B CA  1 
ATOM   390 C C   . LEU B 2 13 ? 6.943   -8.734  -4.126  1.00 5.81  ? 791 LEU B C   1 
ATOM   391 O O   . LEU B 2 13 ? 6.395   -7.673  -3.806  1.00 5.39  ? 791 LEU B O   1 
ATOM   392 C CB  . LEU B 2 13 ? 8.464   -9.640  -2.334  1.00 5.33  ? 791 LEU B CB  1 
ATOM   393 C CG  . LEU B 2 13 ? 8.631   -10.529 -1.103  1.00 7.62  ? 791 LEU B CG  1 
ATOM   394 C CD1 . LEU B 2 13 ? 10.082  -10.498 -0.628  1.00 10.95 ? 791 LEU B CD1 1 
ATOM   395 C CD2 . LEU B 2 13 ? 7.678   -10.078 -0.001  1.00 9.59  ? 791 LEU B CD2 1 
ATOM   396 N N   . GLN B 2 14 ? 7.377   -8.978  -5.361  1.00 5.65  ? 792 GLN B N   1 
ATOM   397 C CA  . GLN B 2 14 ? 7.176   -7.998  -6.434  1.00 5.37  ? 792 GLN B CA  1 
ATOM   398 C C   . GLN B 2 14 ? 5.692   -7.907  -6.791  1.00 5.93  ? 792 GLN B C   1 
ATOM   399 O O   . GLN B 2 14 ? 5.160   -6.815  -7.051  1.00 6.16  ? 792 GLN B O   1 
ATOM   400 C CB  . GLN B 2 14 ? 8.020   -8.361  -7.664  1.00 7.13  ? 792 GLN B CB  1 
ATOM   401 C CG  . GLN B 2 14 ? 9.514   -8.185  -7.412  1.00 8.44  ? 792 GLN B CG  1 
ATOM   402 C CD  . GLN B 2 14 ? 10.393  -8.629  -8.572  1.00 15.53 ? 792 GLN B CD  1 
ATOM   403 O OE1 . GLN B 2 14 ? 10.071  -9.572  -9.296  1.00 19.22 ? 792 GLN B OE1 1 
ATOM   404 N NE2 . GLN B 2 14 ? 11.528  -7.954  -8.738  1.00 21.43 ? 792 GLN B NE2 1 
ATOM   405 N N   . SER B 2 15 ? 5.016   -9.052  -6.783  1.00 6.17  ? 793 SER B N   1 
ATOM   406 C CA  . SER B 2 15 ? 3.575   -9.085  -7.043  1.00 6.59  ? 793 SER B CA  1 
ATOM   407 C C   . SER B 2 15 ? 2.858   -8.331  -5.934  1.00 6.74  ? 793 SER B C   1 
ATOM   408 O O   . SER B 2 15 ? 1.955   -7.527  -6.197  1.00 8.29  ? 793 SER B O   1 
ATOM   409 C CB  . SER B 2 15 ? 3.058   -10.524 -7.096  1.00 7.17  ? 793 SER B CB  1 
ATOM   410 O OG  . SER B 2 15 ? 3.559   -11.205 -8.237  1.00 10.44 ? 793 SER B OG  1 
ATOM   411 N N   . GLU B 2 16 ? 3.258   -8.591  -4.695  1.00 5.16  ? 794 GLU B N   1 
ATOM   412 C CA  . GLU B 2 16 ? 2.653   -7.924  -3.550  1.00 5.09  ? 794 GLU B CA  1 
ATOM   413 C C   . GLU B 2 16 ? 2.873   -6.413  -3.628  1.00 4.70  ? 794 GLU B C   1 
ATOM   414 O O   . GLU B 2 16 ? 1.967   -5.628  -3.358  1.00 5.28  ? 794 GLU B O   1 
ATOM   415 C CB  . GLU B 2 16 ? 3.240   -8.476  -2.246  1.00 6.02  ? 794 GLU B CB  1 
ATOM   416 C CG  . GLU B 2 16 ? 2.627   -7.848  -0.995  1.00 7.31  ? 794 GLU B CG  1 
ATOM   417 C CD  . GLU B 2 16 ? 3.214   -8.382  0.289   1.00 8.72  ? 794 GLU B CD  1 
ATOM   418 O OE1 . GLU B 2 16 ? 4.444   -8.611  0.349   1.00 10.05 ? 794 GLU B OE1 1 
ATOM   419 O OE2 . GLU B 2 16 ? 2.445   -8.559  1.264   1.00 11.30 ? 794 GLU B OE2 1 
ATOM   420 N N   . ASN B 2 17 ? 4.080   -6.014  -4.018  1.00 4.41  ? 795 ASN B N   1 
ATOM   421 C CA  . ASN B 2 17 ? 4.417   -4.597  -4.136  1.00 5.12  ? 795 ASN B CA  1 
ATOM   422 C C   . ASN B 2 17 ? 3.468   -3.903  -5.111  1.00 5.68  ? 795 ASN B C   1 
ATOM   423 O O   . ASN B 2 17 ? 2.980   -2.807  -4.839  1.00 5.82  ? 795 ASN B O   1 
ATOM   424 C CB  . ASN B 2 17 ? 5.869   -4.440  -4.605  1.00 5.65  ? 795 ASN B CB  1 
ATOM   425 C CG  . ASN B 2 17 ? 6.350   -3.006  -4.535  1.00 7.25  ? 795 ASN B CG  1 
ATOM   426 O OD1 . ASN B 2 17 ? 6.283   -2.270  -5.524  1.00 8.21  ? 795 ASN B OD1 1 
ATOM   427 N ND2 . ASN B 2 17 ? 6.832   -2.596  -3.366  1.00 6.96  ? 795 ASN B ND2 1 
ATOM   428 N N   . HIS B 2 18 ? 3.196   -4.548  -6.243  1.00 5.36  ? 796 HIS B N   1 
ATOM   429 C CA  . HIS B 2 18 ? 2.290   -3.966  -7.226  1.00 5.60  ? 796 HIS B CA  1 
ATOM   430 C C   . HIS B 2 18 ? 0.869   -3.854  -6.689  1.00 5.82  ? 796 HIS B C   1 
ATOM   431 O O   . HIS B 2 18 ? 0.197   -2.836  -6.897  1.00 7.32  ? 796 HIS B O   1 
ATOM   432 C CB  . HIS B 2 18 ? 2.293   -4.792  -8.510  1.00 6.94  ? 796 HIS B CB  1 
ATOM   433 C CG  . HIS B 2 18 ? 1.373   -4.255  -9.560  1.00 7.64  ? 796 HIS B CG  1 
ATOM   434 N ND1 . HIS B 2 18 ? 1.454   -2.960  -10.026 1.00 9.10  ? 796 HIS B ND1 1 
ATOM   435 C CD2 . HIS B 2 18 ? 0.351   -4.835  -10.237 1.00 8.43  ? 796 HIS B CD2 1 
ATOM   436 C CE1 . HIS B 2 18 ? 0.520   -2.762  -10.940 1.00 8.87  ? 796 HIS B CE1 1 
ATOM   437 N NE2 . HIS B 2 18 ? -0.161  -3.884  -11.086 1.00 12.25 ? 796 HIS B NE2 1 
ATOM   438 N N   . HIS B 2 19 ? 0.413   -4.897  -6.003  1.00 6.00  ? 797 HIS B N   1 
ATOM   439 C CA  . HIS B 2 19 ? -0.902  -4.878  -5.370  1.00 5.09  ? 797 HIS B CA  1 
ATOM   440 C C   . HIS B 2 19 ? -1.038  -3.662  -4.449  1.00 5.88  ? 797 HIS B C   1 
ATOM   441 O O   . HIS B 2 19 ? -2.031  -2.927  -4.500  1.00 6.02  ? 797 HIS B O   1 
ATOM   442 C CB  . HIS B 2 19 ? -1.113  -6.172  -4.584  1.00 8.85  ? 797 HIS B CB  1 
ATOM   443 C CG  . HIS B 2 19 ? -2.307  -6.150  -3.682  1.00 9.92  ? 797 HIS B CG  1 
ATOM   444 N ND1 . HIS B 2 19 ? -3.596  -6.015  -4.151  1.00 12.72 ? 797 HIS B ND1 1 
ATOM   445 C CD2 . HIS B 2 19 ? -2.407  -6.267  -2.335  1.00 11.48 ? 797 HIS B CD2 1 
ATOM   446 C CE1 . HIS B 2 19 ? -4.439  -6.045  -3.133  1.00 14.15 ? 797 HIS B CE1 1 
ATOM   447 N NE2 . HIS B 2 19 ? -3.742  -6.199  -2.020  1.00 14.68 ? 797 HIS B NE2 1 
ATOM   448 N N   . LEU B 2 20 ? -0.024  -3.443  -3.617  1.00 4.86  ? 798 LEU B N   1 
ATOM   449 C CA  . LEU B 2 20 ? -0.047  -2.343  -2.652  1.00 4.38  ? 798 LEU B CA  1 
ATOM   450 C C   . LEU B 2 20 ? -0.006  -0.987  -3.336  1.00 4.88  ? 798 LEU B C   1 
ATOM   451 O O   . LEU B 2 20 ? -0.696  -0.047  -2.919  1.00 5.48  ? 798 LEU B O   1 
ATOM   452 C CB  . LEU B 2 20 ? 1.116   -2.484  -1.658  1.00 4.54  ? 798 LEU B CB  1 
ATOM   453 C CG  . LEU B 2 20 ? 1.059   -3.761  -0.807  1.00 4.25  ? 798 LEU B CG  1 
ATOM   454 C CD1 . LEU B 2 20 ? 2.334   -3.908  0.015   1.00 5.73  ? 798 LEU B CD1 1 
ATOM   455 C CD2 . LEU B 2 20 ? -0.165  -3.763  0.112   1.00 5.87  ? 798 LEU B CD2 1 
ATOM   456 N N   . ARG B 2 21 ? 0.782   -0.879  -4.396  1.00 5.25  ? 799 ARG B N   1 
ATOM   457 C CA  . ARG B 2 21 ? 0.873   0.394   -5.114  1.00 5.39  ? 799 ARG B CA  1 
ATOM   458 C C   . ARG B 2 21 ? -0.418  0.722   -5.848  1.00 5.40  ? 799 ARG B C   1 
ATOM   459 O O   . ARG B 2 21 ? -0.795  1.890   -5.960  1.00 6.88  ? 799 ARG B O   1 
ATOM   460 C CB  . ARG B 2 21 ? 2.072   0.383   -6.061  1.00 7.04  ? 799 ARG B CB  1 
ATOM   461 C CG  . ARG B 2 21 ? 3.395   0.467   -5.307  1.00 5.73  ? 799 ARG B CG  1 
ATOM   462 C CD  . ARG B 2 21 ? 4.589   0.402   -6.236  1.00 8.61  ? 799 ARG B CD  1 
ATOM   463 N NE  . ARG B 2 21 ? 5.835   0.640   -5.514  1.00 8.61  ? 799 ARG B NE  1 
ATOM   464 C CZ  . ARG B 2 21 ? 6.222   1.832   -5.066  1.00 14.58 ? 799 ARG B CZ  1 
ATOM   465 N NH1 . ARG B 2 21 ? 5.461   2.902   -5.265  1.00 16.02 ? 799 ARG B NH1 1 
ATOM   466 N NH2 . ARG B 2 21 ? 7.370   1.959   -4.410  1.00 17.02 ? 799 ARG B NH2 1 
ATOM   467 N N   . MET B 2 22 ? -1.095  -0.303  -6.354  1.00 5.80  ? 800 MET B N   1 
ATOM   468 C CA  . MET B 2 22 ? -2.388  -0.098  -7.003  1.00 5.60  ? 800 MET B CA  1 
ATOM   469 C C   . MET B 2 22 ? -3.419  0.357   -5.974  1.00 6.13  ? 800 MET B C   1 
ATOM   470 O O   . MET B 2 22 ? -4.255  1.198   -6.269  1.00 7.12  ? 800 MET B O   1 
ATOM   471 C CB  . MET B 2 22 ? -2.842  -1.370  -7.720  1.00 8.39  ? 800 MET B CB  1 
ATOM   472 C CG  . MET B 2 22 ? -2.003  -1.717  -8.940  1.00 8.73  ? 800 MET B CG  1 
ATOM   473 S SD  . MET B 2 22 ? -2.165  -0.542  -10.315 1.00 14.15 ? 800 MET B SD  1 
ATOM   474 C CE  . MET B 2 22 ? -3.654  -1.132  -11.103 1.00 17.04 ? 800 MET B CE  1 
ATOM   475 N N   . LYS B 2 23 ? -3.343  -0.193  -4.765  1.00 5.13  ? 801 LYS B N   1 
ATOM   476 C CA  . LYS B 2 23 ? -4.240  0.221   -3.682  1.00 6.63  ? 801 LYS B CA  1 
ATOM   477 C C   . LYS B 2 23 ? -4.002  1.678   -3.320  1.00 6.41  ? 801 LYS B C   1 
ATOM   478 O O   . LYS B 2 23 ? -4.947  2.423   -3.039  1.00 6.07  ? 801 LYS B O   1 
ATOM   479 C CB  . LYS B 2 23 ? -4.038  -0.654  -2.443  1.00 8.99  ? 801 LYS B CB  1 
ATOM   480 C CG  . LYS B 2 23 ? -4.589  -2.061  -2.588  1.00 16.57 ? 801 LYS B CG  1 
ATOM   481 C CD  . LYS B 2 23 ? -4.344  -2.908  -1.345  1.00 22.26 ? 801 LYS B CD  1 
ATOM   482 C CE  . LYS B 2 23 ? -5.117  -2.390  -0.145  1.00 26.49 ? 801 LYS B CE  1 
ATOM   483 N NZ  . LYS B 2 23 ? -5.355  -3.488  0.851   1.00 30.99 ? 801 LYS B NZ  1 
ATOM   484 N N   . ILE B 2 24 ? -2.741  2.097   -3.330  1.00 5.37  ? 802 ILE B N   1 
ATOM   485 C CA  . ILE B 2 24 ? -2.430  3.491   -3.022  1.00 4.91  ? 802 ILE B CA  1 
ATOM   486 C C   . ILE B 2 24 ? -3.006  4.426   -4.077  1.00 5.70  ? 802 ILE B C   1 
ATOM   487 O O   . ILE B 2 24 ? -3.530  5.484   -3.753  1.00 6.54  ? 802 ILE B O   1 
ATOM   488 C CB  . ILE B 2 24 ? -0.911  3.708   -2.856  1.00 5.50  ? 802 ILE B CB  1 
ATOM   489 C CG1 . ILE B 2 24 ? -0.455  3.059   -1.547  1.00 5.73  ? 802 ILE B CG1 1 
ATOM   490 C CG2 . ILE B 2 24 ? -0.573  5.209   -2.846  1.00 9.24  ? 802 ILE B CG2 1 
ATOM   491 C CD1 . ILE B 2 24 ? 1.060   3.041   -1.332  1.00 7.72  ? 802 ILE B CD1 1 
ATOM   492 N N   . THR B 2 25 ? -2.923  4.030   -5.344  1.00 5.86  ? 803 THR B N   1 
ATOM   493 C CA  . THR B 2 25 ? -3.499  4.853   -6.404  1.00 6.26  ? 803 THR B CA  1 
ATOM   494 C C   . THR B 2 25 ? -4.996  5.039   -6.176  1.00 7.79  ? 803 THR B C   1 
ATOM   495 O O   . THR B 2 25 ? -5.523  6.144   -6.340  1.00 6.84  ? 803 THR B O   1 
ATOM   496 C CB  . THR B 2 25 ? -3.232  4.231   -7.783  1.00 8.11  ? 803 THR B CB  1 
ATOM   497 O OG1 . THR B 2 25 ? -1.816  4.137   -7.967  1.00 9.28  ? 803 THR B OG1 1 
ATOM   498 C CG2 . THR B 2 25 ? -3.807  5.104   -8.894  1.00 10.08 ? 803 THR B CG2 1 
ATOM   499 N N   . GLU B 2 26 ? -5.666  3.960   -5.772  1.00 6.45  ? 804 GLU B N   1 
ATOM   500 C CA  . GLU B 2 26 ? -7.100  4.008   -5.473  1.00 8.04  ? 804 GLU B CA  1 
ATOM   501 C C   . GLU B 2 26 ? -7.381  4.924   -4.285  1.00 7.01  ? 804 GLU B C   1 
ATOM   502 O O   . GLU B 2 26 ? -8.313  5.726   -4.318  1.00 7.11  ? 804 GLU B O   1 
ATOM   503 C CB  . GLU B 2 26 ? -7.629  2.611   -5.168  1.00 10.50 ? 804 GLU B CB  1 
ATOM   504 C CG  . GLU B 2 26 ? -7.575  1.651   -6.331  1.00 17.74 ? 804 GLU B CG  1 
ATOM   505 C CD  . GLU B 2 26 ? -8.146  0.286   -5.988  1.00 22.75 ? 804 GLU B CD  1 
ATOM   506 O OE1 . GLU B 2 26 ? -7.865  -0.223  -4.879  1.00 25.06 ? 804 GLU B OE1 1 
ATOM   507 O OE2 . GLU B 2 26 ? -8.872  -0.279  -6.833  1.00 25.35 ? 804 GLU B OE2 1 
ATOM   508 N N   . LEU B 2 27 ? -6.568  4.808   -3.238  1.00 5.76  ? 805 LEU B N   1 
ATOM   509 C CA  . LEU B 2 27 ? -6.763  5.637   -2.047  1.00 5.90  ? 805 LEU B CA  1 
ATOM   510 C C   . LEU B 2 27 ? -6.519  7.110   -2.311  1.00 6.87  ? 805 LEU B C   1 
ATOM   511 O O   . LEU B 2 27 ? -7.210  7.964   -1.750  1.00 8.50  ? 805 LEU B O   1 
ATOM   512 C CB  . LEU B 2 27 ? -5.868  5.159   -0.901  1.00 6.72  ? 805 LEU B CB  1 
ATOM   513 C CG  . LEU B 2 27 ? -6.381  3.856   -0.307  1.00 10.09 ? 805 LEU B CG  1 
ATOM   514 C CD1 . LEU B 2 27 ? -5.361  3.253   0.644   1.00 10.15 ? 805 LEU B CD1 1 
ATOM   515 C CD2 . LEU B 2 27 ? -7.716  4.116   0.411   1.00 12.94 ? 805 LEU B CD2 1 
ATOM   516 N N   . ASP B 2 28 ? -5.541  7.425   -3.158  1.00 8.46  ? 806 ASP B N   1 
ATOM   517 C CA  . ASP B 2 28 ? -5.291  8.822   -3.486  1.00 8.88  ? 806 ASP B CA  1 
ATOM   518 C C   . ASP B 2 28 ? -6.499  9.395   -4.208  1.00 8.92  ? 806 ASP B C   1 
ATOM   519 O O   . ASP B 2 28 ? -6.851  10.563  -4.025  1.00 8.85  ? 806 ASP B O   1 
ATOM   520 C CB  . ASP B 2 28 ? -4.022  8.972   -4.325  1.00 10.65 ? 806 ASP B CB  1 
ATOM   521 C CG  . ASP B 2 28 ? -2.769  8.900   -3.484  1.00 13.40 ? 806 ASP B CG  1 
ATOM   522 O OD1 . ASP B 2 28 ? -2.876  9.112   -2.256  1.00 17.03 ? 806 ASP B OD1 1 
ATOM   523 O OD2 . ASP B 2 28 ? -1.683  8.651   -4.042  1.00 13.97 ? 806 ASP B OD2 1 
ATOM   524 N N   . LYS B 2 29 ? -7.150  8.555   -5.005  1.00 8.28  ? 807 LYS B N   1 
ATOM   525 C CA  . LYS B 2 29 ? -8.358  8.966   -5.706  1.00 8.54  ? 807 LYS B CA  1 
ATOM   526 C C   . LYS B 2 29 ? -9.480  9.202   -4.689  1.00 9.40  ? 807 LYS B C   1 
ATOM   527 O O   . LYS B 2 29 ? -10.210 10.181  -4.785  1.00 9.56  ? 807 LYS B O   1 
ATOM   528 C CB  . LYS B 2 29 ? -8.749  7.907   -6.740  1.00 9.56  ? 807 LYS B CB  1 
ATOM   529 C CG  . LYS B 2 29 ? -10.049 8.184   -7.484  1.00 10.96 ? 807 LYS B CG  1 
ATOM   530 C CD  . LYS B 2 29 ? -11.233 7.510   -6.802  1.00 13.19 ? 807 LYS B CD  1 
ATOM   531 C CE  . LYS B 2 29 ? -11.161 5.989   -6.883  1.00 16.57 ? 807 LYS B CE  1 
ATOM   532 N NZ  . LYS B 2 29 ? -12.322 5.353   -6.186  1.00 18.04 ? 807 LYS B NZ  1 
ATOM   533 N N   . ASP B 2 30 ? -9.594  8.315   -3.702  1.00 8.68  ? 808 ASP B N   1 
ATOM   534 C CA  . ASP B 2 30 ? -10.628 8.453   -2.673  1.00 9.37  ? 808 ASP B CA  1 
ATOM   535 C C   . ASP B 2 30 ? -10.402 9.723   -1.845  1.00 10.40 ? 808 ASP B C   1 
ATOM   536 O O   . ASP B 2 30 ? -11.356 10.441  -1.511  1.00 11.24 ? 808 ASP B O   1 
ATOM   537 C CB  . ASP B 2 30 ? -10.634 7.241   -1.735  1.00 11.13 ? 808 ASP B CB  1 
ATOM   538 C CG  . ASP B 2 30 ? -11.199 5.991   -2.381  1.00 12.81 ? 808 ASP B CG  1 
ATOM   539 O OD1 . ASP B 2 30 ? -11.943 6.105   -3.378  1.00 16.34 ? 808 ASP B OD1 1 
ATOM   540 O OD2 . ASP B 2 30 ? -10.910 4.887   -1.867  1.00 16.43 ? 808 ASP B OD2 1 
ATOM   541 N N   . LEU B 2 31 ? -9.141  9.993   -1.507  1.00 10.12 ? 809 LEU B N   1 
ATOM   542 C CA  . LEU B 2 31 ? -8.792  11.184  -0.740  1.00 10.50 ? 809 LEU B CA  1 
ATOM   543 C C   . LEU B 2 31 ? -9.237  12.439  -1.480  1.00 13.07 ? 809 LEU B C   1 
ATOM   544 O O   . LEU B 2 31 ? -9.847  13.338  -0.891  1.00 13.93 ? 809 LEU B O   1 
ATOM   545 C CB  . LEU B 2 31 ? -7.280  11.231  -0.472  1.00 9.45  ? 809 LEU B CB  1 
ATOM   546 C CG  . LEU B 2 31 ? -6.779  10.333  0.662   1.00 10.89 ? 809 LEU B CG  1 
ATOM   547 C CD1 . LEU B 2 31 ? -5.261  10.182  0.610   1.00 10.45 ? 809 LEU B CD1 1 
ATOM   548 C CD2 . LEU B 2 31 ? -7.220  10.897  2.005   1.00 12.62 ? 809 LEU B CD2 1 
ATOM   549 N N   . GLU B 2 32 ? -8.945  12.498  -2.774  1.00 12.20 ? 810 GLU B N   1 
ATOM   550 C CA  . GLU B 2 32 ? -9.332  13.658  -3.565  1.00 15.50 ? 810 GLU B CA  1 
ATOM   551 C C   . GLU B 2 32 ? -10.848 13.805  -3.652  1.00 15.54 ? 810 GLU B C   1 
ATOM   552 O O   . GLU B 2 32 ? -11.384 14.900  -3.445  1.00 14.57 ? 810 GLU B O   1 
ATOM   553 C CB  . GLU B 2 32 ? -8.743  13.591  -4.969  1.00 16.38 ? 810 GLU B CB  1 
ATOM   554 C CG  . GLU B 2 32 ? -8.879  14.918  -5.709  1.00 26.80 ? 810 GLU B CG  1 
ATOM   555 C CD  . GLU B 2 32 ? -8.323  14.875  -7.113  1.00 30.64 ? 810 GLU B CD  1 
ATOM   556 O OE1 . GLU B 2 32 ? -8.811  14.060  -7.925  1.00 32.43 ? 810 GLU B OE1 1 
ATOM   557 O OE2 . GLU B 2 32 ? -7.400  15.665  -7.406  1.00 36.72 ? 810 GLU B OE2 1 
ATOM   558 N N   . GLU B 2 33 ? -11.533 12.703  -3.943  1.00 15.15 ? 811 GLU B N   1 
ATOM   559 C CA  . GLU B 2 33 ? -12.987 12.740  -4.122  1.00 15.74 ? 811 GLU B CA  1 
ATOM   560 C C   . GLU B 2 33 ? -13.733 13.131  -2.851  1.00 15.37 ? 811 GLU B C   1 
ATOM   561 O O   . GLU B 2 33 ? -14.685 13.912  -2.913  1.00 15.23 ? 811 GLU B O   1 
ATOM   562 C CB  . GLU B 2 33 ? -13.506 11.415  -4.693  1.00 18.35 ? 811 GLU B CB  1 
ATOM   563 C CG  . GLU B 2 33 ? -12.935 11.112  -6.085  1.00 22.66 ? 811 GLU B CG  1 
ATOM   564 C CD  . GLU B 2 33 ? -13.721 10.072  -6.874  1.00 25.05 ? 811 GLU B CD  1 
ATOM   565 O OE1 . GLU B 2 33 ? -14.422 9.238   -6.263  1.00 24.38 ? 811 GLU B OE1 1 
ATOM   566 O OE2 . GLU B 2 33 ? -13.615 10.086  -8.122  1.00 28.71 ? 811 GLU B OE2 1 
ATOM   567 N N   . VAL B 2 34 ? -13.297 12.616  -1.704  1.00 12.37 ? 812 VAL B N   1 
ATOM   568 C CA  . VAL B 2 34 ? -13.926 12.979  -0.434  1.00 13.01 ? 812 VAL B CA  1 
ATOM   569 C C   . VAL B 2 34 ? -13.552 14.410  -0.043  1.00 13.53 ? 812 VAL B C   1 
ATOM   570 O O   . VAL B 2 34 ? -14.375 15.145  0.505   1.00 14.51 ? 812 VAL B O   1 
ATOM   571 C CB  . VAL B 2 34 ? -13.586 11.983  0.701   1.00 14.85 ? 812 VAL B CB  1 
ATOM   572 C CG1 . VAL B 2 34 ? -14.321 12.369  1.985   1.00 14.41 ? 812 VAL B CG1 1 
ATOM   573 C CG2 . VAL B 2 34 ? -13.998 10.568  0.286   1.00 13.73 ? 812 VAL B CG2 1 
ATOM   574 N N   . THR B 2 35 ? -12.316 14.816  -0.334  1.00 12.24 ? 813 THR B N   1 
ATOM   575 C CA  . THR B 2 35 ? -11.904 16.188  -0.054  1.00 13.39 ? 813 THR B CA  1 
ATOM   576 C C   . THR B 2 35 ? -12.765 17.159  -0.859  1.00 13.86 ? 813 THR B C   1 
ATOM   577 O O   . THR B 2 35 ? -13.177 18.195  -0.343  1.00 15.23 ? 813 THR B O   1 
ATOM   578 C CB  . THR B 2 35 ? -10.407 16.420  -0.376  1.00 11.96 ? 813 THR B CB  1 
ATOM   579 O OG1 . THR B 2 35 ? -9.603  15.672  0.541   1.00 15.22 ? 813 THR B OG1 1 
ATOM   580 C CG2 . THR B 2 35 ? -10.047 17.892  -0.246  1.00 16.99 ? 813 THR B CG2 1 
ATOM   581 N N   . MET B 2 36 ? -13.046 16.816  -2.116  1.00 14.92 ? 814 MET B N   1 
ATOM   582 C CA  . MET B 2 36 ? -13.897 17.664  -2.966  1.00 15.75 ? 814 MET B CA  1 
ATOM   583 C C   . MET B 2 36 ? -15.338 17.687  -2.442  1.00 17.12 ? 814 MET B C   1 
ATOM   584 O O   . MET B 2 36 ? -16.003 18.725  -2.459  1.00 16.95 ? 814 MET B O   1 
ATOM   585 C CB  . MET B 2 36 ? -13.869 17.184  -4.421  1.00 18.46 ? 814 MET B CB  1 
ATOM   586 C CG  . MET B 2 36 ? -12.513 17.331  -5.106  1.00 21.26 ? 814 MET B CG  1 
ATOM   587 S SD  . MET B 2 36 ? -12.539 16.942  -6.872  1.00 29.70 ? 814 MET B SD  1 
ATOM   588 C CE  . MET B 2 36 ? -12.653 18.586  -7.579  1.00 30.12 ? 814 MET B CE  1 
ATOM   589 N N   . GLN B 2 37 ? -15.803 16.540  -1.958  1.00 15.86 ? 815 GLN B N   1 
ATOM   590 C CA  . GLN B 2 37 ? -17.149 16.421  -1.400  1.00 17.11 ? 815 GLN B CA  1 
ATOM   591 C C   . GLN B 2 37 ? -17.304 17.276  -0.144  1.00 19.10 ? 815 GLN B C   1 
ATOM   592 O O   . GLN B 2 37 ? -18.335 17.925  0.059   1.00 19.39 ? 815 GLN B O   1 
ATOM   593 C CB  . GLN B 2 37 ? -17.450 14.951  -1.074  1.00 18.06 ? 815 GLN B CB  1 
ATOM   594 C CG  . GLN B 2 37 ? -18.897 14.688  -0.667  1.00 18.46 ? 815 GLN B CG  1 
ATOM   595 C CD  . GLN B 2 37 ? -19.178 13.222  -0.365  1.00 21.27 ? 815 GLN B CD  1 
ATOM   596 O OE1 . GLN B 2 37 ? -18.286 12.369  -0.440  1.00 20.29 ? 815 GLN B OE1 1 
ATOM   597 N NE2 . GLN B 2 37 ? -20.423 12.927  -0.013  1.00 19.16 ? 815 GLN B NE2 1 
ATOM   598 N N   . LEU B 2 38 ? -16.267 17.275  0.689   1.00 19.86 ? 816 LEU B N   1 
ATOM   599 C CA  . LEU B 2 38 ? -16.272 17.982  1.967   1.00 23.45 ? 816 LEU B CA  1 
ATOM   600 C C   . LEU B 2 38 ? -16.118 19.500  1.818   1.00 26.24 ? 816 LEU B C   1 
ATOM   601 O O   . LEU B 2 38 ? -16.712 20.270  2.575   1.00 27.40 ? 816 LEU B O   1 
ATOM   602 C CB  . LEU B 2 38 ? -15.160 17.420  2.861   1.00 22.98 ? 816 LEU B CB  1 
ATOM   603 C CG  . LEU B 2 38 ? -15.081 17.827  4.331   1.00 24.33 ? 816 LEU B CG  1 
ATOM   604 C CD1 . LEU B 2 38 ? -16.352 17.424  5.073   1.00 23.76 ? 816 LEU B CD1 1 
ATOM   605 C CD2 . LEU B 2 38 ? -13.863 17.173  4.966   1.00 23.89 ? 816 LEU B CD2 1 
ATOM   606 N N   . GLN B 2 39 ? -15.330 19.923  0.837   1.00 29.42 ? 817 GLN B N   1 
ATOM   607 C CA  . GLN B 2 39 ? -15.067 21.343  0.622   1.00 33.59 ? 817 GLN B CA  1 
ATOM   608 C C   . GLN B 2 39 ? -16.087 21.986  -0.315  1.00 35.46 ? 817 GLN B C   1 
ATOM   609 O O   . GLN B 2 39 ? -16.842 21.282  -1.008  1.00 37.17 ? 817 GLN B O   1 
ATOM   610 C CB  . GLN B 2 39 ? -13.641 21.546  0.093   1.00 33.73 ? 817 GLN B CB  1 
ATOM   611 C CG  . GLN B 2 39 ? -12.555 21.140  1.095   1.00 34.76 ? 817 GLN B CG  1 
ATOM   612 C CD  . GLN B 2 39 ? -11.135 21.293  0.563   1.00 36.08 ? 817 GLN B CD  1 
ATOM   613 O OE1 . GLN B 2 39 ? -10.912 21.809  -0.534  1.00 37.34 ? 817 GLN B OE1 1 
ATOM   614 N NE2 . GLN B 2 39 ? -10.165 20.844  1.349   1.00 36.80 ? 817 GLN B NE2 1 
HETATM 615 O O   . HOH C 3 .  ? 20.056  -15.286 3.932   1.00 41.05 ? 901 HOH A O   1 
HETATM 616 O O   . HOH C 3 .  ? 12.924  -7.826  5.397   1.00 19.46 ? 902 HOH A O   1 
HETATM 617 O O   . HOH C 3 .  ? 23.757  -7.272  0.788   1.00 28.50 ? 903 HOH A O   1 
HETATM 618 O O   . HOH C 3 .  ? -21.376 8.762   13.006  1.00 35.96 ? 904 HOH A O   1 
HETATM 619 O O   . HOH C 3 .  ? 5.556   -9.401  2.680   1.00 24.41 ? 905 HOH A O   1 
HETATM 620 O O   . HOH C 3 .  ? 1.326   5.017   10.858  1.00 28.53 ? 906 HOH A O   1 
HETATM 621 O O   . HOH C 3 .  ? 12.182  0.977   -0.913  1.00 13.37 ? 907 HOH A O   1 
HETATM 622 O O   . HOH C 3 .  ? 0.293   -8.423  4.857   1.00 39.11 ? 908 HOH A O   1 
HETATM 623 O O   . HOH C 3 .  ? -8.650  -1.276  2.877   1.00 27.83 ? 909 HOH A O   1 
HETATM 624 O O   . HOH C 3 .  ? -11.221 4.768   4.596   1.00 8.85  ? 910 HOH A O   1 
HETATM 625 O O   . HOH C 3 .  ? 2.749   -9.533  3.848   1.00 33.61 ? 911 HOH A O   1 
HETATM 626 O O   . HOH C 3 .  ? 11.884  -1.625  -4.595  1.00 30.84 ? 912 HOH A O   1 
HETATM 627 O O   . HOH C 3 .  ? -5.720  2.609   9.328   1.00 11.47 ? 913 HOH A O   1 
HETATM 628 O O   . HOH C 3 .  ? 3.264   -2.630  7.960   1.00 25.36 ? 914 HOH A O   1 
HETATM 629 O O   . HOH C 3 .  ? -13.945 4.923   4.576   1.00 7.03  ? 915 HOH A O   1 
HETATM 630 O O   . HOH C 3 .  ? 13.634  -1.351  1.897   1.00 9.69  ? 916 HOH A O   1 
HETATM 631 O O   . HOH C 3 .  ? -1.753  10.739  2.200   1.00 24.54 ? 917 HOH A O   1 
HETATM 632 O O   . HOH C 3 .  ? 7.328   4.671   9.484   1.00 35.92 ? 918 HOH A O   1 
HETATM 633 O O   . HOH C 3 .  ? 9.246   -1.095  6.799   1.00 17.83 ? 919 HOH A O   1 
HETATM 634 O O   . HOH C 3 .  ? 0.305   8.346   4.410   1.00 29.36 ? 920 HOH A O   1 
HETATM 635 O O   . HOH C 3 .  ? -6.570  16.163  4.070   1.00 19.80 ? 921 HOH A O   1 
HETATM 636 O O   . HOH C 3 .  ? 9.456   -1.415  -5.924  1.00 24.90 ? 922 HOH A O   1 
HETATM 637 O O   . HOH C 3 .  ? -13.690 3.473   0.433   1.00 31.51 ? 923 HOH A O   1 
HETATM 638 O O   . HOH C 3 .  ? 10.920  1.778   -4.773  1.00 37.24 ? 924 HOH A O   1 
HETATM 639 O O   . HOH C 3 .  ? -0.125  3.055   9.805   1.00 33.47 ? 925 HOH A O   1 
HETATM 640 O O   . HOH C 3 .  ? 12.956  -2.721  -2.377  1.00 13.61 ? 926 HOH A O   1 
HETATM 641 O O   . HOH C 3 .  ? -16.019 8.921   -2.329  1.00 25.24 ? 927 HOH A O   1 
HETATM 642 O O   . HOH C 3 .  ? -2.845  10.328  4.441   1.00 34.86 ? 928 HOH A O   1 
HETATM 643 O O   . HOH C 3 .  ? -3.929  2.557   11.316  1.00 30.19 ? 929 HOH A O   1 
HETATM 644 O O   . HOH C 3 .  ? 14.517  -4.842  -3.492  1.00 18.36 ? 930 HOH A O   1 
HETATM 645 O O   . HOH C 3 .  ? -3.751  9.145   8.921   1.00 23.31 ? 931 HOH A O   1 
HETATM 646 O O   . HOH C 3 .  ? 19.777  -9.434  -3.830  1.00 34.50 ? 932 HOH A O   1 
HETATM 647 O O   . HOH C 3 .  ? -2.960  7.293   10.881  1.00 34.26 ? 933 HOH A O   1 
HETATM 648 O O   . HOH C 3 .  ? 22.103  -9.616  -4.706  1.00 39.46 ? 934 HOH A O   1 
HETATM 649 O O   . HOH C 3 .  ? -2.501  4.648   10.455  1.00 37.12 ? 935 HOH A O   1 
HETATM 650 O O   . HOH C 3 .  ? -12.437 13.640  11.786  1.00 37.03 ? 936 HOH A O   1 
HETATM 651 O O   . HOH D 3 .  ? 10.837  -16.699 -13.170 1.00 13.34 ? 901 HOH B O   1 
HETATM 652 O O   . HOH D 3 .  ? 7.126   -16.959 -8.520  1.00 16.53 ? 902 HOH B O   1 
HETATM 653 O O   . HOH D 3 .  ? -9.798  0.980   -8.833  1.00 27.12 ? 903 HOH B O   1 
HETATM 654 O O   . HOH D 3 .  ? -0.993  7.335   -6.108  1.00 37.68 ? 904 HOH B O   1 
HETATM 655 O O   . HOH D 3 .  ? 8.652   -10.601 -11.152 1.00 29.33 ? 905 HOH B O   1 
HETATM 656 O O   . HOH D 3 .  ? -7.685  11.771  -8.238  1.00 26.63 ? 906 HOH B O   1 
HETATM 657 O O   . HOH D 3 .  ? -11.651 2.766   -3.222  1.00 34.51 ? 907 HOH B O   1 
HETATM 658 O O   . HOH D 3 .  ? 9.035   -18.787 -9.861  1.00 33.11 ? 908 HOH B O   1 
HETATM 659 O O   . HOH D 3 .  ? 12.186  -11.141 -9.608  1.00 30.15 ? 909 HOH B O   1 
HETATM 660 O O   . HOH D 3 .  ? 4.225   -13.780 -8.278  1.00 13.66 ? 910 HOH B O   1 
HETATM 661 O O   . HOH D 3 .  ? 0.829   8.517   -3.146  1.00 28.68 ? 911 HOH B O   1 
HETATM 662 O O   . HOH D 3 .  ? -16.256 14.392  -5.043  1.00 29.90 ? 912 HOH B O   1 
HETATM 663 O O   . HOH D 3 .  ? 18.191  -17.541 -6.014  1.00 22.03 ? 913 HOH B O   1 
HETATM 664 O O   . HOH D 3 .  ? 0.185   -7.117  1.636   1.00 11.39 ? 914 HOH B O   1 
HETATM 665 O O   . HOH D 3 .  ? 1.109   -10.921 1.079   1.00 15.47 ? 915 HOH B O   1 
HETATM 666 O O   . HOH D 3 .  ? 5.693   -2.571  -8.173  1.00 10.29 ? 916 HOH B O   1 
HETATM 667 O O   . HOH D 3 .  ? -14.481 8.356   -10.062 1.00 25.56 ? 917 HOH B O   1 
HETATM 668 O O   . HOH D 3 .  ? 12.945  -26.067 -6.903  1.00 29.16 ? 918 HOH B O   1 
HETATM 669 O O   . HOH D 3 .  ? 6.331   -11.087 -9.862  1.00 21.35 ? 919 HOH B O   1 
HETATM 670 O O   . HOH D 3 .  ? -5.309  12.749  -3.289  1.00 23.19 ? 920 HOH B O   1 
HETATM 671 O O   . HOH D 3 .  ? -19.484 20.441  2.600   1.00 43.28 ? 921 HOH B O   1 
HETATM 672 O O   . HOH D 3 .  ? -4.886  8.355   -7.916  1.00 10.00 ? 922 HOH B O   1 
HETATM 673 O O   . HOH D 3 .  ? 6.415   -5.070  -8.837  1.00 15.19 ? 923 HOH B O   1 
HETATM 674 O O   . HOH D 3 .  ? -4.461  -5.110  -6.661  1.00 24.24 ? 924 HOH B O   1 
HETATM 675 O O   . HOH D 3 .  ? 15.444  -20.125 0.401   1.00 18.14 ? 925 HOH B O   1 
HETATM 676 O O   . HOH D 3 .  ? -11.251 4.245   0.849   1.00 21.98 ? 926 HOH B O   1 
HETATM 677 O O   . HOH D 3 .  ? 3.453   -1.212  -8.945  1.00 7.91  ? 927 HOH B O   1 
HETATM 678 O O   . HOH D 3 .  ? 11.360  -5.350  -7.525  1.00 35.99 ? 928 HOH B O   1 
HETATM 679 O O   . HOH D 3 .  ? 13.103  -13.433 -8.582  1.00 17.76 ? 929 HOH B O   1 
HETATM 680 O O   . HOH D 3 .  ? -22.518 14.921  0.413   1.00 27.07 ? 930 HOH B O   1 
HETATM 681 O O   . HOH D 3 .  ? 1.127   4.168   -6.278  1.00 20.82 ? 931 HOH B O   1 
HETATM 682 O O   . HOH D 3 .  ? -11.724 2.188   -6.150  1.00 40.60 ? 932 HOH B O   1 
HETATM 683 O O   . HOH D 3 .  ? 3.353   3.338   -7.827  1.00 20.74 ? 933 HOH B O   1 
HETATM 684 O O   . HOH D 3 .  ? -5.302  11.015  -7.177  1.00 27.48 ? 934 HOH B O   1 
HETATM 685 O O   . HOH D 3 .  ? 8.765   -4.503  -6.811  1.00 27.81 ? 935 HOH B O   1 
HETATM 686 O O   . HOH D 3 .  ? 10.751  4.413   -4.243  1.00 25.07 ? 936 HOH B O   1 
HETATM 687 O O   . HOH D 3 .  ? 13.601  -5.065  -6.074  1.00 30.28 ? 937 HOH B O   1 
HETATM 688 O O   . HOH D 3 .  ? -14.301 7.907   -3.942  1.00 25.22 ? 938 HOH B O   1 
HETATM 689 O O   . HOH D 3 .  ? -7.194  0.709   -1.994  1.00 25.82 ? 939 HOH B O   1 
# 
loop_
_atom_site_anisotrop.id 
_atom_site_anisotrop.type_symbol 
_atom_site_anisotrop.pdbx_label_atom_id 
_atom_site_anisotrop.pdbx_label_alt_id 
_atom_site_anisotrop.pdbx_label_comp_id 
_atom_site_anisotrop.pdbx_label_asym_id 
_atom_site_anisotrop.pdbx_label_seq_id 
_atom_site_anisotrop.pdbx_PDB_ins_code 
_atom_site_anisotrop.U[1][1] 
_atom_site_anisotrop.U[2][2] 
_atom_site_anisotrop.U[3][3] 
_atom_site_anisotrop.U[1][2] 
_atom_site_anisotrop.U[1][3] 
_atom_site_anisotrop.U[2][3] 
_atom_site_anisotrop.pdbx_auth_seq_id 
_atom_site_anisotrop.pdbx_auth_comp_id 
_atom_site_anisotrop.pdbx_auth_asym_id 
_atom_site_anisotrop.pdbx_auth_atom_id 
1   N N   . GLU A 6  ? 0.3982 0.4457 0.5045 0.0202  0.0011  -0.0356 767 GLU A N   
2   C CA  . GLU A 6  ? 0.3860 0.4329 0.4905 0.0205  -0.0006 -0.0366 767 GLU A CA  
3   C C   . GLU A 6  ? 0.3755 0.4160 0.4836 0.0161  -0.0001 -0.0253 767 GLU A C   
4   O O   . GLU A 6  ? 0.3500 0.3888 0.4535 0.0158  -0.0006 -0.0235 767 GLU A O   
5   C CB  . GLU A 6  ? 0.3999 0.4538 0.5243 0.0239  -0.0043 -0.0509 767 GLU A CB  
6   C CG  . GLU A 6  ? 0.4170 0.4846 0.5322 0.0322  -0.0062 -0.0645 767 GLU A CG  
7   C CD  . GLU A 6  ? 0.4421 0.5215 0.5813 0.0366  -0.0116 -0.0843 767 GLU A CD  
8   O OE1 . GLU A 6  ? 0.4314 0.5070 0.6031 0.0327  -0.0125 -0.0882 767 GLU A OE1 
9   O OE2 . GLU A 6  ? 0.4097 0.5042 0.5386 0.0454  -0.0148 -0.0962 767 GLU A OE2 
10  N N   . GLU A 7  ? 0.3638 0.4032 0.4789 0.0141  0.0010  -0.0176 768 GLU A N   
11  C CA  . GLU A 7  ? 0.3504 0.3899 0.4675 0.0135  0.0019  -0.0058 768 GLU A CA  
12  C C   . GLU A 7  ? 0.3134 0.3539 0.4090 0.0127  0.0017  -0.0029 768 GLU A C   
13  O O   . GLU A 7  ? 0.2722 0.3140 0.3641 0.0131  0.0017  0.0022  768 GLU A O   
14  C CB  . GLU A 7  ? 0.3880 0.4313 0.5185 0.0146  0.0032  0.0019  768 GLU A CB  
15  C CG  . GLU A 7  ? 0.4616 0.5038 0.6223 0.0154  0.0048  0.0004  768 GLU A CG  
16  C CD  . GLU A 7  ? 0.5085 0.5546 0.6844 0.0175  0.0072  0.0105  768 GLU A CD  
17  O OE1 . GLU A 7  ? 0.5252 0.5770 0.7039 0.0213  0.0101  0.0257  768 GLU A OE1 
18  O OE2 . GLU A 7  ? 0.5295 0.5750 0.7144 0.0167  0.0067  0.0041  768 GLU A OE2 
19  N N   . GLU A 8  ? 0.2891 0.3294 0.3746 0.0117  0.0022  -0.0067 769 GLU A N   
20  C CA  . GLU A 8  ? 0.2668 0.3079 0.3405 0.0106  0.0028  -0.0070 769 GLU A CA  
21  C C   . GLU A 8  ? 0.2453 0.2823 0.3105 0.0106  0.0037  -0.0084 769 GLU A C   
22  O O   . GLU A 8  ? 0.2139 0.2519 0.2737 0.0099  0.0032  -0.0066 769 GLU A O   
23  C CB  . GLU A 8  ? 0.2827 0.3234 0.3565 0.0097  0.0053  -0.0107 769 GLU A CB  
24  C CG  . GLU A 8  ? 0.3142 0.3558 0.3864 0.0083  0.0071  -0.0129 769 GLU A CG  
25  C CD  . GLU A 8  ? 0.3420 0.3810 0.4213 0.0078  0.0128  -0.0149 769 GLU A CD  
26  O OE1 . GLU A 8  ? 0.3537 0.3884 0.4294 0.0096  0.0184  -0.0120 769 GLU A OE1 
27  O OE2 . GLU A 8  ? 0.3286 0.3718 0.4187 0.0067  0.0123  -0.0187 769 GLU A OE2 
28  N N   . LYS A 9  ? 0.2072 0.2424 0.2710 0.0127  0.0048  -0.0123 770 LYS A N   
29  C CA  . LYS A 9  ? 0.2068 0.2413 0.2618 0.0148  0.0054  -0.0139 770 LYS A CA  
30  C C   . LYS A 9  ? 0.1705 0.2039 0.2288 0.0137  0.0025  -0.0129 770 LYS A C   
31  O O   . LYS A 9  ? 0.1455 0.1775 0.1958 0.0134  0.0029  -0.0114 770 LYS A O   
32  C CB  . LYS A 9  ? 0.2384 0.2780 0.2917 0.0205  0.0057  -0.0203 770 LYS A CB  
33  C CG  . LYS A 9  ? 0.3005 0.3429 0.3485 0.0238  0.0110  -0.0183 770 LYS A CG  
34  C CD  . LYS A 9  ? 0.3695 0.4221 0.4077 0.0333  0.0132  -0.0210 770 LYS A CD  
35  C CE  . LYS A 9  ? 0.3986 0.4610 0.4429 0.0377  0.0069  -0.0340 770 LYS A CE  
36  N NZ  . LYS A 9  ? 0.4537 0.5161 0.5119 0.0354  0.0050  -0.0392 770 LYS A NZ  
37  N N   . SER A 10 ? 0.1472 0.1814 0.2207 0.0134  0.0007  -0.0128 771 SER A N   
38  C CA  . SER A 10 ? 0.1287 0.1619 0.2112 0.0130  0.0001  -0.0096 771 SER A CA  
39  C C   . SER A 10 ? 0.1150 0.1498 0.1895 0.0121  0.0011  -0.0003 771 SER A C   
40  O O   . SER A 10 ? 0.1120 0.1463 0.1828 0.0121  0.0012  0.0019  771 SER A O   
41  C CB  . SER A 10 ? 0.1389 0.1729 0.2478 0.0137  0.0005  -0.0090 771 SER A CB  
42  O OG  . SER A 10 ? 0.1951 0.2309 0.3171 0.0153  -0.0018 -0.0222 771 SER A OG  
43  N N   . ARG A 11 ? 0.0992 0.1387 0.1718 0.0125  0.0014  0.0038  772 ARG A N   
44  C CA  . ARG A 11 ? 0.0843 0.1318 0.1496 0.0142  0.0012  0.0092  772 ARG A CA  
45  C C   . ARG A 11 ? 0.0865 0.1325 0.1387 0.0122  0.0005  0.0035  772 ARG A C   
46  O O   . ARG A 11 ? 0.1032 0.1538 0.1507 0.0134  0.0001  0.0056  772 ARG A O   
47  C CB  . ARG A 11 ? 0.1209 0.1773 0.1874 0.0162  0.0002  0.0105  772 ARG A CB  
48  C CG  . ARG A 11 ? 0.1385 0.2104 0.1984 0.0210  -0.0013 0.0134  772 ARG A CG  
49  C CD  . ARG A 11 ? 0.1543 0.2383 0.2176 0.0249  -0.0030 0.0138  772 ARG A CD  
50  N NE  . ARG A 11 ? 0.2054 0.3104 0.2613 0.0317  -0.0061 0.0121  772 ARG A NE  
51  C CZ  . ARG A 11 ? 0.1593 0.2834 0.2161 0.0390  -0.0085 0.0130  772 ARG A CZ  
52  N NH1 . ARG A 11 ? 0.1957 0.3171 0.2610 0.0392  -0.0075 0.0174  772 ARG A NH1 
53  N NH2 . ARG A 11 ? 0.2068 0.3552 0.2563 0.0473  -0.0124 0.0082  772 ARG A NH2 
54  N N   . LEU A 12 ? 0.0720 0.1125 0.1214 0.0100  0.0015  -0.0026 773 LEU A N   
55  C CA  . LEU A 12 ? 0.0556 0.0940 0.0993 0.0085  0.0031  -0.0063 773 LEU A CA  
56  C C   . LEU A 12 ? 0.0654 0.0986 0.1035 0.0088  0.0035  -0.0052 773 LEU A C   
57  O O   . LEU A 12 ? 0.0711 0.1049 0.1058 0.0081  0.0038  -0.0057 773 LEU A O   
58  C CB  . LEU A 12 ? 0.0708 0.1051 0.1174 0.0079  0.0070  -0.0089 773 LEU A CB  
59  C CG  . LEU A 12 ? 0.1023 0.1414 0.1580 0.0071  0.0071  -0.0122 773 LEU A CG  
60  C CD1 . LEU A 12 ? 0.1037 0.1379 0.1662 0.0070  0.0135  -0.0126 773 LEU A CD1 
61  C CD2 . LEU A 12 ? 0.1344 0.1836 0.1944 0.0070  0.0038  -0.0176 773 LEU A CD2 
62  N N   . LEU A 13 ? 0.0552 0.0855 0.0949 0.0103  0.0031  -0.0056 774 LEU A N   
63  C CA  . LEU A 13 ? 0.0528 0.0810 0.0891 0.0117  0.0025  -0.0072 774 LEU A CA  
64  C C   . LEU A 13 ? 0.0593 0.0880 0.0992 0.0107  0.0012  -0.0038 774 LEU A C   
65  O O   . LEU A 13 ? 0.0648 0.0920 0.1000 0.0107  0.0012  -0.0040 774 LEU A O   
66  C CB  . LEU A 13 ? 0.0693 0.0993 0.1100 0.0152  0.0009  -0.0131 774 LEU A CB  
67  C CG  . LEU A 13 ? 0.0866 0.1190 0.1226 0.0191  -0.0004 -0.0179 774 LEU A CG  
68  C CD1 . LEU A 13 ? 0.0909 0.1227 0.1131 0.0210  0.0035  -0.0134 774 LEU A CD1 
69  C CD2 . LEU A 13 ? 0.0936 0.1344 0.1346 0.0250  -0.0030 -0.0279 774 LEU A CD2 
70  N N   . GLU A 14 ? 0.0777 0.1097 0.1271 0.0109  0.0011  0.0013  775 GLU A N   
71  C CA  . GLU A 14 ? 0.0979 0.1333 0.1520 0.0122  0.0022  0.0085  775 GLU A CA  
72  C C   . GLU A 14 ? 0.0905 0.1308 0.1313 0.0122  0.0018  0.0088  775 GLU A C   
73  O O   . GLU A 14 ? 0.0828 0.1232 0.1215 0.0126  0.0024  0.0106  775 GLU A O   
74  C CB  . GLU A 14 ? 0.1510 0.1927 0.2175 0.0151  0.0041  0.0175  775 GLU A CB  
75  C CG  . GLU A 14 ? 0.2552 0.3055 0.3254 0.0195  0.0075  0.0296  775 GLU A CG  
76  C CD  . GLU A 14 ? 0.3256 0.3699 0.4126 0.0194  0.0106  0.0332  775 GLU A CD  
77  O OE1 . GLU A 14 ? 0.3703 0.4065 0.4728 0.0167  0.0097  0.0254  775 GLU A OE1 
78  O OE2 . GLU A 14 ? 0.3809 0.4314 0.4678 0.0229  0.0139  0.0424  775 GLU A OE2 
79  N N   . LYS A 15 ? 0.0791 0.1246 0.1144 0.0120  0.0008  0.0051  776 LYS A N   
80  C CA  . LYS A 15 ? 0.0693 0.1219 0.0983 0.0122  -0.0001 0.0006  776 LYS A CA  
81  C C   . LYS A 15 ? 0.0674 0.1111 0.0936 0.0091  0.0012  -0.0038 776 LYS A C   
82  O O   . LYS A 15 ? 0.0841 0.1313 0.1075 0.0093  0.0008  -0.0057 776 LYS A O   
83  C CB  . LYS A 15 ? 0.1090 0.1706 0.1407 0.0128  -0.0017 -0.0061 776 LYS A CB  
84  C CG  . LYS A 15 ? 0.1547 0.2313 0.1872 0.0185  -0.0035 -0.0015 776 LYS A CG  
85  C CD  . LYS A 15 ? 0.2448 0.3370 0.2719 0.0253  -0.0037 0.0048  776 LYS A CD  
86  C CE  . LYS A 15 ? 0.2736 0.3867 0.3002 0.0345  -0.0045 0.0113  776 LYS A CE  
87  N NZ  . LYS A 15 ? 0.3636 0.4691 0.3988 0.0348  -0.0012 0.0232  776 LYS A NZ  
88  N N   . GLU A 16 ? 0.0585 0.0927 0.0851 0.0077  0.0030  -0.0048 777 GLU A N   
89  C CA  . GLU A 16 ? 0.0622 0.0902 0.0859 0.0073  0.0055  -0.0059 777 GLU A CA  
90  C C   . GLU A 16 ? 0.0528 0.0792 0.0728 0.0079  0.0040  -0.0040 777 GLU A C   
91  O O   . GLU A 16 ? 0.0574 0.0827 0.0752 0.0074  0.0048  -0.0046 777 GLU A O   
92  C CB  . GLU A 16 ? 0.0600 0.0838 0.0830 0.0094  0.0085  -0.0048 777 GLU A CB  
93  C CG  . GLU A 16 ? 0.0908 0.1119 0.1099 0.0120  0.0122  -0.0026 777 GLU A CG  
94  C CD  . GLU A 16 ? 0.1242 0.1468 0.1410 0.0178  0.0170  0.0010  777 GLU A CD  
95  O OE1 . GLU A 16 ? 0.1923 0.2151 0.2146 0.0178  0.0202  0.0023  777 GLU A OE1 
96  O OE2 . GLU A 16 ? 0.1330 0.1587 0.1424 0.0237  0.0177  0.0029  777 GLU A OE2 
97  N N   . ASN A 17 ? 0.0469 0.0729 0.0705 0.0091  0.0022  -0.0025 778 ASN A N   
98  C CA  . ASN A 17 ? 0.0210 0.0454 0.0473 0.0097  0.0011  -0.0019 778 ASN A CA  
99  C C   . ASN A 17 ? 0.0373 0.0656 0.0626 0.0093  0.0019  0.0023  778 ASN A C   
100 O O   . ASN A 17 ? 0.0532 0.0798 0.0768 0.0091  0.0020  0.0020  778 ASN A O   
101 C CB  . ASN A 17 ? 0.0311 0.0555 0.0717 0.0109  0.0000  -0.0027 778 ASN A CB  
102 C CG  . ASN A 17 ? 0.0492 0.0739 0.0906 0.0135  -0.0019 -0.0108 778 ASN A CG  
103 O OD1 . ASN A 17 ? 0.0613 0.0869 0.0903 0.0155  -0.0013 -0.0126 778 ASN A OD1 
104 N ND2 . ASN A 17 ? 0.0454 0.0719 0.1040 0.0146  -0.0036 -0.0155 778 ASN A ND2 
105 N N   . ARG A 18 ? 0.0459 0.0823 0.0719 0.0105  0.0023  0.0062  779 ARG A N   
106 C CA  . ARG A 18 ? 0.0752 0.1216 0.0980 0.0132  0.0030  0.0100  779 ARG A CA  
107 C C   . ARG A 18 ? 0.0812 0.1286 0.0973 0.0114  0.0019  0.0022  779 ARG A C   
108 O O   . ARG A 18 ? 0.0697 0.1202 0.0834 0.0123  0.0024  0.0029  779 ARG A O   
109 C CB  . ARG A 18 ? 0.1100 0.1711 0.1322 0.0179  0.0029  0.0140  779 ARG A CB  
110 C CG  . ARG A 18 ? 0.2106 0.2733 0.2439 0.0214  0.0060  0.0255  779 ARG A CG  
111 C CD  . ARG A 18 ? 0.2984 0.3628 0.3414 0.0249  0.0108  0.0372  779 ARG A CD  
112 N NE  . ARG A 18 ? 0.3555 0.4048 0.4099 0.0200  0.0112  0.0336  779 ARG A NE  
113 C CZ  . ARG A 18 ? 0.3989 0.4382 0.4652 0.0168  0.0099  0.0279  779 ARG A CZ  
114 N NH1 . ARG A 18 ? 0.3781 0.4180 0.4460 0.0167  0.0088  0.0267  779 ARG A NH1 
115 N NH2 . ARG A 18 ? 0.3972 0.4284 0.4745 0.0145  0.0089  0.0216  779 ARG A NH2 
116 N N   . GLU A 19 ? 0.0674 0.1120 0.0841 0.0089  0.0017  -0.0047 780 GLU A N   
117 C CA  . GLU A 19 ? 0.0553 0.1002 0.0745 0.0071  0.0024  -0.0120 780 GLU A CA  
118 C C   . GLU A 19 ? 0.0612 0.0953 0.0784 0.0057  0.0043  -0.0097 780 GLU A C   
119 O O   . GLU A 19 ? 0.0798 0.1152 0.0984 0.0050  0.0049  -0.0129 780 GLU A O   
120 C CB  . GLU A 19 ? 0.0633 0.1070 0.0919 0.0053  0.0040  -0.0180 780 GLU A CB  
121 C CG  . GLU A 19 ? 0.0849 0.1336 0.1266 0.0040  0.0051  -0.0283 780 GLU A CG  
122 C CD  . GLU A 19 ? 0.1225 0.1907 0.1646 0.0073  0.0002  -0.0375 780 GLU A CD  
123 O OE1 . GLU A 19 ? 0.1735 0.2533 0.2065 0.0116  -0.0030 -0.0347 780 GLU A OE1 
124 O OE2 . GLU A 19 ? 0.1746 0.2488 0.2271 0.0068  0.0000  -0.0477 780 GLU A OE2 
125 N N   . LEU A 20 ? 0.0545 0.0806 0.0692 0.0062  0.0049  -0.0058 781 LEU A N   
126 C CA  . LEU A 20 ? 0.0376 0.0578 0.0494 0.0072  0.0057  -0.0046 781 LEU A CA  
127 C C   . LEU A 20 ? 0.0567 0.0780 0.0680 0.0071  0.0039  -0.0036 781 LEU A C   
128 O O   . LEU A 20 ? 0.0663 0.0851 0.0762 0.0071  0.0045  -0.0042 781 LEU A O   
129 C CB  . LEU A 20 ? 0.0302 0.0482 0.0398 0.0104  0.0051  -0.0040 781 LEU A CB  
130 C CG  . LEU A 20 ? 0.0381 0.0561 0.0472 0.0128  0.0087  -0.0026 781 LEU A CG  
131 C CD1 . LEU A 20 ? 0.0684 0.0898 0.0736 0.0183  0.0070  -0.0040 781 LEU A CD1 
132 C CD2 . LEU A 20 ? 0.0615 0.0777 0.0727 0.0142  0.0144  0.0010  781 LEU A CD2 
133 N N   . GLU A 21 ? 0.0469 0.0726 0.0613 0.0077  0.0030  -0.0004 782 GLU A N   
134 C CA  . GLU A 21 ? 0.0731 0.1011 0.0906 0.0086  0.0035  0.0034  782 GLU A CA  
135 C C   . GLU A 21 ? 0.0751 0.1103 0.0875 0.0088  0.0041  0.0017  782 GLU A C   
136 O O   . GLU A 21 ? 0.0802 0.1147 0.0927 0.0088  0.0048  0.0024  782 GLU A O   
137 C CB  . GLU A 21 ? 0.0853 0.1182 0.1119 0.0111  0.0052  0.0111  782 GLU A CB  
138 C CG  . GLU A 21 ? 0.1099 0.1364 0.1506 0.0108  0.0048  0.0104  782 GLU A CG  
139 C CD  . GLU A 21 ? 0.1896 0.2193 0.2493 0.0134  0.0092  0.0199  782 GLU A CD  
140 O OE1 . GLU A 21 ? 0.2140 0.2489 0.2758 0.0159  0.0131  0.0284  782 GLU A OE1 
141 O OE2 . GLU A 21 ? 0.1816 0.2090 0.2570 0.0135  0.0096  0.0197  782 GLU A OE2 
142 N N   . LYS A 22 ? 0.0825 0.1260 0.0926 0.0093  0.0034  -0.0025 783 LYS A N   
143 C CA  . LYS A 22 ? 0.0982 0.1525 0.1075 0.0104  0.0028  -0.0093 783 LYS A CA  
144 C C   . LYS A 22 ? 0.0947 0.1396 0.1082 0.0066  0.0039  -0.0147 783 LYS A C   
145 O O   . LYS A 22 ? 0.0855 0.1340 0.0997 0.0069  0.0041  -0.0178 783 LYS A O   
146 C CB  . LYS A 22 ? 0.1239 0.1923 0.1359 0.0125  0.0007  -0.0173 783 LYS A CB  
147 C CG  . LYS A 22 ? 0.1858 0.2699 0.1925 0.0191  -0.0001 -0.0110 783 LYS A CG  
148 C CD  . LYS A 22 ? 0.2500 0.3507 0.2596 0.0222  -0.0035 -0.0217 783 LYS A CD  
149 C CE  . LYS A 22 ? 0.3407 0.4593 0.3440 0.0309  -0.0038 -0.0130 783 LYS A CE  
150 N NZ  . LYS A 22 ? 0.3884 0.5181 0.3848 0.0384  -0.0004 0.0000  783 LYS A NZ  
151 N N   . ILE A 23 ? 0.0740 0.1079 0.0910 0.0044  0.0057  -0.0143 784 ILE A N   
152 C CA  . ILE A 23 ? 0.0705 0.0966 0.0933 0.0030  0.0088  -0.0152 784 ILE A CA  
153 C C   . ILE A 23 ? 0.0764 0.0972 0.0927 0.0039  0.0083  -0.0109 784 ILE A C   
154 O O   . ILE A 23 ? 0.0781 0.0975 0.0982 0.0033  0.0098  -0.0125 784 ILE A O   
155 C CB  . ILE A 23 ? 0.0755 0.0943 0.1019 0.0038  0.0126  -0.0112 784 ILE A CB  
156 C CG1 . ILE A 23 ? 0.0807 0.1039 0.1206 0.0022  0.0144  -0.0171 784 ILE A CG1 
157 C CG2 . ILE A 23 ? 0.0745 0.0870 0.1047 0.0057  0.0175  -0.0064 784 ILE A CG2 
158 C CD1 . ILE A 23 ? 0.0904 0.1081 0.1341 0.0037  0.0190  -0.0114 784 ILE A CD1 
159 N N   . ILE A 24 ? 0.0643 0.0834 0.0750 0.0054  0.0062  -0.0067 785 ILE A N   
160 C CA  . ILE A 24 ? 0.0561 0.0719 0.0657 0.0064  0.0051  -0.0053 785 ILE A CA  
161 C C   . ILE A 24 ? 0.0774 0.0975 0.0882 0.0055  0.0053  -0.0054 785 ILE A C   
162 O O   . ILE A 24 ? 0.0753 0.0927 0.0868 0.0054  0.0056  -0.0062 785 ILE A O   
163 C CB  . ILE A 24 ? 0.0597 0.0746 0.0721 0.0081  0.0027  -0.0044 785 ILE A CB  
164 C CG1 . ILE A 24 ? 0.0613 0.0755 0.0707 0.0113  0.0018  -0.0063 785 ILE A CG1 
165 C CG2 . ILE A 24 ? 0.0689 0.0829 0.0880 0.0088  0.0014  -0.0051 785 ILE A CG2 
166 C CD1 . ILE A 24 ? 0.0547 0.0709 0.0704 0.0131  -0.0011 -0.0093 785 ILE A CD1 
167 N N   . ALA A 25 ? 0.0688 0.0977 0.0793 0.0065  0.0055  -0.0038 786 ALA A N   
168 C CA  . ALA A 25 ? 0.0650 0.1032 0.0750 0.0083  0.0065  -0.0028 786 ALA A CA  
169 C C   . ALA A 25 ? 0.0890 0.1303 0.0997 0.0069  0.0063  -0.0114 786 ALA A C   
170 O O   . ALA A 25 ? 0.0767 0.1194 0.0880 0.0072  0.0071  -0.0123 786 ALA A O   
171 C CB  . ALA A 25 ? 0.0913 0.1443 0.0991 0.0130  0.0075  0.0019  786 ALA A CB  
172 N N   . GLU A 26 ? 0.0646 0.1070 0.0797 0.0055  0.0060  -0.0184 787 GLU A N   
173 C CA  . GLU A 26 ? 0.0720 0.1173 0.0974 0.0039  0.0068  -0.0282 787 GLU A CA  
174 C C   . GLU A 26 ? 0.0821 0.1142 0.1114 0.0017  0.0095  -0.0251 787 GLU A C   
175 O O   . GLU A 26 ? 0.0882 0.1226 0.1239 0.0010  0.0103  -0.0300 787 GLU A O   
176 C CB  . GLU A 26 ? 0.0930 0.1407 0.1306 0.0025  0.0074  -0.0360 787 GLU A CB  
177 C CG  . GLU A 26 ? 0.1009 0.1679 0.1375 0.0061  0.0036  -0.0440 787 GLU A CG  
178 C CD  . GLU A 26 ? 0.1288 0.1970 0.1790 0.0047  0.0038  -0.0515 787 GLU A CD  
179 O OE1 . GLU A 26 ? 0.1446 0.1997 0.2095 0.0009  0.0084  -0.0506 787 GLU A OE1 
180 O OE2 . GLU A 26 ? 0.1719 0.2559 0.2196 0.0084  0.0001  -0.0569 787 GLU A OE2 
181 N N   . LYS A 27 ? 0.0660 0.0872 0.0914 0.0019  0.0106  -0.0173 788 LYS A N   
182 C CA  . LYS A 27 ? 0.0686 0.0816 0.0958 0.0029  0.0130  -0.0132 788 LYS A CA  
183 C C   . LYS A 27 ? 0.0642 0.0765 0.0856 0.0034  0.0107  -0.0121 788 LYS A C   
184 O O   . LYS A 27 ? 0.0733 0.0832 0.0990 0.0034  0.0123  -0.0124 788 LYS A O   
185 C CB  . LYS A 27 ? 0.0791 0.0872 0.1016 0.0064  0.0143  -0.0063 788 LYS A CB  
186 C CG  . LYS A 27 ? 0.0819 0.0890 0.1146 0.0068  0.0196  -0.0045 788 LYS A CG  
187 C CD  . LYS A 27 ? 0.0977 0.1038 0.1229 0.0127  0.0214  0.0036  788 LYS A CD  
188 C CE  . LYS A 27 ? 0.1538 0.1590 0.1917 0.0140  0.0287  0.0082  788 LYS A CE  
189 N NZ  . LYS A 27 ? 0.1504 0.1528 0.2089 0.0149  0.0376  0.0129  788 LYS A NZ  
190 N N   . GLU A 28 ? 0.0719 0.0867 0.0875 0.0040  0.0079  -0.0103 789 GLU A N   
191 C CA  . GLU A 28 ? 0.0630 0.0774 0.0790 0.0044  0.0071  -0.0089 789 GLU A CA  
192 C C   . GLU A 28 ? 0.0873 0.1083 0.1052 0.0036  0.0085  -0.0119 789 GLU A C   
193 O O   . GLU A 28 ? 0.0881 0.1072 0.1084 0.0033  0.0090  -0.0124 789 GLU A O   
194 C CB  . GLU A 28 ? 0.0716 0.0877 0.0899 0.0056  0.0063  -0.0049 789 GLU A CB  
195 C CG  . GLU A 28 ? 0.1148 0.1265 0.1361 0.0070  0.0037  -0.0057 789 GLU A CG  
196 C CD  . GLU A 28 ? 0.1070 0.1162 0.1345 0.0089  0.0013  -0.0095 789 GLU A CD  
197 O OE1 . GLU A 28 ? 0.1356 0.1437 0.1613 0.0087  0.0018  -0.0103 789 GLU A OE1 
198 O OE2 . GLU A 28 ? 0.1482 0.1583 0.1843 0.0110  -0.0015 -0.0134 789 GLU A OE2 
199 N N   . GLU A 29 ? 0.0759 0.1078 0.0930 0.0042  0.0087  -0.0155 790 GLU A N   
200 C CA  . GLU A 29 ? 0.0843 0.1285 0.1032 0.0055  0.0092  -0.0218 790 GLU A CA  
201 C C   . GLU A 29 ? 0.1017 0.1410 0.1312 0.0026  0.0101  -0.0295 790 GLU A C   
202 O O   . GLU A 29 ? 0.1087 0.1515 0.1413 0.0027  0.0107  -0.0329 790 GLU A O   
203 C CB  . GLU A 29 ? 0.1209 0.1834 0.1375 0.0094  0.0079  -0.0270 790 GLU A CB  
204 C CG  . GLU A 29 ? 0.1183 0.2012 0.1357 0.0138  0.0073  -0.0364 790 GLU A CG  
205 C CD  . GLU A 29 ? 0.1867 0.2730 0.1987 0.0170  0.0100  -0.0284 790 GLU A CD  
206 O OE1 . GLU A 29 ? 0.1889 0.2691 0.1972 0.0183  0.0127  -0.0143 790 GLU A OE1 
207 O OE2 . GLU A 29 ? 0.2291 0.3251 0.2443 0.0185  0.0099  -0.0368 790 GLU A OE2 
208 N N   . ARG A 30 ? 0.0739 0.1055 0.1115 0.0005  0.0115  -0.0308 791 ARG A N   
209 C CA  . ARG A 30 ? 0.1000 0.1259 0.1538 -0.0013 0.0150  -0.0343 791 ARG A CA  
210 C C   . ARG A 30 ? 0.0868 0.1032 0.1369 -0.0007 0.0161  -0.0268 791 ARG A C   
211 O O   . ARG A 30 ? 0.0868 0.1029 0.1471 -0.0016 0.0180  -0.0305 791 ARG A O   
212 C CB  . ARG A 30 ? 0.0961 0.1159 0.1628 -0.0019 0.0189  -0.0326 791 ARG A CB  
213 C CG  . ARG A 30 ? 0.1359 0.1512 0.2279 -0.0029 0.0253  -0.0343 791 ARG A CG  
214 C CD  . ARG A 30 ? 0.1562 0.1827 0.2661 -0.0050 0.0239  -0.0510 791 ARG A CD  
215 N NE  . ARG A 30 ? 0.2120 0.2335 0.3529 -0.0064 0.0309  -0.0534 791 ARG A NE  
216 C CZ  . ARG A 30 ? 0.2436 0.2736 0.4043 -0.0080 0.0304  -0.0681 791 ARG A CZ  
217 N NH1 . ARG A 30 ? 0.2454 0.2915 0.3935 -0.0070 0.0232  -0.0812 791 ARG A NH1 
218 N NH2 . ARG A 30 ? 0.2349 0.2589 0.4295 -0.0093 0.0380  -0.0689 791 ARG A NH2 
219 N N   . VAL A 31 ? 0.0770 0.0875 0.1146 0.0014  0.0144  -0.0184 792 VAL A N   
220 C CA  . VAL A 31 ? 0.0806 0.0858 0.1152 0.0034  0.0139  -0.0139 792 VAL A CA  
221 C C   . VAL A 31 ? 0.0788 0.0875 0.1133 0.0019  0.0126  -0.0175 792 VAL A C   
222 O O   . VAL A 31 ? 0.0849 0.0910 0.1238 0.0020  0.0133  -0.0177 792 VAL A O   
223 C CB  . VAL A 31 ? 0.0671 0.0706 0.0922 0.0071  0.0106  -0.0096 792 VAL A CB  
224 C CG1 . VAL A 31 ? 0.0954 0.0979 0.1199 0.0098  0.0082  -0.0094 792 VAL A CG1 
225 C CG2 . VAL A 31 ? 0.0845 0.0871 0.1082 0.0110  0.0129  -0.0047 792 VAL A CG2 
226 N N   . SER A 32 ? 0.0863 0.1023 0.1163 0.0015  0.0114  -0.0186 793 SER A N   
227 C CA  . SER A 32 ? 0.0605 0.0831 0.0905 0.0021  0.0119  -0.0194 793 SER A CA  
228 C C   . SER A 32 ? 0.0958 0.1253 0.1327 0.0013  0.0132  -0.0281 793 SER A C   
229 O O   . SER A 32 ? 0.0976 0.1274 0.1375 0.0012  0.0139  -0.0291 793 SER A O   
230 C CB  . SER A 32 ? 0.0863 0.1192 0.1110 0.0049  0.0125  -0.0153 793 SER A CB  
231 O OG  . SER A 32 ? 0.1465 0.1887 0.1717 0.0076  0.0150  -0.0131 793 SER A OG  
232 N N   . GLU A 33 ? 0.0942 0.1303 0.1374 0.0007  0.0131  -0.0361 794 GLU A N   
233 C CA  . GLU A 33 ? 0.1079 0.1527 0.1654 0.0001  0.0139  -0.0490 794 GLU A CA  
234 C C   . GLU A 33 ? 0.1076 0.1397 0.1781 -0.0026 0.0168  -0.0475 794 GLU A C   
235 O O   . GLU A 33 ? 0.1223 0.1589 0.2017 -0.0030 0.0175  -0.0544 794 GLU A O   
236 C CB  . GLU A 33 ? 0.1244 0.1777 0.1945 -0.0003 0.0134  -0.0600 794 GLU A CB  
237 C CG  . GLU A 33 ? 0.1766 0.2485 0.2350 0.0043  0.0100  -0.0640 794 GLU A CG  
238 C CD  . GLU A 33 ? 0.2344 0.3160 0.3076 0.0043  0.0085  -0.0774 794 GLU A CD  
239 O OE1 . GLU A 33 ? 0.2445 0.3142 0.3384 -0.0002 0.0115  -0.0800 794 GLU A OE1 
240 O OE2 . GLU A 33 ? 0.2663 0.3693 0.3324 0.0098  0.0048  -0.0849 794 GLU A OE2 
241 N N   . LEU A 34 ? 0.0944 0.1131 0.1658 -0.0028 0.0189  -0.0380 795 LEU A N   
242 C CA  . LEU A 34 ? 0.1090 0.1182 0.1918 -0.0025 0.0228  -0.0328 795 LEU A CA  
243 C C   . LEU A 34 ? 0.1190 0.1254 0.1921 -0.0015 0.0207  -0.0291 795 LEU A C   
244 O O   . LEU A 34 ? 0.1261 0.1303 0.2103 -0.0017 0.0230  -0.0301 795 LEU A O   
245 C CB  . LEU A 34 ? 0.1229 0.1241 0.2049 0.0006  0.0259  -0.0212 795 LEU A CB  
246 C CG  . LEU A 34 ? 0.1561 0.1579 0.2539 -0.0003 0.0302  -0.0228 795 LEU A CG  
247 C CD1 . LEU A 34 ? 0.1816 0.1779 0.2735 0.0049  0.0337  -0.0087 795 LEU A CD1 
248 C CD2 . LEU A 34 ? 0.1751 0.1772 0.3061 -0.0025 0.0365  -0.0297 795 LEU A CD2 
249 N N   . ARG A 35 ? 0.0911 0.0981 0.1479 -0.0003 0.0168  -0.0253 796 ARG A N   
250 C CA  . ARG A 35 ? 0.0954 0.1003 0.1484 0.0006  0.0152  -0.0231 796 ARG A CA  
251 C C   . ARG A 35 ? 0.1114 0.1237 0.1685 -0.0010 0.0162  -0.0293 796 ARG A C   
252 O O   . ARG A 35 ? 0.1320 0.1421 0.1931 -0.0011 0.0165  -0.0295 796 ARG A O   
253 C CB  . ARG A 35 ? 0.0771 0.0811 0.1212 0.0023  0.0119  -0.0190 796 ARG A CB  
254 C CG  . ARG A 35 ? 0.0951 0.0952 0.1356 0.0062  0.0099  -0.0153 796 ARG A CG  
255 C CD  . ARG A 35 ? 0.0967 0.0978 0.1342 0.0081  0.0058  -0.0154 796 ARG A CD  
256 N NE  . ARG A 35 ? 0.1152 0.1182 0.1495 0.0144  0.0028  -0.0152 796 ARG A NE  
257 C CZ  . ARG A 35 ? 0.1341 0.1409 0.1670 0.0177  -0.0012 -0.0179 796 ARG A CZ  
258 N NH1 . ARG A 35 ? 0.1337 0.1395 0.1706 0.0143  -0.0017 -0.0193 796 ARG A NH1 
259 N NH2 . ARG A 35 ? 0.1804 0.1942 0.2084 0.0260  -0.0044 -0.0191 796 ARG A NH2 
260 N N   . HIS A 36 ? 0.1233 0.1472 0.1791 -0.0010 0.0164  -0.0351 797 HIS A N   
261 C CA  . HIS A 36 ? 0.1453 0.1826 0.2036 0.0003  0.0172  -0.0426 797 HIS A CA  
262 C C   . HIS A 36 ? 0.1657 0.2019 0.2413 -0.0020 0.0187  -0.0520 797 HIS A C   
263 O O   . HIS A 36 ? 0.1732 0.2150 0.2532 -0.0016 0.0194  -0.0568 797 HIS A O   
264 C CB  . HIS A 36 ? 0.1786 0.2347 0.2315 0.0038  0.0164  -0.0485 797 HIS A CB  
265 C CG  . HIS A 36 ? 0.2219 0.2988 0.2758 0.0082  0.0169  -0.0580 797 HIS A CG  
266 N ND1 . HIS A 36 ? 0.2881 0.3706 0.3352 0.0118  0.0195  -0.0509 797 HIS A ND1 
267 C CD2 . HIS A 36 ? 0.2716 0.3677 0.3346 0.0107  0.0151  -0.0755 797 HIS A CD2 
268 C CE1 . HIS A 36 ? 0.2808 0.3862 0.3289 0.0172  0.0196  -0.0620 797 HIS A CE1 
269 N NE2 . HIS A 36 ? 0.2638 0.3789 0.3217 0.0168  0.0161  -0.0788 797 HIS A NE2 
270 N N   . GLN A 37 ? 0.1772 0.2063 0.2660 -0.0040 0.0202  -0.0536 798 GLN A N   
271 C CA  . GLN A 37 ? 0.2020 0.2287 0.3156 -0.0060 0.0236  -0.0608 798 GLN A CA  
272 C C   . GLN A 37 ? 0.2281 0.2424 0.3439 -0.0058 0.0257  -0.0512 798 GLN A C   
273 O O   . GLN A 37 ? 0.2390 0.2525 0.3748 -0.0069 0.0289  -0.0562 798 GLN A O   
274 C CB  . GLN A 37 ? 0.2246 0.2478 0.3583 -0.0072 0.0272  -0.0628 798 GLN A CB  
275 C CG  . GLN A 37 ? 0.2781 0.3170 0.4189 -0.0073 0.0246  -0.0781 798 GLN A CG  
276 C CD  . GLN A 37 ? 0.3494 0.3825 0.5115 -0.0087 0.0288  -0.0778 798 GLN A CD  
277 O OE1 . GLN A 37 ? 0.4090 0.4290 0.5895 -0.0092 0.0356  -0.0682 798 GLN A OE1 
278 N NE2 . GLN A 37 ? 0.3630 0.4068 0.5245 -0.0082 0.0257  -0.0869 798 GLN A NE2 
279 N N   . LEU A 38 ? 0.2190 0.2257 0.3171 -0.0036 0.0237  -0.0390 799 LEU A N   
280 C CA  . LEU A 38 ? 0.2766 0.2757 0.3749 -0.0015 0.0243  -0.0317 799 LEU A CA  
281 C C   . LEU A 38 ? 0.3196 0.3224 0.4201 -0.0032 0.0234  -0.0378 799 LEU A C   
282 O O   . LEU A 38 ? 0.3352 0.3344 0.4475 -0.0028 0.0256  -0.0374 799 LEU A O   
283 C CB  . LEU A 38 ? 0.2656 0.2612 0.3468 0.0022  0.0203  -0.0232 799 LEU A CB  
284 C CG  . LEU A 38 ? 0.2801 0.2734 0.3570 0.0071  0.0211  -0.0146 799 LEU A CG  
285 C CD1 . LEU A 38 ? 0.2670 0.2620 0.3287 0.0106  0.0151  -0.0130 799 LEU A CD1 
286 C CD2 . LEU A 38 ? 0.2838 0.2750 0.3720 0.0123  0.0263  -0.0062 799 LEU A CD2 
287 N N   . GLN A 39 ? 0.3834 0.3943 0.4733 -0.0037 0.0213  -0.0417 800 GLN A N   
288 C CA  . GLN A 39 ? 0.4650 0.4820 0.5559 -0.0037 0.0218  -0.0456 800 GLN A CA  
289 C C   . GLN A 39 ? 0.4869 0.5125 0.5940 -0.0050 0.0238  -0.0583 800 GLN A C   
290 O O   . GLN A 39 ? 0.5046 0.5250 0.6251 -0.0061 0.0255  -0.0601 800 GLN A O   
291 C CB  . GLN A 39 ? 0.4892 0.5167 0.5675 -0.0014 0.0216  -0.0437 800 GLN A CB  
292 C CG  . GLN A 39 ? 0.5257 0.5481 0.5944 -0.0004 0.0202  -0.0345 800 GLN A CG  
293 C CD  . GLN A 39 ? 0.5709 0.6057 0.6323 0.0031  0.0225  -0.0303 800 GLN A CD  
294 O OE1 . GLN A 39 ? 0.6019 0.6519 0.6587 0.0058  0.0232  -0.0351 800 GLN A OE1 
295 N NE2 . GLN A 39 ? 0.5853 0.6159 0.6488 0.0043  0.0242  -0.0213 800 GLN A NE2 
296 N N   . SER A 40 ? 0.5179 0.5585 0.6257 -0.0039 0.0232  -0.0685 801 SER A N   
297 C CA  . SER A 40 ? 0.5454 0.5998 0.6723 -0.0040 0.0238  -0.0863 801 SER A CA  
298 C C   . SER A 40 ? 0.5566 0.6006 0.7122 -0.0077 0.0269  -0.0903 801 SER A C   
299 O O   . SER A 40 ? 0.5685 0.6071 0.7419 -0.0093 0.0296  -0.0922 801 SER A O   
300 C CB  . SER A 40 ? 0.5534 0.6311 0.6748 0.0003  0.0212  -0.0983 801 SER A CB  
301 O OG  . SER A 40 ? 0.5401 0.6127 0.6596 -0.0008 0.0202  -0.0951 801 SER A OG  
302 N N   . SER B 1  ? 0.3623 0.3258 0.3431 0.0343  0.0243  0.0113  779 SER B N   
303 C CA  . SER B 1  ? 0.2690 0.2323 0.2568 0.0314  0.0242  0.0121  779 SER B CA  
304 C C   . SER B 1  ? 0.2391 0.2050 0.2191 0.0347  0.0240  0.0137  779 SER B C   
305 O O   . SER B 1  ? 0.1919 0.1582 0.1756 0.0321  0.0230  0.0136  779 SER B O   
306 C CB  . SER B 1  ? 0.3365 0.2973 0.3423 0.0318  0.0300  0.0169  779 SER B CB  
307 O OG  . SER B 1  ? 0.3778 0.3383 0.3977 0.0278  0.0266  0.0135  779 SER B OG  
308 N N   . VAL B 2  ? 0.2132 0.1806 0.1826 0.0416  0.0232  0.0136  780 VAL B N   
309 C CA  . VAL B 2  ? 0.2091 0.1791 0.1708 0.0466  0.0201  0.0119  780 VAL B CA  
310 C C   . VAL B 2  ? 0.1837 0.1560 0.1496 0.0395  0.0145  0.0056  780 VAL B C   
311 O O   . VAL B 2  ? 0.1906 0.1650 0.1554 0.0403  0.0124  0.0044  780 VAL B O   
312 C CB  . VAL B 2  ? 0.2152 0.1858 0.1650 0.0592  0.0164  0.0092  780 VAL B CB  
313 C CG1 . VAL B 2  ? 0.2370 0.2029 0.1759 0.0717  0.0251  0.0186  780 VAL B CG1 
314 C CG2 . VAL B 2  ? 0.2368 0.2088 0.1917 0.0574  0.0110  0.0022  780 VAL B CG2 
315 N N   . ASN B 3  ? 0.1681 0.1396 0.1390 0.0340  0.0140  0.0029  781 ASN B N   
316 C CA  . ASN B 3  ? 0.1678 0.1395 0.1432 0.0299  0.0134  0.0001  781 ASN B CA  
317 C C   . ASN B 3  ? 0.1434 0.1128 0.1155 0.0269  0.0142  0.0022  781 ASN B C   
318 O O   . ASN B 3  ? 0.1434 0.1136 0.1161 0.0261  0.0139  0.0017  781 ASN B O   
319 C CB  . ASN B 3  ? 0.1701 0.1390 0.1496 0.0283  0.0161  -0.0009 781 ASN B CB  
320 C CG  . ASN B 3  ? 0.2438 0.2149 0.2312 0.0313  0.0140  -0.0045 781 ASN B CG  
321 O OD1 . ASN B 3  ? 0.3023 0.2716 0.2903 0.0310  0.0158  -0.0041 781 ASN B OD1 
322 N ND2 . ASN B 3  ? 0.2408 0.2161 0.2349 0.0354  0.0084  -0.0097 781 ASN B ND2 
323 N N   . GLN B 4  ? 0.1424 0.1091 0.1141 0.0258  0.0143  0.0033  782 GLN B N   
324 C CA  . GLN B 4  ? 0.1323 0.0972 0.1047 0.0247  0.0118  0.0023  782 GLN B CA  
325 C C   . GLN B 4  ? 0.1325 0.1005 0.1090 0.0246  0.0123  0.0049  782 GLN B C   
326 O O   . GLN B 4  ? 0.1220 0.0900 0.0979 0.0236  0.0101  0.0039  782 GLN B O   
327 C CB  . GLN B 4  ? 0.1795 0.1413 0.1591 0.0246  0.0092  -0.0004 782 GLN B CB  
328 C CG  . GLN B 4  ? 0.2266 0.1837 0.1975 0.0272  0.0073  -0.0043 782 GLN B CG  
329 C CD  . GLN B 4  ? 0.2731 0.2255 0.2297 0.0321  0.0049  -0.0069 782 GLN B CD  
330 O OE1 . GLN B 4  ? 0.2769 0.2307 0.2310 0.0320  0.0052  -0.0054 782 GLN B OE1 
331 N NE2 . GLN B 4  ? 0.2522 0.1983 0.1971 0.0386  0.0035  -0.0103 782 GLN B NE2 
332 N N   . ALA B 5  ? 0.1238 0.0935 0.1022 0.0276  0.0160  0.0091  783 ALA B N   
333 C CA  . ALA B 5  ? 0.1265 0.0975 0.1053 0.0307  0.0188  0.0131  783 ALA B CA  
334 C C   . ALA B 5  ? 0.1195 0.0935 0.0911 0.0311  0.0150  0.0100  783 ALA B C   
335 O O   . ALA B 5  ? 0.1062 0.0810 0.0791 0.0303  0.0148  0.0111  783 ALA B O   
336 C CB  . ALA B 5  ? 0.1346 0.1046 0.1095 0.0391  0.0251  0.0191  783 ALA B CB  
337 N N   . SER B 6  ? 0.1200 0.0955 0.0886 0.0322  0.0121  0.0059  784 SER B N   
338 C CA  . SER B 6  ? 0.1196 0.0981 0.0900 0.0327  0.0086  0.0017  784 SER B CA  
339 C C   . SER B 6  ? 0.1167 0.0938 0.0897 0.0271  0.0095  0.0021  784 SER B C   
340 O O   . SER B 6  ? 0.1157 0.0945 0.0905 0.0269  0.0085  0.0015  784 SER B O   
341 C CB  . SER B 6  ? 0.1476 0.1277 0.1248 0.0349  0.0053  -0.0042 784 SER B CB  
342 O OG  . SER B 6  ? 0.2137 0.1954 0.1853 0.0443  0.0010  -0.0072 784 SER B OG  
343 N N   . THR B 7  ? 0.1077 0.0808 0.0790 0.0248  0.0115  0.0030  785 THR B N   
344 C CA  . THR B 7  ? 0.0960 0.0657 0.0633 0.0243  0.0124  0.0036  785 THR B CA  
345 C C   . THR B 7  ? 0.1018 0.0719 0.0679 0.0236  0.0091  0.0037  785 THR B C   
346 O O   . THR B 7  ? 0.1155 0.0852 0.0795 0.0239  0.0090  0.0041  785 THR B O   
347 C CB  . THR B 7  ? 0.1088 0.0725 0.0690 0.0266  0.0139  0.0034  785 THR B CB  
348 O OG1 . THR B 7  ? 0.1243 0.0873 0.0892 0.0273  0.0192  0.0045  785 THR B OG1 
349 C CG2 . THR B 7  ? 0.1536 0.1115 0.1022 0.0316  0.0143  0.0037  785 THR B CG2 
350 N N   . SER B 8  ? 0.0987 0.0690 0.0698 0.0229  0.0076  0.0039  786 SER B N   
351 C CA  . SER B 8  ? 0.0962 0.0670 0.0749 0.0221  0.0054  0.0039  786 SER B CA  
352 C C   . SER B 8  ? 0.0985 0.0730 0.0771 0.0222  0.0078  0.0070  786 SER B C   
353 O O   . SER B 8  ? 0.1002 0.0751 0.0810 0.0214  0.0059  0.0067  786 SER B O   
354 C CB  . SER B 8  ? 0.1060 0.0762 0.0997 0.0218  0.0068  0.0051  786 SER B CB  
355 O OG  . SER B 8  ? 0.1248 0.0917 0.1221 0.0221  0.0018  -0.0004 786 SER B OG  
356 N N   . ARG B 9  ? 0.1076 0.0843 0.0827 0.0252  0.0105  0.0090  787 ARG B N   
357 C CA  . ARG B 9  ? 0.1095 0.0889 0.0814 0.0288  0.0110  0.0100  787 ARG B CA  
358 C C   . ARG B 9  ? 0.1048 0.0858 0.0769 0.0261  0.0078  0.0067  787 ARG B C   
359 O O   . ARG B 9  ? 0.0937 0.0758 0.0665 0.0259  0.0076  0.0077  787 ARG B O   
360 C CB  . ARG B 9  ? 0.1312 0.1118 0.0959 0.0364  0.0107  0.0090  787 ARG B CB  
361 C CG  . ARG B 9  ? 0.2195 0.2021 0.1777 0.0443  0.0092  0.0082  787 ARG B CG  
362 C CD  . ARG B 9  ? 0.3187 0.3014 0.2660 0.0569  0.0055  0.0044  787 ARG B CD  
363 N NE  . ARG B 9  ? 0.4219 0.4041 0.3570 0.0691  0.0048  0.0046  787 ARG B NE  
364 C CZ  . ARG B 9  ? 0.4739 0.4592 0.4087 0.0744  -0.0047 -0.0050 787 ARG B CZ  
365 N NH1 . ARG B 9  ? 0.4892 0.4786 0.4409 0.0677  -0.0129 -0.0148 787 ARG B NH1 
366 N NH2 . ARG B 9  ? 0.5235 0.5071 0.4434 0.0877  -0.0053 -0.0046 787 ARG B NH2 
367 N N   . LEU B 10 ? 0.0862 0.0666 0.0597 0.0245  0.0075  0.0042  788 LEU B N   
368 C CA  . LEU B 10 ? 0.0907 0.0712 0.0685 0.0233  0.0082  0.0033  788 LEU B CA  
369 C C   . LEU B 10 ? 0.0847 0.0622 0.0569 0.0221  0.0084  0.0055  788 LEU B C   
370 O O   . LEU B 10 ? 0.0900 0.0686 0.0640 0.0219  0.0084  0.0059  788 LEU B O   
371 C CB  . LEU B 10 ? 0.1005 0.0790 0.0854 0.0234  0.0120  0.0026  788 LEU B CB  
372 C CG  . LEU B 10 ? 0.1049 0.0822 0.1002 0.0236  0.0171  0.0042  788 LEU B CG  
373 C CD1 . LEU B 10 ? 0.1148 0.0979 0.1238 0.0236  0.0125  -0.0007 788 LEU B CD1 
374 C CD2 . LEU B 10 ? 0.1429 0.1167 0.1505 0.0249  0.0249  0.0060  788 LEU B CD2 
375 N N   . GLU B 11 ? 0.0921 0.0655 0.0583 0.0228  0.0071  0.0054  789 GLU B N   
376 C CA  . GLU B 11 ? 0.1046 0.0745 0.0653 0.0249  0.0037  0.0043  789 GLU B CA  
377 C C   . GLU B 11 ? 0.0884 0.0619 0.0572 0.0224  0.0008  0.0040  789 GLU B C   
378 O O   . GLU B 11 ? 0.1112 0.0841 0.0781 0.0235  -0.0011 0.0037  789 GLU B O   
379 C CB  . GLU B 11 ? 0.1191 0.0843 0.0749 0.0285  -0.0010 0.0005  789 GLU B CB  
380 C CG  . GLU B 11 ? 0.1606 0.1203 0.1044 0.0335  0.0032  0.0017  789 GLU B CG  
381 C CD  . GLU B 11 ? 0.2364 0.1904 0.1714 0.0402  -0.0036 -0.0040 789 GLU B CD  
382 O OE1 . GLU B 11 ? 0.2431 0.1992 0.1907 0.0374  -0.0107 -0.0093 789 GLU B OE1 
383 O OE2 . GLU B 11 ? 0.2525 0.1987 0.1692 0.0499  -0.0010 -0.0032 789 GLU B OE2 
384 N N   . GLY B 12 ? 0.1004 0.0766 0.0780 0.0207  0.0021  0.0055  790 GLY B N   
385 C CA  . GLY B 12 ? 0.0725 0.0509 0.0598 0.0200  0.0031  0.0078  790 GLY B CA  
386 C C   . GLY B 12 ? 0.0825 0.0639 0.0650 0.0205  0.0046  0.0093  790 GLY B C   
387 O O   . GLY B 12 ? 0.0955 0.0776 0.0824 0.0198  0.0037  0.0100  790 GLY B O   
388 N N   . LEU B 13 ? 0.0669 0.0502 0.0438 0.0222  0.0056  0.0087  791 LEU B N   
389 C CA  . LEU B 13 ? 0.0799 0.0663 0.0568 0.0237  0.0049  0.0075  791 LEU B CA  
390 C C   . LEU B 13 ? 0.0857 0.0710 0.0640 0.0210  0.0044  0.0068  791 LEU B C   
391 O O   . LEU B 13 ? 0.0788 0.0663 0.0598 0.0211  0.0038  0.0067  791 LEU B O   
392 C CB  . LEU B 13 ? 0.0789 0.0675 0.0561 0.0277  0.0030  0.0032  791 LEU B CB  
393 C CG  . LEU B 13 ? 0.1105 0.0990 0.0801 0.0352  0.0033  0.0039  791 LEU B CG  
394 C CD1 . LEU B 13 ? 0.1515 0.1419 0.1228 0.0400  -0.0018 -0.0032 791 LEU B CD1 
395 C CD2 . LEU B 13 ? 0.1376 0.1263 0.1004 0.0423  0.0045  0.0062  791 LEU B CD2 
396 N N   . GLN B 14 ? 0.0860 0.0675 0.0612 0.0207  0.0055  0.0072  792 GLN B N   
397 C CA  . GLN B 14 ? 0.0847 0.0627 0.0566 0.0222  0.0076  0.0088  792 GLN B CA  
398 C C   . GLN B 14 ? 0.0934 0.0704 0.0616 0.0227  0.0029  0.0082  792 GLN B C   
399 O O   . GLN B 14 ? 0.0966 0.0734 0.0641 0.0237  0.0035  0.0094  792 GLN B O   
400 C CB  . GLN B 14 ? 0.1117 0.0834 0.0758 0.0264  0.0117  0.0107  792 GLN B CB  
401 C CG  . GLN B 14 ? 0.1243 0.0968 0.0996 0.0258  0.0181  0.0118  792 GLN B CG  
402 C CD  . GLN B 14 ? 0.2190 0.1841 0.1870 0.0311  0.0251  0.0156  792 GLN B CD  
403 O OE1 . GLN B 14 ? 0.2727 0.2332 0.2246 0.0351  0.0220  0.0147  792 GLN B OE1 
404 N NE2 . GLN B 14 ? 0.2892 0.2526 0.2724 0.0323  0.0349  0.0192  792 GLN B NE2 
405 N N   . SER B 15 ? 0.0959 0.0725 0.0661 0.0223  -0.0018 0.0058  793 SER B N   
406 C CA  . SER B 15 ? 0.0994 0.0756 0.0755 0.0227  -0.0076 0.0032  793 SER B CA  
407 C C   . SER B 15 ? 0.0968 0.0777 0.0815 0.0194  -0.0049 0.0061  793 SER B C   
408 O O   . SER B 15 ? 0.1159 0.0968 0.1023 0.0198  -0.0074 0.0054  793 SER B O   
409 C CB  . SER B 15 ? 0.1027 0.0783 0.0913 0.0224  -0.0123 -0.0006 793 SER B CB  
410 O OG  . SER B 15 ? 0.1490 0.1196 0.1281 0.0273  -0.0173 -0.0056 793 SER B OG  
411 N N   . GLU B 16 ? 0.0748 0.0586 0.0626 0.0184  0.0000  0.0091  794 GLU B N   
412 C CA  . GLU B 16 ? 0.0717 0.0586 0.0630 0.0191  0.0031  0.0121  794 GLU B CA  
413 C C   . GLU B 16 ? 0.0677 0.0564 0.0544 0.0190  0.0021  0.0107  794 GLU B C   
414 O O   . GLU B 16 ? 0.0735 0.0636 0.0634 0.0187  0.0020  0.0117  794 GLU B O   
415 C CB  . GLU B 16 ? 0.0845 0.0721 0.0721 0.0235  0.0078  0.0148  794 GLU B CB  
416 C CG  . GLU B 16 ? 0.1012 0.0900 0.0864 0.0290  0.0116  0.0181  794 GLU B CG  
417 C CD  . GLU B 16 ? 0.1231 0.1107 0.0975 0.0389  0.0159  0.0205  794 GLU B CD  
418 O OE1 . GLU B 16 ? 0.1419 0.1303 0.1098 0.0408  0.0120  0.0160  794 GLU B OE1 
419 O OE2 . GLU B 16 ? 0.1575 0.1425 0.1294 0.0467  0.0236  0.0272  794 GLU B OE2 
420 N N   . ASN B 17 ? 0.0651 0.0536 0.0486 0.0191  0.0024  0.0090  795 ASN B N   
421 C CA  . ASN B 17 ? 0.0724 0.0622 0.0598 0.0191  0.0032  0.0081  795 ASN B CA  
422 C C   . ASN B 17 ? 0.0812 0.0685 0.0661 0.0188  0.0032  0.0101  795 ASN B C   
423 O O   . ASN B 17 ? 0.0810 0.0702 0.0701 0.0184  0.0035  0.0104  795 ASN B O   
424 C CB  . ASN B 17 ? 0.0778 0.0664 0.0705 0.0197  0.0063  0.0072  795 ASN B CB  
425 C CG  . ASN B 17 ? 0.0926 0.0828 0.1002 0.0199  0.0088  0.0059  795 ASN B CG  
426 O OD1 . ASN B 17 ? 0.1053 0.0918 0.1150 0.0206  0.0147  0.0104  795 ASN B OD1 
427 N ND2 . ASN B 17 ? 0.0834 0.0786 0.1026 0.0213  0.0040  -0.0007 795 ASN B ND2 
428 N N   . HIS B 18 ? 0.0815 0.0638 0.0583 0.0209  0.0017  0.0105  796 HIS B N   
429 C CA  . HIS B 18 ? 0.0880 0.0667 0.0584 0.0245  -0.0007 0.0108  796 HIS B CA  
430 C C   . HIS B 18 ? 0.0870 0.0689 0.0654 0.0219  -0.0057 0.0089  796 HIS B C   
431 O O   . HIS B 18 ? 0.1060 0.0879 0.0842 0.0228  -0.0061 0.0097  796 HIS B O   
432 C CB  . HIS B 18 ? 0.1114 0.0835 0.0688 0.0314  -0.0047 0.0085  796 HIS B CB  
433 C CG  . HIS B 18 ? 0.1256 0.0926 0.0719 0.0396  -0.0098 0.0067  796 HIS B CG  
434 N ND1 . HIS B 18 ? 0.1479 0.1115 0.0864 0.0444  -0.0032 0.0121  796 HIS B ND1 
435 C CD2 . HIS B 18 ? 0.1375 0.1017 0.0810 0.0454  -0.0216 -0.0009 796 HIS B CD2 
436 C CE1 . HIS B 18 ? 0.1510 0.1095 0.0766 0.0540  -0.0105 0.0088  796 HIS B CE1 
437 N NE2 . HIS B 18 ? 0.1924 0.1514 0.1216 0.0550  -0.0233 -0.0005 796 HIS B NE2 
438 N N   . HIS B 19 ? 0.0853 0.0694 0.0734 0.0192  -0.0075 0.0076  797 HIS B N   
439 C CA  . HIS B 19 ? 0.0683 0.0547 0.0702 0.0172  -0.0086 0.0079  797 HIS B CA  
440 C C   . HIS B 19 ? 0.0775 0.0673 0.0787 0.0162  -0.0041 0.0112  797 HIS B C   
441 O O   . HIS B 19 ? 0.0773 0.0678 0.0836 0.0158  -0.0056 0.0112  797 HIS B O   
442 C CB  . HIS B 19 ? 0.1114 0.0983 0.1267 0.0161  -0.0054 0.0096  797 HIS B CB  
443 C CG  . HIS B 19 ? 0.1187 0.1071 0.1512 0.0156  -0.0006 0.0135  797 HIS B CG  
444 N ND1 . HIS B 19 ? 0.1482 0.1364 0.1987 0.0147  -0.0054 0.0105  797 HIS B ND1 
445 C CD2 . HIS B 19 ? 0.1376 0.1264 0.1720 0.0182  0.0093  0.0207  797 HIS B CD2 
446 C CE1 . HIS B 19 ? 0.1607 0.1495 0.2275 0.0149  0.0033  0.0167  797 HIS B CE1 
447 N NE2 . HIS B 19 ? 0.1716 0.1601 0.2261 0.0181  0.0132  0.0238  797 HIS B NE2 
448 N N   . LEU B 20 ? 0.0656 0.0574 0.0617 0.0170  -0.0003 0.0124  798 LEU B N   
449 C CA  . LEU B 20 ? 0.0585 0.0535 0.0545 0.0184  0.0014  0.0126  798 LEU B CA  
450 C C   . LEU B 20 ? 0.0642 0.0595 0.0615 0.0171  0.0003  0.0115  798 LEU B C   
451 O O   . LEU B 20 ? 0.0700 0.0674 0.0708 0.0172  0.0002  0.0117  798 LEU B O   
452 C CB  . LEU B 20 ? 0.0614 0.0581 0.0532 0.0226  0.0018  0.0103  798 LEU B CB  
453 C CG  . LEU B 20 ? 0.0596 0.0548 0.0470 0.0271  0.0053  0.0133  798 LEU B CG  
454 C CD1 . LEU B 20 ? 0.0805 0.0768 0.0604 0.0337  0.0031  0.0091  798 LEU B CD1 
455 C CD2 . LEU B 20 ? 0.0803 0.0744 0.0683 0.0317  0.0108  0.0188  798 LEU B CD2 
456 N N   . ARG B 21 ? 0.0707 0.0632 0.0654 0.0172  0.0012  0.0116  799 ARG B N   
457 C CA  . ARG B 21 ? 0.0723 0.0632 0.0692 0.0181  0.0041  0.0133  799 ARG B CA  
458 C C   . ARG B 21 ? 0.0751 0.0636 0.0665 0.0195  0.0016  0.0147  799 ARG B C   
459 O O   . ARG B 21 ? 0.0928 0.0815 0.0873 0.0201  0.0034  0.0163  799 ARG B O   
460 C CB  . ARG B 21 ? 0.0951 0.0815 0.0909 0.0208  0.0100  0.0159  799 ARG B CB  
461 C CG  . ARG B 21 ? 0.0724 0.0622 0.0831 0.0193  0.0120  0.0129  799 ARG B CG  
462 C CD  . ARG B 21 ? 0.1091 0.0937 0.1242 0.0221  0.0203  0.0168  799 ARG B CD  
463 N NE  . ARG B 21 ? 0.1000 0.0886 0.1385 0.0206  0.0210  0.0121  799 ARG B NE  
464 C CZ  . ARG B 21 ? 0.1659 0.1577 0.2304 0.0200  0.0222  0.0088  799 ARG B CZ  
465 N NH1 . ARG B 21 ? 0.1832 0.1745 0.2509 0.0201  0.0249  0.0117  799 ARG B NH1 
466 N NH2 . ARG B 21 ? 0.1870 0.1825 0.2773 0.0200  0.0196  0.0012  799 ARG B NH2 
467 N N   . MET B 22 ? 0.0827 0.0688 0.0688 0.0210  -0.0039 0.0128  800 MET B N   
468 C CA  . MET B 22 ? 0.0812 0.0653 0.0662 0.0237  -0.0099 0.0107  800 MET B CA  
469 C C   . MET B 22 ? 0.0819 0.0710 0.0801 0.0191  -0.0102 0.0110  800 MET B C   
470 O O   . MET B 22 ? 0.0940 0.0829 0.0934 0.0203  -0.0123 0.0109  800 MET B O   
471 C CB  . MET B 22 ? 0.1179 0.0987 0.1019 0.0273  -0.0185 0.0052  800 MET B CB  
472 C CG  . MET B 22 ? 0.1309 0.1047 0.0959 0.0359  -0.0192 0.0045  800 MET B CG  
473 S SD  . MET B 22 ? 0.2098 0.1754 0.1524 0.0494  -0.0184 0.0070  800 MET B SD  
474 C CE  . MET B 22 ? 0.2476 0.2103 0.1895 0.0582  -0.0372 -0.0053 800 MET B CE  
475 N N   . LYS B 23 ? 0.0654 0.0580 0.0716 0.0158  -0.0071 0.0122  801 LYS B N   
476 C CA  . LYS B 23 ? 0.0803 0.0759 0.0956 0.0145  -0.0043 0.0143  801 LYS B CA  
477 C C   . LYS B 23 ? 0.0779 0.0759 0.0898 0.0147  -0.0024 0.0149  801 LYS B C   
478 O O   . LYS B 23 ? 0.0714 0.0707 0.0884 0.0143  -0.0023 0.0156  801 LYS B O   
479 C CB  . LYS B 23 ? 0.1090 0.1056 0.1270 0.0160  0.0014  0.0173  801 LYS B CB  
480 C CG  . LYS B 23 ? 0.2013 0.1957 0.2327 0.0154  0.0023  0.0183  801 LYS B CG  
481 C CD  . LYS B 23 ? 0.2735 0.2669 0.3052 0.0195  0.0114  0.0241  801 LYS B CD  
482 C CE  . LYS B 23 ? 0.3266 0.3198 0.3599 0.0247  0.0199  0.0302  801 LYS B CE  
483 N NZ  . LYS B 23 ? 0.3830 0.3723 0.4223 0.0316  0.0325  0.0390  801 LYS B NZ  
484 N N   . ILE B 24 ? 0.0659 0.0644 0.0737 0.0154  -0.0010 0.0136  802 ILE B N   
485 C CA  . ILE B 24 ? 0.0575 0.0585 0.0704 0.0157  0.0001  0.0124  802 ILE B CA  
486 C C   . ILE B 24 ? 0.0681 0.0666 0.0816 0.0154  0.0010  0.0149  802 ILE B C   
487 O O   . ILE B 24 ? 0.0762 0.0768 0.0955 0.0150  0.0012  0.0149  802 ILE B O   
488 C CB  . ILE B 24 ? 0.0628 0.0646 0.0816 0.0167  0.0013  0.0091  802 ILE B CB  
489 C CG1 . ILE B 24 ? 0.0658 0.0703 0.0818 0.0203  -0.0018 0.0048  802 ILE B CG1 
490 C CG2 . ILE B 24 ? 0.1044 0.1081 0.1384 0.0167  0.0028  0.0073  802 ILE B CG2 
491 C CD1 . ILE B 24 ? 0.0876 0.0934 0.1123 0.0223  -0.0037 -0.0011 802 ILE B CD1 
492 N N   . THR B 25 ? 0.0748 0.0682 0.0798 0.0178  0.0011  0.0169  803 THR B N   
493 C CA  . THR B 25 ? 0.0831 0.0723 0.0824 0.0221  0.0018  0.0197  803 THR B CA  
494 C C   . THR B 25 ? 0.1008 0.0919 0.1032 0.0208  -0.0042 0.0177  803 THR B C   
495 O O   . THR B 25 ? 0.0882 0.0793 0.0924 0.0219  -0.0030 0.0195  803 THR B O   
496 C CB  . THR B 25 ? 0.1147 0.0962 0.0974 0.0300  0.0013  0.0211  803 THR B CB  
497 O OG1 . THR B 25 ? 0.1301 0.1093 0.1131 0.0313  0.0095  0.0245  803 THR B OG1 
498 C CG2 . THR B 25 ? 0.1457 0.1208 0.1163 0.0394  0.0022  0.0243  803 THR B CG2 
499 N N   . GLU B 26 ? 0.0818 0.0744 0.0890 0.0186  -0.0093 0.0146  804 GLU B N   
500 C CA  . GLU B 26 ? 0.0974 0.0919 0.1159 0.0172  -0.0135 0.0129  804 GLU B CA  
501 C C   . GLU B 26 ? 0.0806 0.0795 0.1061 0.0140  -0.0083 0.0157  804 GLU B C   
502 O O   . GLU B 26 ? 0.0799 0.0796 0.1106 0.0138  -0.0095 0.0158  804 GLU B O   
503 C CB  . GLU B 26 ? 0.1242 0.1192 0.1557 0.0156  -0.0164 0.0105  804 GLU B CB  
504 C CG  . GLU B 26 ? 0.2181 0.2090 0.2467 0.0200  -0.0251 0.0047  804 GLU B CG  
505 C CD  . GLU B 26 ? 0.2739 0.2656 0.3249 0.0178  -0.0276 0.0015  804 GLU B CD  
506 O OE1 . GLU B 26 ? 0.3001 0.2939 0.3583 0.0142  -0.0183 0.0070  804 GLU B OE1 
507 O OE2 . GLU B 26 ? 0.3036 0.2930 0.3666 0.0216  -0.0389 -0.0070 804 GLU B OE2 
508 N N   . LEU B 27 ? 0.0644 0.0658 0.0887 0.0134  -0.0037 0.0165  805 LEU B N   
509 C CA  . LEU B 27 ? 0.0642 0.0687 0.0913 0.0143  -0.0006 0.0170  805 LEU B CA  
510 C C   . LEU B 27 ? 0.0754 0.0813 0.1046 0.0138  -0.0009 0.0158  805 LEU B C   
511 O O   . LEU B 27 ? 0.0938 0.1016 0.1273 0.0142  -0.0006 0.0158  805 LEU B O   
512 C CB  . LEU B 27 ? 0.0760 0.0817 0.0976 0.0182  0.0014  0.0157  805 LEU B CB  
513 C CG  . LEU B 27 ? 0.1192 0.1230 0.1409 0.0206  0.0057  0.0198  805 LEU B CG  
514 C CD1 . LEU B 27 ? 0.1238 0.1272 0.1347 0.0273  0.0075  0.0188  805 LEU B CD1 
515 C CD2 . LEU B 27 ? 0.1533 0.1566 0.1818 0.0233  0.0110  0.0245  805 LEU B CD2 
516 N N   . ASP B 28 ? 0.0962 0.1004 0.1247 0.0139  0.0001  0.0157  806 ASP B N   
517 C CA  . ASP B 28 ? 0.0987 0.1031 0.1354 0.0140  0.0030  0.0164  806 ASP B CA  
518 C C   . ASP B 28 ? 0.1011 0.1033 0.1348 0.0147  0.0024  0.0197  806 ASP B C   
519 O O   . ASP B 28 ? 0.0970 0.1008 0.1385 0.0143  0.0039  0.0201  806 ASP B O   
520 C CB  . ASP B 28 ? 0.1210 0.1221 0.1616 0.0157  0.0085  0.0186  806 ASP B CB  
521 C CG  . ASP B 28 ? 0.1504 0.1547 0.2041 0.0151  0.0080  0.0130  806 ASP B CG  
522 O OD1 . ASP B 28 ? 0.1931 0.2023 0.2516 0.0157  0.0026  0.0065  806 ASP B OD1 
523 O OD2 . ASP B 28 ? 0.1565 0.1584 0.2157 0.0160  0.0127  0.0146  806 ASP B OD2 
524 N N   . LYS B 29 ? 0.0973 0.0961 0.1214 0.0165  -0.0015 0.0202  807 LYS B N   
525 C CA  . LYS B 29 ? 0.1021 0.0986 0.1238 0.0192  -0.0055 0.0206  807 LYS B CA  
526 C C   . LYS B 29 ? 0.1075 0.1088 0.1411 0.0150  -0.0074 0.0193  807 LYS B C   
527 O O   . LYS B 29 ? 0.1081 0.1099 0.1452 0.0153  -0.0076 0.0202  807 LYS B O   
528 C CB  . LYS B 29 ? 0.1197 0.1115 0.1319 0.0245  -0.0130 0.0176  807 LYS B CB  
529 C CG  . LYS B 29 ? 0.1385 0.1279 0.1499 0.0297  -0.0216 0.0143  807 LYS B CG  
530 C CD  . LYS B 29 ? 0.1583 0.1520 0.1906 0.0245  -0.0278 0.0095  807 LYS B CD  
531 C CE  . LYS B 29 ? 0.1990 0.1920 0.2384 0.0244  -0.0331 0.0046  807 LYS B CE  
532 N NZ  . LYS B 29 ? 0.2067 0.2030 0.2754 0.0197  -0.0353 0.0019  807 LYS B NZ  
533 N N   . ASP B 30 ? 0.0955 0.0994 0.1348 0.0125  -0.0067 0.0184  808 ASP B N   
534 C CA  . ASP B 30 ? 0.1000 0.1064 0.1497 0.0113  -0.0046 0.0197  808 ASP B CA  
535 C C   . ASP B 30 ? 0.1125 0.1216 0.1611 0.0119  -0.0013 0.0198  808 ASP B C   
536 O O   . ASP B 30 ? 0.1206 0.1310 0.1755 0.0118  -0.0005 0.0209  808 ASP B O   
537 C CB  . ASP B 30 ? 0.1210 0.1273 0.1745 0.0122  -0.0003 0.0216  808 ASP B CB  
538 C CG  . ASP B 30 ? 0.1391 0.1431 0.2045 0.0111  -0.0035 0.0205  808 ASP B CG  
539 O OD1 . ASP B 30 ? 0.1816 0.1846 0.2546 0.0109  -0.0112 0.0166  808 ASP B OD1 
540 O OD2 . ASP B 30 ? 0.1842 0.1873 0.2530 0.0119  0.0008  0.0226  808 ASP B OD2 
541 N N   . LEU B 31 ? 0.1100 0.1204 0.1543 0.0132  -0.0004 0.0174  809 LEU B N   
542 C CA  . LEU B 31 ? 0.1122 0.1256 0.1610 0.0152  -0.0003 0.0140  809 LEU B CA  
543 C C   . LEU B 31 ? 0.1422 0.1556 0.1988 0.0129  0.0001  0.0155  809 LEU B C   
544 O O   . LEU B 31 ? 0.1506 0.1662 0.2124 0.0136  0.0000  0.0143  809 LEU B O   
545 C CB  . LEU B 31 ? 0.0976 0.1123 0.1492 0.0171  -0.0018 0.0087  809 LEU B CB  
546 C CG  . LEU B 31 ? 0.1188 0.1339 0.1610 0.0231  -0.0036 0.0050  809 LEU B CG  
547 C CD1 . LEU B 31 ? 0.1111 0.1270 0.1590 0.0242  -0.0067 -0.0011 809 LEU B CD1 
548 C CD2 . LEU B 31 ? 0.1419 0.1582 0.1796 0.0315  -0.0055 0.0010  809 LEU B CD2 
549 N N   . GLU B 32 ? 0.1329 0.1428 0.1879 0.0121  0.0016  0.0186  810 GLU B N   
550 C CA  . GLU B 32 ? 0.1740 0.1820 0.2331 0.0129  0.0041  0.0219  810 GLU B CA  
551 C C   . GLU B 32 ? 0.1750 0.1832 0.2322 0.0125  0.0006  0.0229  810 GLU B C   
552 O O   . GLU B 32 ? 0.1599 0.1696 0.2242 0.0121  0.0017  0.0235  810 GLU B O   
553 C CB  . GLU B 32 ? 0.1898 0.1914 0.2412 0.0171  0.0084  0.0270  810 GLU B CB  
554 C CG  . GLU B 32 ? 0.3212 0.3196 0.3774 0.0209  0.0150  0.0326  810 GLU B CG  
555 C CD  . GLU B 32 ? 0.3772 0.3664 0.4206 0.0300  0.0226  0.0404  810 GLU B CD  
556 O OE1 . GLU B 32 ? 0.4087 0.3931 0.4306 0.0363  0.0170  0.0402  810 GLU B OE1 
557 O OE2 . GLU B 32 ? 0.4507 0.4370 0.5075 0.0325  0.0347  0.0463  810 GLU B OE2 
558 N N   . GLU B 33 ? 0.1723 0.1790 0.2244 0.0129  -0.0042 0.0223  811 GLU B N   
559 C CA  . GLU B 33 ? 0.1779 0.1845 0.2355 0.0130  -0.0087 0.0217  811 GLU B CA  
560 C C   . GLU B 33 ? 0.1682 0.1789 0.2369 0.0102  -0.0057 0.0221  811 GLU B C   
561 O O   . GLU B 33 ? 0.1640 0.1753 0.2392 0.0099  -0.0067 0.0227  811 GLU B O   
562 C CB  . GLU B 33 ? 0.2112 0.2155 0.2705 0.0145  -0.0157 0.0184  811 GLU B CB  
563 C CG  . GLU B 33 ? 0.2731 0.2718 0.3164 0.0214  -0.0204 0.0169  811 GLU B CG  
564 C CD  . GLU B 33 ? 0.3029 0.2989 0.3498 0.0261  -0.0324 0.0097  811 GLU B CD  
565 O OE1 . GLU B 33 ? 0.2865 0.2853 0.3544 0.0215  -0.0349 0.0066  811 GLU B OE1 
566 O OE2 . GLU B 33 ? 0.3571 0.3469 0.3869 0.0365  -0.0391 0.0069  811 GLU B OE2 
567 N N   . VAL B 34 ? 0.1298 0.1421 0.1980 0.0103  -0.0016 0.0223  812 VAL B N   
568 C CA  . VAL B 34 ? 0.1360 0.1500 0.2083 0.0122  0.0030  0.0238  812 VAL B CA  
569 C C   . VAL B 34 ? 0.1421 0.1587 0.2134 0.0134  0.0027  0.0211  812 VAL B C   
570 O O   . VAL B 34 ? 0.1527 0.1703 0.2285 0.0147  0.0044  0.0218  812 VAL B O   
571 C CB  . VAL B 34 ? 0.1615 0.1746 0.2282 0.0171  0.0084  0.0256  812 VAL B CB  
572 C CG1 . VAL B 34 ? 0.1565 0.1688 0.2224 0.0237  0.0152  0.0289  812 VAL B CG1 
573 C CG2 . VAL B 34 ? 0.1452 0.1559 0.2205 0.0152  0.0098  0.0285  812 VAL B CG2 
574 N N   . THR B 35 ? 0.1259 0.1433 0.1959 0.0132  0.0010  0.0176  813 THR B N   
575 C CA  . THR B 35 ? 0.1368 0.1566 0.2154 0.0141  0.0002  0.0136  813 THR B CA  
576 C C   . THR B 35 ? 0.1407 0.1599 0.2259 0.0112  0.0014  0.0174  813 THR B C   
577 O O   . THR B 35 ? 0.1549 0.1762 0.2476 0.0120  0.0014  0.0155  813 THR B O   
578 C CB  . THR B 35 ? 0.1159 0.1363 0.2024 0.0140  -0.0001 0.0097  813 THR B CB  
579 O OG1 . THR B 35 ? 0.1585 0.1800 0.2397 0.0183  -0.0034 0.0039  813 THR B OG1 
580 C CG2 . THR B 35 ? 0.1722 0.1948 0.2786 0.0143  -0.0002 0.0054  813 THR B CG2 
581 N N   . MET B 36 ? 0.1568 0.1725 0.2374 0.0101  0.0015  0.0218  814 MET B N   
582 C CA  . MET B 36 ? 0.1674 0.1811 0.2499 0.0106  0.0016  0.0252  814 MET B CA  
583 C C   . MET B 36 ? 0.1827 0.1982 0.2695 0.0094  -0.0010 0.0249  814 MET B C   
584 O O   . MET B 36 ? 0.1782 0.1947 0.2712 0.0092  -0.0005 0.0258  814 MET B O   
585 C CB  . MET B 36 ? 0.2077 0.2155 0.2784 0.0148  0.0001  0.0283  814 MET B CB  
586 C CG  . MET B 36 ? 0.2455 0.2497 0.3126 0.0181  0.0066  0.0318  814 MET B CG  
587 S SD  . MET B 36 ? 0.3632 0.3575 0.4080 0.0294  0.0065  0.0367  814 MET B SD  
588 C CE  . MET B 36 ? 0.3693 0.3588 0.4164 0.0363  0.0165  0.0452  814 MET B CE  
589 N N   . GLN B 37 ? 0.1664 0.1823 0.2536 0.0088  -0.0022 0.0244  815 GLN B N   
590 C CA  . GLN B 37 ? 0.1786 0.1952 0.2765 0.0083  -0.0015 0.0257  815 GLN B CA  
591 C C   . GLN B 37 ? 0.2025 0.2215 0.3017 0.0100  0.0036  0.0261  815 GLN B C   
592 O O   . GLN B 37 ? 0.2032 0.2228 0.3108 0.0097  0.0048  0.0277  815 GLN B O   
593 C CB  . GLN B 37 ? 0.1889 0.2042 0.2929 0.0084  0.0000  0.0267  815 GLN B CB  
594 C CG  . GLN B 37 ? 0.1872 0.2023 0.3118 0.0081  0.0032  0.0293  815 GLN B CG  
595 C CD  . GLN B 37 ? 0.2186 0.2317 0.3578 0.0087  0.0074  0.0316  815 GLN B CD  
596 O OE1 . GLN B 37 ? 0.2096 0.2217 0.3397 0.0092  0.0072  0.0310  815 GLN B OE1 
597 N NE2 . GLN B 37 ? 0.1834 0.1954 0.3491 0.0087  0.0127  0.0350  815 GLN B NE2 
598 N N   . LEU B 38 ? 0.2147 0.2347 0.3053 0.0134  0.0053  0.0235  816 LEU B N   
599 C CA  . LEU B 38 ? 0.2608 0.2821 0.3482 0.0196  0.0075  0.0210  816 LEU B CA  
600 C C   . LEU B 38 ? 0.2926 0.3166 0.3879 0.0182  0.0042  0.0167  816 LEU B C   
601 O O   . LEU B 38 ? 0.3065 0.3314 0.4034 0.0220  0.0051  0.0154  816 LEU B O   
602 C CB  . LEU B 38 ? 0.2590 0.2798 0.3340 0.0269  0.0068  0.0166  816 LEU B CB  
603 C CG  . LEU B 38 ? 0.2801 0.3002 0.3439 0.0396  0.0071  0.0121  816 LEU B CG  
604 C CD1 . LEU B 38 ? 0.2761 0.2920 0.3345 0.0462  0.0173  0.0212  816 LEU B CD1 
605 C CD2 . LEU B 38 ? 0.2794 0.2986 0.3300 0.0482  0.0032  0.0060  816 LEU B CD2 
606 N N   . GLN B 39 ? 0.3306 0.3550 0.4321 0.0140  0.0020  0.0155  817 GLN B N   
607 C CA  . GLN B 39 ? 0.3781 0.4046 0.4936 0.0129  0.0015  0.0127  817 GLN B CA  
608 C C   . GLN B 39 ? 0.4010 0.4260 0.5205 0.0096  0.0037  0.0189  817 GLN B C   
609 O O   . GLN B 39 ? 0.4258 0.4482 0.5382 0.0084  0.0031  0.0235  817 GLN B O   
610 C CB  . GLN B 39 ? 0.3764 0.4027 0.5025 0.0121  0.0020  0.0101  817 GLN B CB  
611 C CG  . GLN B 39 ? 0.3884 0.4168 0.5154 0.0167  -0.0029 0.0006  817 GLN B CG  
612 C CD  . GLN B 39 ? 0.3992 0.4277 0.5442 0.0154  -0.0019 -0.0024 817 GLN B CD  
613 O OE1 . GLN B 39 ? 0.4118 0.4378 0.5690 0.0121  0.0053  0.0045  817 GLN B OE1 
614 N NE2 . GLN B 39 ? 0.4068 0.4372 0.5541 0.0199  -0.0081 -0.0119 817 GLN B NE2 
# 
